data_3JZQ
# 
_entry.id   3JZQ 
# 
_audit_conform.dict_name       mmcif_pdbx.dic 
_audit_conform.dict_version    5.378 
_audit_conform.dict_location   http://mmcif.pdb.org/dictionaries/ascii/mmcif_pdbx.dic 
# 
loop_
_database_2.database_id 
_database_2.database_code 
_database_2.pdbx_database_accession 
_database_2.pdbx_DOI 
PDB   3JZQ         pdb_00003jzq 10.2210/pdb3jzq/pdb 
RCSB  RCSB055363   ?            ?                   
WWPDB D_1000055363 ?            ?                   
# 
loop_
_pdbx_database_related.db_name 
_pdbx_database_related.db_id 
_pdbx_database_related.details 
_pdbx_database_related.content_type 
PDB 3JZO 'MDMX liganded with pDI'   unspecified 
PDB 3JZP 'MDMX liganded with pDI6W' unspecified 
PDB 3JZR .                          unspecified 
PDB 3JZS .                          unspecified 
# 
_pdbx_database_status.status_code                     REL 
_pdbx_database_status.entry_id                        3JZQ 
_pdbx_database_status.recvd_initial_deposition_date   2009-09-24 
_pdbx_database_status.deposit_site                    RCSB 
_pdbx_database_status.process_site                    RCSB 
_pdbx_database_status.status_code_sf                  REL 
_pdbx_database_status.status_code_mr                  ? 
_pdbx_database_status.SG_entry                        ? 
_pdbx_database_status.pdb_format_compatible           Y 
_pdbx_database_status.status_code_cs                  ? 
_pdbx_database_status.status_code_nmr_data            ? 
_pdbx_database_status.methods_development_category    ? 
# 
loop_
_audit_author.name 
_audit_author.pdbx_ordinal 
'Schonbrunn, E.' 1 
'Phan, J.'       2 
# 
_citation.id                        primary 
_citation.title                     
'Structure-based design of high affinity peptides inhibiting the interaction of p53 with MDM2 and MDMX.' 
_citation.journal_abbrev            J.Biol.Chem. 
_citation.journal_volume            285 
_citation.page_first                2174 
_citation.page_last                 2183 
_citation.year                      2010 
_citation.journal_id_ASTM           JBCHA3 
_citation.country                   US 
_citation.journal_id_ISSN           0021-9258 
_citation.journal_id_CSD            0071 
_citation.book_publisher            ? 
_citation.pdbx_database_id_PubMed   19910468 
_citation.pdbx_database_id_DOI      10.1074/jbc.M109.073056 
# 
loop_
_citation_author.citation_id 
_citation_author.name 
_citation_author.ordinal 
_citation_author.identifier_ORCID 
primary 'Phan, J.'       1 ? 
primary 'Li, Z.'         2 ? 
primary 'Kasprzak, A.'   3 ? 
primary 'Li, B.'         4 ? 
primary 'Sebti, S.'      5 ? 
primary 'Guida, W.'      6 ? 
primary 'Schonbrunn, E.' 7 ? 
primary 'Chen, J.'       8 ? 
# 
_cell.entry_id           3JZQ 
_cell.length_a           44.925 
_cell.length_b           53.735 
_cell.length_c           87.294 
_cell.angle_alpha        90.00 
_cell.angle_beta         90.00 
_cell.angle_gamma        90.00 
_cell.Z_PDB              8 
_cell.pdbx_unique_axis   ? 
_cell.length_a_esd       ? 
_cell.length_b_esd       ? 
_cell.length_c_esd       ? 
_cell.angle_alpha_esd    ? 
_cell.angle_beta_esd     ? 
_cell.angle_gamma_esd    ? 
# 
_symmetry.entry_id                         3JZQ 
_symmetry.space_group_name_H-M             'P 21 21 21' 
_symmetry.pdbx_full_space_group_name_H-M   ? 
_symmetry.cell_setting                     ? 
_symmetry.Int_Tables_number                19 
_symmetry.space_group_name_Hall            ? 
# 
loop_
_entity.id 
_entity.type 
_entity.src_method 
_entity.pdbx_description 
_entity.formula_weight 
_entity.pdbx_number_of_molecules 
_entity.pdbx_ec 
_entity.pdbx_mutation 
_entity.pdbx_fragment 
_entity.details 
1 polymer     man 'Protein Mdm4'         10160.899 2   ? ? ? ? 
2 polymer     syn 'pDIQ peptide (12mer)' 1563.687  2   ? ? ? ? 
3 non-polymer syn 'SULFATE ION'          96.063    1   ? ? ? ? 
4 water       nat water                  18.015    139 ? ? ? ? 
# 
_entity_name_com.entity_id   1 
_entity_name_com.name        'p53-binding protein Mdm4, Mdm2-like p53-binding protein, Protein Mdmx, Double minute 4 protein' 
# 
loop_
_entity_poly.entity_id 
_entity_poly.type 
_entity_poly.nstd_linkage 
_entity_poly.nstd_monomer 
_entity_poly.pdbx_seq_one_letter_code 
_entity_poly.pdbx_seq_one_letter_code_can 
_entity_poly.pdbx_strand_id 
_entity_poly.pdbx_target_identifier 
1 'polypeptide(L)' no no 
;QINQVRPKLPLLKILHAAGAQGEMFTVKEVMHYLGQYIMVKQLYDQQEQHMVYCGGDLLGELLGRQSFSVKDPSPLYDML
RKNLVTLAT
;
;QINQVRPKLPLLKILHAAGAQGEMFTVKEVMHYLGQYIMVKQLYDQQEQHMVYCGGDLLGELLGRQSFSVKDPSPLYDML
RKNLVTLAT
;
A,B ? 
2 'polypeptide(L)' no no ETFEHWWSQLLS                                                                                 ETFEHWWSQLLS 
P,Q ? 
# 
loop_
_entity_poly_seq.entity_id 
_entity_poly_seq.num 
_entity_poly_seq.mon_id 
_entity_poly_seq.hetero 
1 1  GLN n 
1 2  ILE n 
1 3  ASN n 
1 4  GLN n 
1 5  VAL n 
1 6  ARG n 
1 7  PRO n 
1 8  LYS n 
1 9  LEU n 
1 10 PRO n 
1 11 LEU n 
1 12 LEU n 
1 13 LYS n 
1 14 ILE n 
1 15 LEU n 
1 16 HIS n 
1 17 ALA n 
1 18 ALA n 
1 19 GLY n 
1 20 ALA n 
1 21 GLN n 
1 22 GLY n 
1 23 GLU n 
1 24 MET n 
1 25 PHE n 
1 26 THR n 
1 27 VAL n 
1 28 LYS n 
1 29 GLU n 
1 30 VAL n 
1 31 MET n 
1 32 HIS n 
1 33 TYR n 
1 34 LEU n 
1 35 GLY n 
1 36 GLN n 
1 37 TYR n 
1 38 ILE n 
1 39 MET n 
1 40 VAL n 
1 41 LYS n 
1 42 GLN n 
1 43 LEU n 
1 44 TYR n 
1 45 ASP n 
1 46 GLN n 
1 47 GLN n 
1 48 GLU n 
1 49 GLN n 
1 50 HIS n 
1 51 MET n 
1 52 VAL n 
1 53 TYR n 
1 54 CYS n 
1 55 GLY n 
1 56 GLY n 
1 57 ASP n 
1 58 LEU n 
1 59 LEU n 
1 60 GLY n 
1 61 GLU n 
1 62 LEU n 
1 63 LEU n 
1 64 GLY n 
1 65 ARG n 
1 66 GLN n 
1 67 SER n 
1 68 PHE n 
1 69 SER n 
1 70 VAL n 
1 71 LYS n 
1 72 ASP n 
1 73 PRO n 
1 74 SER n 
1 75 PRO n 
1 76 LEU n 
1 77 TYR n 
1 78 ASP n 
1 79 MET n 
1 80 LEU n 
1 81 ARG n 
1 82 LYS n 
1 83 ASN n 
1 84 LEU n 
1 85 VAL n 
1 86 THR n 
1 87 LEU n 
1 88 ALA n 
1 89 THR n 
2 1  GLU n 
2 2  THR n 
2 3  PHE n 
2 4  GLU n 
2 5  HIS n 
2 6  TRP n 
2 7  TRP n 
2 8  SER n 
2 9  GLN n 
2 10 LEU n 
2 11 LEU n 
2 12 SER n 
# 
_entity_src_gen.entity_id                          1 
_entity_src_gen.pdbx_src_id                        1 
_entity_src_gen.pdbx_alt_source_flag               sample 
_entity_src_gen.pdbx_seq_type                      ? 
_entity_src_gen.pdbx_beg_seq_num                   ? 
_entity_src_gen.pdbx_end_seq_num                   ? 
_entity_src_gen.gene_src_common_name               human 
_entity_src_gen.gene_src_genus                     ? 
_entity_src_gen.pdbx_gene_src_gene                 'MDM4, MDMX' 
_entity_src_gen.gene_src_species                   ? 
_entity_src_gen.gene_src_strain                    ? 
_entity_src_gen.gene_src_tissue                    ? 
_entity_src_gen.gene_src_tissue_fraction           ? 
_entity_src_gen.gene_src_details                   ? 
_entity_src_gen.pdbx_gene_src_fragment             ? 
_entity_src_gen.pdbx_gene_src_scientific_name      'Homo sapiens' 
_entity_src_gen.pdbx_gene_src_ncbi_taxonomy_id     9606 
_entity_src_gen.pdbx_gene_src_variant              ? 
_entity_src_gen.pdbx_gene_src_cell_line            ? 
_entity_src_gen.pdbx_gene_src_atcc                 ? 
_entity_src_gen.pdbx_gene_src_organ                ? 
_entity_src_gen.pdbx_gene_src_organelle            ? 
_entity_src_gen.pdbx_gene_src_cell                 ? 
_entity_src_gen.pdbx_gene_src_cellular_location    ? 
_entity_src_gen.host_org_common_name               ? 
_entity_src_gen.pdbx_host_org_scientific_name      'Escherichia coli' 
_entity_src_gen.pdbx_host_org_ncbi_taxonomy_id     562 
_entity_src_gen.host_org_genus                     ? 
_entity_src_gen.pdbx_host_org_gene                 ? 
_entity_src_gen.pdbx_host_org_organ                ? 
_entity_src_gen.host_org_species                   ? 
_entity_src_gen.pdbx_host_org_tissue               ? 
_entity_src_gen.pdbx_host_org_tissue_fraction      ? 
_entity_src_gen.pdbx_host_org_strain               'BL21-Gold (DE3) pLysS' 
_entity_src_gen.pdbx_host_org_variant              ? 
_entity_src_gen.pdbx_host_org_cell_line            ? 
_entity_src_gen.pdbx_host_org_atcc                 ? 
_entity_src_gen.pdbx_host_org_culture_collection   ? 
_entity_src_gen.pdbx_host_org_cell                 ? 
_entity_src_gen.pdbx_host_org_organelle            ? 
_entity_src_gen.pdbx_host_org_cellular_location    ? 
_entity_src_gen.pdbx_host_org_vector_type          plasmid 
_entity_src_gen.pdbx_host_org_vector               ? 
_entity_src_gen.host_org_details                   ? 
_entity_src_gen.expression_system_id               ? 
_entity_src_gen.plasmid_name                       pDEST-His-MBP 
_entity_src_gen.plasmid_details                    ? 
_entity_src_gen.pdbx_description                   ? 
# 
loop_
_struct_ref.id 
_struct_ref.db_name 
_struct_ref.db_code 
_struct_ref.pdbx_db_accession 
_struct_ref.entity_id 
_struct_ref.pdbx_seq_one_letter_code 
_struct_ref.pdbx_align_begin 
_struct_ref.pdbx_db_isoform 
1 UNP MDM4_HUMAN O15151 1 
;QINQVRPKLPLLKILHAAGAQGEMFTVKEVMHYLGQYIMVKQLYDQQEQHMVYCGGDLLGELLGRQSFSVKDPSPLYDML
RKNLVTLAT
;
23 ? 
2 PDB 3JZQ       3JZQ   2 ?                                                                                            ?  ? 
# 
loop_
_struct_ref_seq.align_id 
_struct_ref_seq.ref_id 
_struct_ref_seq.pdbx_PDB_id_code 
_struct_ref_seq.pdbx_strand_id 
_struct_ref_seq.seq_align_beg 
_struct_ref_seq.pdbx_seq_align_beg_ins_code 
_struct_ref_seq.seq_align_end 
_struct_ref_seq.pdbx_seq_align_end_ins_code 
_struct_ref_seq.pdbx_db_accession 
_struct_ref_seq.db_align_beg 
_struct_ref_seq.pdbx_db_align_beg_ins_code 
_struct_ref_seq.db_align_end 
_struct_ref_seq.pdbx_db_align_end_ins_code 
_struct_ref_seq.pdbx_auth_seq_align_beg 
_struct_ref_seq.pdbx_auth_seq_align_end 
1 1 3JZQ A 1 ? 89 ? O15151 23 ? 111 ? 23 111 
2 1 3JZQ B 1 ? 89 ? O15151 23 ? 111 ? 23 111 
3 2 3JZQ P 1 ? 12 ? 3JZQ   1  ? 12  ? 1  12  
4 2 3JZQ Q 1 ? 12 ? 3JZQ   1  ? 12  ? 1  12  
# 
loop_
_chem_comp.id 
_chem_comp.type 
_chem_comp.mon_nstd_flag 
_chem_comp.name 
_chem_comp.pdbx_synonyms 
_chem_comp.formula 
_chem_comp.formula_weight 
ALA 'L-peptide linking' y ALANINE         ? 'C3 H7 N O2'     89.093  
ARG 'L-peptide linking' y ARGININE        ? 'C6 H15 N4 O2 1' 175.209 
ASN 'L-peptide linking' y ASPARAGINE      ? 'C4 H8 N2 O3'    132.118 
ASP 'L-peptide linking' y 'ASPARTIC ACID' ? 'C4 H7 N O4'     133.103 
CYS 'L-peptide linking' y CYSTEINE        ? 'C3 H7 N O2 S'   121.158 
GLN 'L-peptide linking' y GLUTAMINE       ? 'C5 H10 N2 O3'   146.144 
GLU 'L-peptide linking' y 'GLUTAMIC ACID' ? 'C5 H9 N O4'     147.129 
GLY 'peptide linking'   y GLYCINE         ? 'C2 H5 N O2'     75.067  
HIS 'L-peptide linking' y HISTIDINE       ? 'C6 H10 N3 O2 1' 156.162 
HOH non-polymer         . WATER           ? 'H2 O'           18.015  
ILE 'L-peptide linking' y ISOLEUCINE      ? 'C6 H13 N O2'    131.173 
LEU 'L-peptide linking' y LEUCINE         ? 'C6 H13 N O2'    131.173 
LYS 'L-peptide linking' y LYSINE          ? 'C6 H15 N2 O2 1' 147.195 
MET 'L-peptide linking' y METHIONINE      ? 'C5 H11 N O2 S'  149.211 
PHE 'L-peptide linking' y PHENYLALANINE   ? 'C9 H11 N O2'    165.189 
PRO 'L-peptide linking' y PROLINE         ? 'C5 H9 N O2'     115.130 
SER 'L-peptide linking' y SERINE          ? 'C3 H7 N O3'     105.093 
SO4 non-polymer         . 'SULFATE ION'   ? 'O4 S -2'        96.063  
THR 'L-peptide linking' y THREONINE       ? 'C4 H9 N O3'     119.119 
TRP 'L-peptide linking' y TRYPTOPHAN      ? 'C11 H12 N2 O2'  204.225 
TYR 'L-peptide linking' y TYROSINE        ? 'C9 H11 N O3'    181.189 
VAL 'L-peptide linking' y VALINE          ? 'C5 H11 N O2'    117.146 
# 
_exptl.entry_id          3JZQ 
_exptl.method            'X-RAY DIFFRACTION' 
_exptl.crystals_number   1 
# 
_exptl_crystal.id                    1 
_exptl_crystal.density_meas          ? 
_exptl_crystal.density_Matthews      2.25 
_exptl_crystal.density_percent_sol   45.25 
_exptl_crystal.description           ? 
_exptl_crystal.F_000                 ? 
_exptl_crystal.preparation           ? 
# 
_exptl_crystal_grow.crystal_id      1 
_exptl_crystal_grow.method          'VAPOR DIFFUSION, HANGING DROP' 
_exptl_crystal_grow.temp            292 
_exptl_crystal_grow.temp_details    ? 
_exptl_crystal_grow.pH              7.4 
_exptl_crystal_grow.pdbx_details    
'2.1 M ammonium sulfate, 10 mM Tris HCl, pH 7.4, VAPOR DIFFUSION, HANGING DROP, temperature 292K' 
_exptl_crystal_grow.pdbx_pH_range   ? 
# 
_diffrn.id                     1 
_diffrn.ambient_temp           93 
_diffrn.ambient_temp_details   ? 
_diffrn.crystal_id             1 
# 
_diffrn_detector.diffrn_id              1 
_diffrn_detector.detector               'IMAGE PLATE' 
_diffrn_detector.type                   'RIGAKU RAXIS HTC' 
_diffrn_detector.pdbx_collection_date   ? 
_diffrn_detector.details                mirrors 
# 
_diffrn_radiation.diffrn_id                        1 
_diffrn_radiation.wavelength_id                    1 
_diffrn_radiation.pdbx_monochromatic_or_laue_m_l   M 
_diffrn_radiation.monochromator                    mirrors 
_diffrn_radiation.pdbx_diffrn_protocol             'SINGLE WAVELENGTH' 
_diffrn_radiation.pdbx_scattering_type             x-ray 
# 
_diffrn_radiation_wavelength.id           1 
_diffrn_radiation_wavelength.wavelength   1.54 
_diffrn_radiation_wavelength.wt           1.0 
# 
_diffrn_source.diffrn_id                   1 
_diffrn_source.source                      'ROTATING ANODE' 
_diffrn_source.type                        'RIGAKU MICROMAX-007 HF' 
_diffrn_source.pdbx_synchrotron_site       ? 
_diffrn_source.pdbx_synchrotron_beamline   ? 
_diffrn_source.pdbx_wavelength             ? 
_diffrn_source.pdbx_wavelength_list        1.54 
# 
_reflns.entry_id                     3JZQ 
_reflns.observed_criterion_sigma_I   0 
_reflns.observed_criterion_sigma_F   0 
_reflns.d_resolution_low             50 
_reflns.d_resolution_high            1.8 
_reflns.number_obs                   20193 
_reflns.number_all                   20193 
_reflns.percent_possible_obs         99.7 
_reflns.pdbx_Rmerge_I_obs            0.062 
_reflns.pdbx_Rsym_value              ? 
_reflns.pdbx_netI_over_sigmaI        27.5 
_reflns.B_iso_Wilson_estimate        25.7 
_reflns.pdbx_redundancy              6.9 
_reflns.R_free_details               ? 
_reflns.limit_h_max                  ? 
_reflns.limit_h_min                  ? 
_reflns.limit_k_max                  ? 
_reflns.limit_k_min                  ? 
_reflns.limit_l_max                  ? 
_reflns.limit_l_min                  ? 
_reflns.observed_criterion_F_max     ? 
_reflns.observed_criterion_F_min     ? 
_reflns.pdbx_chi_squared             ? 
_reflns.pdbx_scaling_rejects         ? 
_reflns.pdbx_diffrn_id               1 
_reflns.pdbx_ordinal                 1 
# 
_reflns_shell.d_res_high             1.8 
_reflns_shell.d_res_low              1.86 
_reflns_shell.percent_possible_all   99.0 
_reflns_shell.Rmerge_I_obs           0.47 
_reflns_shell.pdbx_Rsym_value        ? 
_reflns_shell.meanI_over_sigI_obs    3.7 
_reflns_shell.pdbx_redundancy        6.7 
_reflns_shell.percent_possible_obs   ? 
_reflns_shell.number_unique_all      1953 
_reflns_shell.number_measured_all    ? 
_reflns_shell.number_measured_obs    ? 
_reflns_shell.number_unique_obs      ? 
_reflns_shell.pdbx_chi_squared       ? 
_reflns_shell.pdbx_diffrn_id         ? 
_reflns_shell.pdbx_ordinal           1 
# 
_refine.entry_id                                 3JZQ 
_refine.ls_number_reflns_obs                     19850 
_refine.ls_number_reflns_all                     19850 
_refine.pdbx_ls_sigma_I                          0 
_refine.pdbx_ls_sigma_F                          0 
_refine.pdbx_data_cutoff_high_absF               ? 
_refine.pdbx_data_cutoff_low_absF                ? 
_refine.pdbx_data_cutoff_high_rms_absF           ? 
_refine.ls_d_res_low                             34.5 
_refine.ls_d_res_high                            1.8 
_refine.ls_percent_reflns_obs                    98.3 
_refine.ls_R_factor_obs                          ? 
_refine.ls_R_factor_all                          0.208 
_refine.ls_R_factor_R_work                       0.208 
_refine.ls_R_factor_R_free                       0.224 
_refine.ls_R_factor_R_free_error                 ? 
_refine.ls_R_factor_R_free_error_details         ? 
_refine.ls_percent_reflns_R_free                 ? 
_refine.ls_number_reflns_R_free                  965 
_refine.ls_number_parameters                     ? 
_refine.ls_number_restraints                     ? 
_refine.occupancy_min                            ? 
_refine.occupancy_max                            ? 
_refine.correlation_coeff_Fo_to_Fc               ? 
_refine.correlation_coeff_Fo_to_Fc_free          ? 
_refine.B_iso_mean                               ? 
_refine.aniso_B[1][1]                            ? 
_refine.aniso_B[2][2]                            ? 
_refine.aniso_B[3][3]                            ? 
_refine.aniso_B[1][2]                            ? 
_refine.aniso_B[1][3]                            ? 
_refine.aniso_B[2][3]                            ? 
_refine.solvent_model_details                    ? 
_refine.solvent_model_param_ksol                 ? 
_refine.solvent_model_param_bsol                 ? 
_refine.pdbx_solvent_vdw_probe_radii             ? 
_refine.pdbx_solvent_ion_probe_radii             ? 
_refine.pdbx_solvent_shrinkage_radii             ? 
_refine.pdbx_ls_cross_valid_method               THROUGHOUT 
_refine.details                                  ? 
_refine.pdbx_starting_model                      'pdb entry 3DAB' 
_refine.pdbx_method_to_determine_struct          'MOLECULAR REPLACEMENT' 
_refine.pdbx_isotropic_thermal_model             ? 
_refine.pdbx_stereochemistry_target_values       'Engh & Huber' 
_refine.pdbx_stereochem_target_val_spec_case     ? 
_refine.pdbx_R_Free_selection_details            random 
_refine.pdbx_overall_ESU_R                       ? 
_refine.pdbx_overall_ESU_R_Free                  ? 
_refine.overall_SU_ML                            ? 
_refine.overall_SU_B                             ? 
_refine.ls_redundancy_reflns_obs                 ? 
_refine.B_iso_min                                ? 
_refine.B_iso_max                                ? 
_refine.overall_SU_R_Cruickshank_DPI             ? 
_refine.overall_SU_R_free                        ? 
_refine.ls_wR_factor_R_free                      ? 
_refine.ls_wR_factor_R_work                      ? 
_refine.overall_FOM_free_R_set                   ? 
_refine.overall_FOM_work_R_set                   ? 
_refine.pdbx_overall_phase_error                 ? 
_refine.pdbx_refine_id                           'X-RAY DIFFRACTION' 
_refine.pdbx_diffrn_id                           1 
_refine.pdbx_TLS_residual_ADP_flag               ? 
_refine.pdbx_overall_SU_R_free_Cruickshank_DPI   ? 
_refine.pdbx_overall_SU_R_Blow_DPI               ? 
_refine.pdbx_overall_SU_R_free_Blow_DPI          ? 
# 
_refine_analyze.entry_id                        3JZQ 
_refine_analyze.Luzzati_coordinate_error_obs    0.21 
_refine_analyze.Luzzati_sigma_a_obs             0.16 
_refine_analyze.Luzzati_d_res_low_obs           5.0 
_refine_analyze.Luzzati_coordinate_error_free   0.24 
_refine_analyze.Luzzati_sigma_a_free            0.22 
_refine_analyze.Luzzati_d_res_low_free          ? 
_refine_analyze.number_disordered_residues      ? 
_refine_analyze.occupancy_sum_hydrogen          ? 
_refine_analyze.occupancy_sum_non_hydrogen      ? 
_refine_analyze.pdbx_Luzzati_d_res_high_obs     ? 
_refine_analyze.pdbx_refine_id                  'X-RAY DIFFRACTION' 
# 
_refine_hist.pdbx_refine_id                   'X-RAY DIFFRACTION' 
_refine_hist.cycle_id                         LAST 
_refine_hist.pdbx_number_atoms_protein        1591 
_refine_hist.pdbx_number_atoms_nucleic_acid   0 
_refine_hist.pdbx_number_atoms_ligand         5 
_refine_hist.number_atoms_solvent             139 
_refine_hist.number_atoms_total               1735 
_refine_hist.d_res_high                       1.8 
_refine_hist.d_res_low                        34.5 
# 
loop_
_refine_ls_restr.type 
_refine_ls_restr.dev_ideal 
_refine_ls_restr.dev_ideal_target 
_refine_ls_restr.weight 
_refine_ls_restr.number 
_refine_ls_restr.pdbx_refine_id 
_refine_ls_restr.pdbx_restraint_function 
c_bond_d    0.016 ? ? ? 'X-RAY DIFFRACTION' ? 
c_angle_deg 1.5   ? ? ? 'X-RAY DIFFRACTION' ? 
# 
_refine_ls_shell.pdbx_total_number_of_bins_used   ? 
_refine_ls_shell.d_res_high                       1.8 
_refine_ls_shell.d_res_low                        1.91 
_refine_ls_shell.number_reflns_R_work             ? 
_refine_ls_shell.R_factor_R_work                  0.295 
_refine_ls_shell.percent_reflns_obs               93.5 
_refine_ls_shell.R_factor_R_free                  0.352 
_refine_ls_shell.R_factor_R_free_error            0.030 
_refine_ls_shell.percent_reflns_R_free            ? 
_refine_ls_shell.number_reflns_R_free             142 
_refine_ls_shell.number_reflns_all                ? 
_refine_ls_shell.R_factor_all                     ? 
_refine_ls_shell.number_reflns_obs                2913 
_refine_ls_shell.redundancy_reflns_obs            ? 
_refine_ls_shell.pdbx_refine_id                   'X-RAY DIFFRACTION' 
# 
_struct.entry_id                  3JZQ 
_struct.title                     'Human MDMX liganded with a 12mer peptide inhibitor (pDIQ)' 
_struct.pdbx_model_details        ? 
_struct.pdbx_CASP_flag            ? 
_struct.pdbx_model_type_details   ? 
# 
_struct_keywords.entry_id        3JZQ 
_struct_keywords.pdbx_keywords   'CELL CYCLE' 
_struct_keywords.text            
;CELL CYCLE, P53-BINDING PROTEIN MDM4, DOUBLE MINUTE 4 PROTEIN, Alternative splicing, Metal-binding, Nucleus, Polymorphism, Zinc, Zinc-finger
;
# 
loop_
_struct_asym.id 
_struct_asym.pdbx_blank_PDB_chainid_flag 
_struct_asym.pdbx_modified 
_struct_asym.entity_id 
_struct_asym.details 
A N N 1 ? 
B N N 2 ? 
C N N 1 ? 
D N N 2 ? 
E N N 3 ? 
F N N 4 ? 
G N N 4 ? 
H N N 4 ? 
I N N 4 ? 
# 
_struct_biol.id        1 
_struct_biol.details   ? 
# 
loop_
_struct_conf.conf_type_id 
_struct_conf.id 
_struct_conf.pdbx_PDB_helix_id 
_struct_conf.beg_label_comp_id 
_struct_conf.beg_label_asym_id 
_struct_conf.beg_label_seq_id 
_struct_conf.pdbx_beg_PDB_ins_code 
_struct_conf.end_label_comp_id 
_struct_conf.end_label_asym_id 
_struct_conf.end_label_seq_id 
_struct_conf.pdbx_end_PDB_ins_code 
_struct_conf.beg_auth_comp_id 
_struct_conf.beg_auth_asym_id 
_struct_conf.beg_auth_seq_id 
_struct_conf.end_auth_comp_id 
_struct_conf.end_auth_asym_id 
_struct_conf.end_auth_seq_id 
_struct_conf.pdbx_PDB_helix_class 
_struct_conf.details 
_struct_conf.pdbx_PDB_helix_length 
HELX_P HELX_P1  1  LYS A 8  ? ALA A 18 ? LYS A 30 ALA A 40  1 ? 11 
HELX_P HELX_P2  2  THR A 26 ? LYS A 41 ? THR A 48 LYS A 63  1 ? 16 
HELX_P HELX_P3  3  ASP A 57 ? GLY A 64 ? ASP A 79 GLY A 86  1 ? 8  
HELX_P HELX_P4  4  PRO A 73 ? ASN A 83 ? PRO A 95 ASN A 105 1 ? 11 
HELX_P HELX_P5  5  THR B 2  ? GLN B 9  ? THR P 2  GLN P 9   1 ? 8  
HELX_P HELX_P6  6  LYS C 8  ? ALA C 18 ? LYS B 30 ALA B 40  1 ? 11 
HELX_P HELX_P7  7  THR C 26 ? LYS C 41 ? THR B 48 LYS B 63  1 ? 16 
HELX_P HELX_P8  8  ASP C 57 ? GLY C 64 ? ASP B 79 GLY B 86  1 ? 8  
HELX_P HELX_P9  9  PRO C 73 ? ASN C 83 ? PRO B 95 ASN B 105 1 ? 11 
HELX_P HELX_P10 10 THR D 2  ? GLN D 9  ? THR Q 2  GLN Q 9   1 ? 8  
# 
_struct_conf_type.id          HELX_P 
_struct_conf_type.criteria    ? 
_struct_conf_type.reference   ? 
# 
loop_
_struct_sheet.id 
_struct_sheet.type 
_struct_sheet.number_strands 
_struct_sheet.details 
A ? 2 ? 
B ? 2 ? 
C ? 2 ? 
D ? 3 ? 
# 
loop_
_struct_sheet_order.sheet_id 
_struct_sheet_order.range_id_1 
_struct_sheet_order.range_id_2 
_struct_sheet_order.offset 
_struct_sheet_order.sense 
A 1 2 ? anti-parallel 
B 1 2 ? anti-parallel 
C 1 2 ? anti-parallel 
D 1 2 ? anti-parallel 
D 2 3 ? anti-parallel 
# 
loop_
_struct_sheet_range.sheet_id 
_struct_sheet_range.id 
_struct_sheet_range.beg_label_comp_id 
_struct_sheet_range.beg_label_asym_id 
_struct_sheet_range.beg_label_seq_id 
_struct_sheet_range.pdbx_beg_PDB_ins_code 
_struct_sheet_range.end_label_comp_id 
_struct_sheet_range.end_label_asym_id 
_struct_sheet_range.end_label_seq_id 
_struct_sheet_range.pdbx_end_PDB_ins_code 
_struct_sheet_range.beg_auth_comp_id 
_struct_sheet_range.beg_auth_asym_id 
_struct_sheet_range.beg_auth_seq_id 
_struct_sheet_range.end_auth_comp_id 
_struct_sheet_range.end_auth_asym_id 
_struct_sheet_range.end_auth_seq_id 
A 1 ARG A 6  ? PRO A 7  ? ARG A 28  PRO A 29  
A 2 LEU A 84 ? VAL A 85 ? LEU A 106 VAL A 107 
B 1 MET A 51 ? TYR A 53 ? MET A 73  TYR A 75  
B 2 SER A 67 ? SER A 69 ? SER A 89  SER A 91  
C 1 ARG C 6  ? PRO C 7  ? ARG B 28  PRO B 29  
C 2 LEU C 84 ? VAL C 85 ? LEU B 106 VAL B 107 
D 1 TYR C 44 ? ASP C 45 ? TYR B 66  ASP B 67  
D 2 GLU C 48 ? TYR C 53 ? GLU B 70  TYR B 75  
D 3 SER C 67 ? SER C 69 ? SER B 89  SER B 91  
# 
loop_
_pdbx_struct_sheet_hbond.sheet_id 
_pdbx_struct_sheet_hbond.range_id_1 
_pdbx_struct_sheet_hbond.range_id_2 
_pdbx_struct_sheet_hbond.range_1_label_atom_id 
_pdbx_struct_sheet_hbond.range_1_label_comp_id 
_pdbx_struct_sheet_hbond.range_1_label_asym_id 
_pdbx_struct_sheet_hbond.range_1_label_seq_id 
_pdbx_struct_sheet_hbond.range_1_PDB_ins_code 
_pdbx_struct_sheet_hbond.range_1_auth_atom_id 
_pdbx_struct_sheet_hbond.range_1_auth_comp_id 
_pdbx_struct_sheet_hbond.range_1_auth_asym_id 
_pdbx_struct_sheet_hbond.range_1_auth_seq_id 
_pdbx_struct_sheet_hbond.range_2_label_atom_id 
_pdbx_struct_sheet_hbond.range_2_label_comp_id 
_pdbx_struct_sheet_hbond.range_2_label_asym_id 
_pdbx_struct_sheet_hbond.range_2_label_seq_id 
_pdbx_struct_sheet_hbond.range_2_PDB_ins_code 
_pdbx_struct_sheet_hbond.range_2_auth_atom_id 
_pdbx_struct_sheet_hbond.range_2_auth_comp_id 
_pdbx_struct_sheet_hbond.range_2_auth_asym_id 
_pdbx_struct_sheet_hbond.range_2_auth_seq_id 
A 1 2 N ARG A 6  ? N ARG A 28 O VAL A 85 ? O VAL A 107 
B 1 2 N VAL A 52 ? N VAL A 74 O PHE A 68 ? O PHE A 90  
C 1 2 N ARG C 6  ? N ARG B 28 O VAL C 85 ? O VAL B 107 
D 1 2 N ASP C 45 ? N ASP B 67 O MET C 51 ? O MET B 73  
D 2 3 N VAL C 52 ? N VAL B 74 O PHE C 68 ? O PHE B 90  
# 
_struct_site.id                   AC1 
_struct_site.pdbx_evidence_code   Software 
_struct_site.pdbx_auth_asym_id    B 
_struct_site.pdbx_auth_comp_id    SO4 
_struct_site.pdbx_auth_seq_id     201 
_struct_site.pdbx_auth_ins_code   ? 
_struct_site.pdbx_num_residues    7 
_struct_site.details              'BINDING SITE FOR RESIDUE SO4 B 201' 
# 
loop_
_struct_site_gen.id 
_struct_site_gen.site_id 
_struct_site_gen.pdbx_num_res 
_struct_site_gen.label_comp_id 
_struct_site_gen.label_asym_id 
_struct_site_gen.label_seq_id 
_struct_site_gen.pdbx_auth_ins_code 
_struct_site_gen.auth_comp_id 
_struct_site_gen.auth_asym_id 
_struct_site_gen.auth_seq_id 
_struct_site_gen.label_atom_id 
_struct_site_gen.label_alt_id 
_struct_site_gen.symmetry 
_struct_site_gen.details 
1 AC1 7 ARG A 81 ? ARG A 103 . ? 1_545 ? 
2 AC1 7 HOH F .  ? HOH A 122 . ? 1_545 ? 
3 AC1 7 GLU C 48 ? GLU B 70  . ? 1_555 ? 
4 AC1 7 GLN C 49 ? GLN B 71  . ? 1_555 ? 
5 AC1 7 HIS C 50 ? HIS B 72  . ? 1_555 ? 
6 AC1 7 GLU D 1  ? GLU Q 1   . ? 1_555 ? 
7 AC1 7 TRP D 6  ? TRP Q 6   . ? 1_555 ? 
# 
_atom_sites.entry_id                    3JZQ 
_atom_sites.fract_transf_matrix[1][1]   -0.01565828 
_atom_sites.fract_transf_matrix[1][2]   -0.01579515 
_atom_sites.fract_transf_matrix[1][3]   -0.00089140 
_atom_sites.fract_transf_matrix[2][1]   0.00313292 
_atom_sites.fract_transf_matrix[2][2]   -0.00207717 
_atom_sites.fract_transf_matrix[2][3]   -0.01822642 
_atom_sites.fract_transf_matrix[3][1]   0.00791050 
_atom_sites.fract_transf_matrix[3][2]   -0.00796995 
_atom_sites.fract_transf_matrix[3][3]   0.00226802 
_atom_sites.fract_transf_vector[1]      0.448104 
_atom_sites.fract_transf_vector[2]      0.508413 
_atom_sites.fract_transf_vector[3]      0.064516 
# 
loop_
_atom_type.symbol 
C 
N 
O 
S 
# 
loop_
_atom_site.group_PDB 
_atom_site.id 
_atom_site.type_symbol 
_atom_site.label_atom_id 
_atom_site.label_alt_id 
_atom_site.label_comp_id 
_atom_site.label_asym_id 
_atom_site.label_entity_id 
_atom_site.label_seq_id 
_atom_site.pdbx_PDB_ins_code 
_atom_site.Cartn_x 
_atom_site.Cartn_y 
_atom_site.Cartn_z 
_atom_site.occupancy 
_atom_site.B_iso_or_equiv 
_atom_site.pdbx_formal_charge 
_atom_site.auth_seq_id 
_atom_site.auth_comp_id 
_atom_site.auth_asym_id 
_atom_site.auth_atom_id 
_atom_site.pdbx_PDB_model_num 
ATOM   1    N N   . ASN A 1 3  ? -1.858  -22.967 -24.994 1.00 47.16 ? 25  ASN A N   1 
ATOM   2    C CA  . ASN A 1 3  ? -2.898  -23.246 -23.945 1.00 46.28 ? 25  ASN A CA  1 
ATOM   3    C C   . ASN A 1 3  ? -2.489  -22.832 -22.524 1.00 45.62 ? 25  ASN A C   1 
ATOM   4    O O   . ASN A 1 3  ? -3.357  -22.583 -21.679 1.00 45.68 ? 25  ASN A O   1 
ATOM   5    C CB  . ASN A 1 3  ? -3.262  -24.733 -23.962 1.00 48.50 ? 25  ASN A CB  1 
ATOM   6    C CG  . ASN A 1 3  ? -3.726  -25.202 -25.339 1.00 50.21 ? 25  ASN A CG  1 
ATOM   7    O OD1 . ASN A 1 3  ? -4.735  -24.714 -25.878 1.00 49.56 ? 25  ASN A OD1 1 
ATOM   8    N ND2 . ASN A 1 3  ? -2.983  -26.145 -25.921 1.00 51.07 ? 25  ASN A ND2 1 
ATOM   9    N N   . GLN A 1 4  ? -1.182  -22.770 -22.256 1.00 42.80 ? 26  GLN A N   1 
ATOM   10   C CA  . GLN A 1 4  ? -0.678  -22.369 -20.939 1.00 40.72 ? 26  GLN A CA  1 
ATOM   11   C C   . GLN A 1 4  ? 0.704   -21.725 -20.991 1.00 38.65 ? 26  GLN A C   1 
ATOM   12   O O   . GLN A 1 4  ? 1.430   -21.818 -21.980 1.00 37.46 ? 26  GLN A O   1 
ATOM   13   C CB  . GLN A 1 4  ? -0.618  -23.554 -19.971 1.00 41.29 ? 26  GLN A CB  1 
ATOM   14   C CG  . GLN A 1 4  ? -1.941  -23.940 -19.323 1.00 41.57 ? 26  GLN A CG  1 
ATOM   15   C CD  . GLN A 1 4  ? -1.755  -25.094 -18.353 1.00 42.34 ? 26  GLN A CD  1 
ATOM   16   O OE1 . GLN A 1 4  ? -1.325  -26.174 -18.750 1.00 42.30 ? 26  GLN A OE1 1 
ATOM   17   N NE2 . GLN A 1 4  ? -2.050  -24.865 -17.080 1.00 42.46 ? 26  GLN A NE2 1 
ATOM   18   N N   . VAL A 1 5  ? 1.053   -21.065 -19.899 1.00 36.29 ? 27  VAL A N   1 
ATOM   19   C CA  . VAL A 1 5  ? 2.337   -20.401 -19.795 1.00 34.08 ? 27  VAL A CA  1 
ATOM   20   C C   . VAL A 1 5  ? 2.932   -20.784 -18.470 1.00 33.31 ? 27  VAL A C   1 
ATOM   21   O O   . VAL A 1 5  ? 2.224   -21.238 -17.551 1.00 31.56 ? 27  VAL A O   1 
ATOM   22   C CB  . VAL A 1 5  ? 2.198   -18.858 -19.836 1.00 33.30 ? 27  VAL A CB  1 
ATOM   23   C CG1 . VAL A 1 5  ? 1.789   -18.402 -21.243 1.00 33.04 ? 27  VAL A CG1 1 
ATOM   24   C CG2 . VAL A 1 5  ? 1.165   -18.406 -18.808 1.00 33.86 ? 27  VAL A CG2 1 
ATOM   25   N N   . ARG A 1 6  ? 4.241   -20.591 -18.385 1.00 33.23 ? 28  ARG A N   1 
ATOM   26   C CA  . ARG A 1 6  ? 4.999   -20.876 -17.186 1.00 34.42 ? 28  ARG A CA  1 
ATOM   27   C C   . ARG A 1 6  ? 5.554   -19.563 -16.644 1.00 32.65 ? 28  ARG A C   1 
ATOM   28   O O   . ARG A 1 6  ? 6.296   -18.868 -17.338 1.00 31.40 ? 28  ARG A O   1 
ATOM   29   C CB  . ARG A 1 6  ? 6.165   -21.813 -17.522 1.00 37.93 ? 28  ARG A CB  1 
ATOM   30   C CG  . ARG A 1 6  ? 6.884   -22.370 -16.313 1.00 44.47 ? 28  ARG A CG  1 
ATOM   31   C CD  . ARG A 1 6  ? 8.233   -23.009 -16.703 1.00 49.12 ? 28  ARG A CD  1 
ATOM   32   N NE  . ARG A 1 6  ? 9.205   -22.052 -17.257 1.00 53.37 ? 28  ARG A NE  1 
ATOM   33   C CZ  . ARG A 1 6  ? 9.860   -21.124 -16.549 1.00 56.05 ? 28  ARG A CZ  1 
ATOM   34   N NH1 . ARG A 1 6  ? 9.653   -21.010 -15.245 1.00 56.60 ? 28  ARG A NH1 1 
ATOM   35   N NH2 . ARG A 1 6  ? 10.741  -20.314 -17.140 1.00 56.86 ? 28  ARG A NH2 1 
ATOM   36   N N   . PRO A 1 7  ? 5.174   -19.188 -15.412 1.00 32.33 ? 29  PRO A N   1 
ATOM   37   C CA  . PRO A 1 7  ? 5.697   -17.936 -14.849 1.00 31.22 ? 29  PRO A CA  1 
ATOM   38   C C   . PRO A 1 7  ? 7.113   -18.117 -14.315 1.00 30.94 ? 29  PRO A C   1 
ATOM   39   O O   . PRO A 1 7  ? 7.421   -19.153 -13.722 1.00 32.05 ? 29  PRO A O   1 
ATOM   40   C CB  . PRO A 1 7  ? 4.725   -17.614 -13.731 1.00 30.92 ? 29  PRO A CB  1 
ATOM   41   C CG  . PRO A 1 7  ? 4.218   -18.972 -13.305 1.00 35.53 ? 29  PRO A CG  1 
ATOM   42   C CD  . PRO A 1 7  ? 4.104   -19.769 -14.574 1.00 33.09 ? 29  PRO A CD  1 
ATOM   43   N N   . LYS A 1 8  ? 7.988   -17.150 -14.558 1.00 29.25 ? 30  LYS A N   1 
ATOM   44   C CA  . LYS A 1 8  ? 9.342   -17.212 -14.000 1.00 29.70 ? 30  LYS A CA  1 
ATOM   45   C C   . LYS A 1 8  ? 9.194   -17.098 -12.489 1.00 27.37 ? 30  LYS A C   1 
ATOM   46   O O   . LYS A 1 8  ? 8.252   -16.489 -11.992 1.00 26.06 ? 30  LYS A O   1 
ATOM   47   C CB  . LYS A 1 8  ? 10.206  -16.069 -14.528 1.00 29.17 ? 30  LYS A CB  1 
ATOM   48   C CG  . LYS A 1 8  ? 10.514  -16.182 -15.986 1.00 30.11 ? 30  LYS A CG  1 
ATOM   49   C CD  . LYS A 1 8  ? 11.507  -15.118 -16.393 1.00 32.43 ? 30  LYS A CD  1 
ATOM   50   C CE  . LYS A 1 8  ? 11.810  -15.235 -17.870 1.00 33.68 ? 30  LYS A CE  1 
ATOM   51   N NZ  . LYS A 1 8  ? 12.710  -14.143 -18.351 1.00 35.45 ? 30  LYS A NZ  1 
ATOM   52   N N   . LEU A 1 9  ? 10.150  -17.653 -11.752 1.00 29.52 ? 31  LEU A N   1 
ATOM   53   C CA  . LEU A 1 9  ? 10.098  -17.702 -10.281 1.00 28.53 ? 31  LEU A CA  1 
ATOM   54   C C   . LEU A 1 9  ? 9.576   -16.519 -9.488  1.00 27.52 ? 31  LEU A C   1 
ATOM   55   O O   . LEU A 1 9  ? 8.708   -16.670 -8.601  1.00 27.47 ? 31  LEU A O   1 
ATOM   56   C CB  . LEU A 1 9  ? 11.481  -18.102 -9.747  1.00 30.29 ? 31  LEU A CB  1 
ATOM   57   C CG  . LEU A 1 9  ? 11.626  -18.282 -8.238  1.00 32.85 ? 31  LEU A CG  1 
ATOM   58   C CD1 . LEU A 1 9  ? 10.617  -19.284 -7.706  1.00 31.13 ? 31  LEU A CD1 1 
ATOM   59   C CD2 . LEU A 1 9  ? 13.071  -18.739 -7.948  1.00 29.96 ? 31  LEU A CD2 1 
ATOM   60   N N   . PRO A 1 10 ? 10.079  -15.316 -9.787  1.00 27.55 ? 32  PRO A N   1 
ATOM   61   C CA  . PRO A 1 10 ? 9.639   -14.121 -9.071  1.00 27.88 ? 32  PRO A CA  1 
ATOM   62   C C   . PRO A 1 10 ? 8.123   -13.956 -9.142  1.00 26.30 ? 32  PRO A C   1 
ATOM   63   O O   . PRO A 1 10 ? 7.483   -13.615 -8.132  1.00 26.72 ? 32  PRO A O   1 
ATOM   64   C CB  . PRO A 1 10 ? 10.389  -12.990 -9.792  1.00 28.44 ? 32  PRO A CB  1 
ATOM   65   C CG  . PRO A 1 10 ? 11.578  -13.666 -10.319 1.00 28.28 ? 32  PRO A CG  1 
ATOM   66   C CD  . PRO A 1 10 ? 11.066  -14.967 -10.820 1.00 27.12 ? 32  PRO A CD  1 
ATOM   67   N N   . LEU A 1 11 ? 7.547   -14.215 -10.321 1.00 24.55 ? 33  LEU A N   1 
ATOM   68   C CA  . LEU A 1 11 ? 6.102   -14.072 -10.483 1.00 24.32 ? 33  LEU A CA  1 
ATOM   69   C C   . LEU A 1 11 ? 5.331   -15.253 -9.903  1.00 24.14 ? 33  LEU A C   1 
ATOM   70   O O   . LEU A 1 11 ? 4.233   -15.113 -9.339  1.00 24.69 ? 33  LEU A O   1 
ATOM   71   C CB  . LEU A 1 11 ? 5.764   -13.871 -11.960 1.00 23.66 ? 33  LEU A CB  1 
ATOM   72   C CG  . LEU A 1 11 ? 4.272   -13.766 -12.332 1.00 20.84 ? 33  LEU A CG  1 
ATOM   73   C CD1 . LEU A 1 11 ? 3.659   -12.553 -11.612 1.00 21.14 ? 33  LEU A CD1 1 
ATOM   74   C CD2 . LEU A 1 11 ? 4.155   -13.639 -13.897 1.00 22.44 ? 33  LEU A CD2 1 
ATOM   75   N N   . LEU A 1 12 ? 5.904   -16.435 -10.030 1.00 23.13 ? 34  LEU A N   1 
ATOM   76   C CA  . LEU A 1 12 ? 5.252   -17.627 -9.494  1.00 25.49 ? 34  LEU A CA  1 
ATOM   77   C C   . LEU A 1 12 ? 5.099   -17.492 -7.967  1.00 24.51 ? 34  LEU A C   1 
ATOM   78   O O   . LEU A 1 12 ? 4.073   -17.870 -7.410  1.00 27.59 ? 34  LEU A O   1 
ATOM   79   C CB  . LEU A 1 12 ? 6.094   -18.849 -9.854  1.00 26.48 ? 34  LEU A CB  1 
ATOM   80   C CG  . LEU A 1 12 ? 5.634   -20.258 -9.455  1.00 27.71 ? 34  LEU A CG  1 
ATOM   81   C CD1 . LEU A 1 12 ? 4.338   -20.580 -10.135 1.00 27.22 ? 34  LEU A CD1 1 
ATOM   82   C CD2 . LEU A 1 12 ? 6.739   -21.275 -9.859  1.00 26.88 ? 34  LEU A CD2 1 
ATOM   83   N N   . LYS A 1 13 ? 6.089   -16.909 -7.282  1.00 25.97 ? 35  LYS A N   1 
ATOM   84   C CA  . LYS A 1 13 ? 5.974   -16.772 -5.831  1.00 25.98 ? 35  LYS A CA  1 
ATOM   85   C C   . LYS A 1 13 ? 4.810   -15.865 -5.460  1.00 27.86 ? 35  LYS A C   1 
ATOM   86   O O   . LYS A 1 13 ? 4.055   -16.131 -4.501  1.00 26.21 ? 35  LYS A O   1 
ATOM   87   C CB  . LYS A 1 13 ? 7.261   -16.232 -5.245  1.00 28.03 ? 35  LYS A CB  1 
ATOM   88   C CG  . LYS A 1 13 ? 8.382   -17.223 -5.368  1.00 29.46 ? 35  LYS A CG  1 
ATOM   89   C CD  . LYS A 1 13 ? 9.654   -16.657 -4.817  1.00 31.26 ? 35  LYS A CD  1 
ATOM   90   C CE  . LYS A 1 13 ? 10.762  -17.710 -4.771  1.00 31.84 ? 35  LYS A CE  1 
ATOM   91   N NZ  . LYS A 1 13 ? 12.045  -17.049 -4.404  1.00 34.14 ? 35  LYS A NZ  1 
ATOM   92   N N   . ILE A 1 14 ? 4.648   -14.799 -6.235  1.00 24.18 ? 36  ILE A N   1 
ATOM   93   C CA  . ILE A 1 14 ? 3.541   -13.895 -5.984  1.00 25.30 ? 36  ILE A CA  1 
ATOM   94   C C   . ILE A 1 14 ? 2.201   -14.608 -6.212  1.00 25.62 ? 36  ILE A C   1 
ATOM   95   O O   . ILE A 1 14 ? 1.265   -14.469 -5.398  1.00 25.09 ? 36  ILE A O   1 
ATOM   96   C CB  . ILE A 1 14 ? 3.673   -12.635 -6.889  1.00 26.27 ? 36  ILE A CB  1 
ATOM   97   C CG1 . ILE A 1 14 ? 4.804   -11.748 -6.348  1.00 26.19 ? 36  ILE A CG1 1 
ATOM   98   C CG2 . ILE A 1 14 ? 2.362   -11.859 -6.912  1.00 25.22 ? 36  ILE A CG2 1 
ATOM   99   C CD1 . ILE A 1 14 ? 5.227   -10.614 -7.259  1.00 26.11 ? 36  ILE A CD1 1 
ATOM   100  N N   . LEU A 1 15 ? 2.108   -15.402 -7.281  1.00 25.29 ? 37  LEU A N   1 
ATOM   101  C CA  . LEU A 1 15 ? 0.864   -16.103 -7.575  1.00 25.59 ? 37  LEU A CA  1 
ATOM   102  C C   . LEU A 1 15 ? 0.549   -17.134 -6.491  1.00 26.84 ? 37  LEU A C   1 
ATOM   103  O O   . LEU A 1 15 ? -0.603  -17.266 -6.053  1.00 27.33 ? 37  LEU A O   1 
ATOM   104  C CB  . LEU A 1 15 ? 0.943   -16.778 -8.946  1.00 25.65 ? 37  LEU A CB  1 
ATOM   105  C CG  . LEU A 1 15 ? 1.221   -15.872 -10.166 1.00 24.42 ? 37  LEU A CG  1 
ATOM   106  C CD1 . LEU A 1 15 ? 1.373   -16.761 -11.408 1.00 25.81 ? 37  LEU A CD1 1 
ATOM   107  C CD2 . LEU A 1 15 ? 0.111   -14.839 -10.365 1.00 26.36 ? 37  LEU A CD2 1 
ATOM   108  N N   . HIS A 1 16 ? 1.568   -17.862 -6.056  1.00 26.84 ? 38  HIS A N   1 
ATOM   109  C CA  . HIS A 1 16 ? 1.379   -18.847 -4.988  1.00 29.62 ? 38  HIS A CA  1 
ATOM   110  C C   . HIS A 1 16 ? 0.858   -18.184 -3.711  1.00 30.54 ? 38  HIS A C   1 
ATOM   111  O O   . HIS A 1 16 ? 0.002   -18.742 -3.025  1.00 32.07 ? 38  HIS A O   1 
ATOM   112  C CB  . HIS A 1 16 ? 2.702   -19.542 -4.667  1.00 30.14 ? 38  HIS A CB  1 
ATOM   113  C CG  . HIS A 1 16 ? 3.099   -20.591 -5.652  1.00 32.76 ? 38  HIS A CG  1 
ATOM   114  N ND1 . HIS A 1 16 ? 4.389   -21.077 -5.733  1.00 32.37 ? 38  HIS A ND1 1 
ATOM   115  C CD2 . HIS A 1 16 ? 2.369   -21.306 -6.543  1.00 34.02 ? 38  HIS A CD2 1 
ATOM   116  C CE1 . HIS A 1 16 ? 4.434   -22.048 -6.630  1.00 34.30 ? 38  HIS A CE1 1 
ATOM   117  N NE2 . HIS A 1 16 ? 3.225   -22.210 -7.135  1.00 33.72 ? 38  HIS A NE2 1 
ATOM   118  N N   . ALA A 1 17 ? 1.383   -17.010 -3.388  1.00 30.67 ? 39  ALA A N   1 
ATOM   119  C CA  . ALA A 1 17 ? 0.978   -16.300 -2.181  1.00 33.30 ? 39  ALA A CA  1 
ATOM   120  C C   . ALA A 1 17 ? -0.482  -15.864 -2.274  1.00 34.91 ? 39  ALA A C   1 
ATOM   121  O O   . ALA A 1 17 ? -1.096  -15.546 -1.256  1.00 35.56 ? 39  ALA A O   1 
ATOM   122  C CB  . ALA A 1 17 ? 1.881   -15.090 -1.949  1.00 32.36 ? 39  ALA A CB  1 
ATOM   123  N N   . ALA A 1 18 ? -1.040  -15.875 -3.490  1.00 34.62 ? 40  ALA A N   1 
ATOM   124  C CA  . ALA A 1 18 ? -2.430  -15.498 -3.694  1.00 36.19 ? 40  ALA A CA  1 
ATOM   125  C C   . ALA A 1 18 ? -3.302  -16.756 -3.736  1.00 37.08 ? 40  ALA A C   1 
ATOM   126  O O   . ALA A 1 18 ? -4.512  -16.665 -3.929  1.00 36.41 ? 40  ALA A O   1 
ATOM   127  C CB  . ALA A 1 18 ? -2.581  -14.715 -4.980  1.00 36.09 ? 40  ALA A CB  1 
ATOM   128  N N   . GLY A 1 19 ? -2.667  -17.919 -3.581  1.00 37.43 ? 41  GLY A N   1 
ATOM   129  C CA  . GLY A 1 19 ? -3.394  -19.182 -3.566  1.00 39.23 ? 41  GLY A CA  1 
ATOM   130  C C   . GLY A 1 19 ? -3.251  -20.093 -4.771  1.00 40.06 ? 41  GLY A C   1 
ATOM   131  O O   . GLY A 1 19 ? -3.922  -21.130 -4.856  1.00 40.86 ? 41  GLY A O   1 
ATOM   132  N N   . ALA A 1 20 ? -2.388  -19.715 -5.713  1.00 40.31 ? 42  ALA A N   1 
ATOM   133  C CA  . ALA A 1 20 ? -2.181  -20.492 -6.920  1.00 39.68 ? 42  ALA A CA  1 
ATOM   134  C C   . ALA A 1 20 ? -1.463  -21.781 -6.598  1.00 40.59 ? 42  ALA A C   1 
ATOM   135  O O   . ALA A 1 20 ? -0.557  -21.806 -5.771  1.00 41.07 ? 42  ALA A O   1 
ATOM   136  C CB  . ALA A 1 20 ? -1.353  -19.692 -7.925  1.00 38.54 ? 42  ALA A CB  1 
ATOM   137  N N   . GLN A 1 21 ? -1.849  -22.846 -7.283  1.00 41.46 ? 43  GLN A N   1 
ATOM   138  C CA  . GLN A 1 21 ? -1.218  -24.142 -7.080  1.00 43.29 ? 43  GLN A CA  1 
ATOM   139  C C   . GLN A 1 21 ? -0.649  -24.606 -8.396  1.00 42.69 ? 43  GLN A C   1 
ATOM   140  O O   . GLN A 1 21 ? -1.290  -24.450 -9.426  1.00 42.89 ? 43  GLN A O   1 
ATOM   141  C CB  . GLN A 1 21 ? -2.241  -25.153 -6.578  1.00 44.49 ? 43  GLN A CB  1 
ATOM   142  C CG  . GLN A 1 21 ? -2.737  -24.844 -5.176  1.00 47.50 ? 43  GLN A CG  1 
ATOM   143  C CD  . GLN A 1 21 ? -4.015  -25.592 -4.827  1.00 49.72 ? 43  GLN A CD  1 
ATOM   144  O OE1 . GLN A 1 21 ? -5.104  -25.272 -5.323  1.00 51.11 ? 43  GLN A OE1 1 
ATOM   145  N NE2 . GLN A 1 21 ? -3.889  -26.598 -3.968  1.00 50.43 ? 43  GLN A NE2 1 
ATOM   146  N N   . GLY A 1 22 ? 0.557   -25.161 -8.366  1.00 42.77 ? 44  GLY A N   1 
ATOM   147  C CA  . GLY A 1 22 ? 1.153   -25.639 -9.602  1.00 42.56 ? 44  GLY A CA  1 
ATOM   148  C C   . GLY A 1 22 ? 2.143   -24.646 -10.189 1.00 42.05 ? 44  GLY A C   1 
ATOM   149  O O   . GLY A 1 22 ? 2.563   -23.703 -9.499  1.00 40.92 ? 44  GLY A O   1 
ATOM   150  N N   . GLU A 1 23 ? 2.493   -24.843 -11.462 1.00 40.86 ? 45  GLU A N   1 
ATOM   151  C CA  . GLU A 1 23 ? 3.454   -23.983 -12.154 1.00 40.89 ? 45  GLU A CA  1 
ATOM   152  C C   . GLU A 1 23 ? 3.061   -23.657 -13.590 1.00 40.47 ? 45  GLU A C   1 
ATOM   153  O O   . GLU A 1 23 ? 3.757   -22.888 -14.256 1.00 40.21 ? 45  GLU A O   1 
ATOM   154  C CB  . GLU A 1 23 ? 4.821   -24.663 -12.184 1.00 41.56 ? 45  GLU A CB  1 
ATOM   155  C CG  . GLU A 1 23 ? 4.804   -25.881 -13.059 1.00 41.57 ? 45  GLU A CG  1 
ATOM   156  C CD  . GLU A 1 23 ? 6.117   -26.606 -13.056 1.00 42.34 ? 45  GLU A CD  1 
ATOM   157  O OE1 . GLU A 1 23 ? 6.544   -27.002 -11.949 1.00 42.09 ? 45  GLU A OE1 1 
ATOM   158  O OE2 . GLU A 1 23 ? 6.703   -26.771 -14.151 1.00 41.39 ? 45  GLU A OE2 1 
ATOM   159  N N   . MET A 1 24 ? 1.989   -24.280 -14.080 1.00 40.20 ? 46  MET A N   1 
ATOM   160  C CA  . MET A 1 24 ? 1.472   -24.042 -15.438 1.00 40.46 ? 46  MET A CA  1 
ATOM   161  C C   . MET A 1 24 ? 0.086   -23.428 -15.254 1.00 38.61 ? 46  MET A C   1 
ATOM   162  O O   . MET A 1 24 ? -0.724  -23.945 -14.493 1.00 36.77 ? 46  MET A O   1 
ATOM   163  C CB  . MET A 1 24 ? 1.320   -25.339 -16.235 1.00 42.60 ? 46  MET A CB  1 
ATOM   164  C CG  . MET A 1 24 ? 2.592   -26.133 -16.459 1.00 47.68 ? 46  MET A CG  1 
ATOM   165  S SD  . MET A 1 24 ? 2.318   -27.462 -17.680 1.00 52.23 ? 46  MET A SD  1 
ATOM   166  C CE  . MET A 1 24 ? 1.239   -28.598 -16.682 1.00 51.87 ? 46  MET A CE  1 
ATOM   167  N N   . PHE A 1 25 ? -0.184  -22.336 -15.964 1.00 37.51 ? 47  PHE A N   1 
ATOM   168  C CA  . PHE A 1 25 ? -1.454  -21.643 -15.831 1.00 36.00 ? 47  PHE A CA  1 
ATOM   169  C C   . PHE A 1 25 ? -1.862  -21.082 -17.183 1.00 35.69 ? 47  PHE A C   1 
ATOM   170  O O   . PHE A 1 25 ? -1.045  -21.014 -18.100 1.00 35.31 ? 47  PHE A O   1 
ATOM   171  C CB  . PHE A 1 25 ? -1.292  -20.471 -14.841 1.00 35.98 ? 47  PHE A CB  1 
ATOM   172  C CG  . PHE A 1 25 ? -0.837  -20.880 -13.464 1.00 35.24 ? 47  PHE A CG  1 
ATOM   173  C CD1 . PHE A 1 25 ? -1.773  -21.250 -12.485 1.00 35.26 ? 47  PHE A CD1 1 
ATOM   174  C CD2 . PHE A 1 25 ? 0.520   -20.903 -13.146 1.00 33.54 ? 47  PHE A CD2 1 
ATOM   175  C CE1 . PHE A 1 25 ? -1.353  -21.637 -11.200 1.00 35.80 ? 47  PHE A CE1 1 
ATOM   176  C CE2 . PHE A 1 25 ? 0.950   -21.284 -11.882 1.00 34.50 ? 47  PHE A CE2 1 
ATOM   177  C CZ  . PHE A 1 25 ? 0.015   -21.652 -10.901 1.00 35.45 ? 47  PHE A CZ  1 
ATOM   178  N N   . THR A 1 26 ? -3.134  -20.705 -17.304 1.00 34.70 ? 48  THR A N   1 
ATOM   179  C CA  . THR A 1 26 ? -3.643  -20.066 -18.508 1.00 34.57 ? 48  THR A CA  1 
ATOM   180  C C   . THR A 1 26 ? -3.402  -18.565 -18.239 1.00 35.40 ? 48  THR A C   1 
ATOM   181  O O   . THR A 1 26 ? -3.031  -18.190 -17.122 1.00 34.26 ? 48  THR A O   1 
ATOM   182  C CB  . THR A 1 26 ? -5.170  -20.261 -18.663 1.00 35.70 ? 48  THR A CB  1 
ATOM   183  O OG1 . THR A 1 26 ? -5.833  -19.650 -17.541 1.00 33.29 ? 48  THR A OG1 1 
ATOM   184  C CG2 . THR A 1 26 ? -5.524  -21.767 -18.745 1.00 35.17 ? 48  THR A CG2 1 
ATOM   185  N N   . VAL A 1 27 ? -3.624  -17.722 -19.252 1.00 35.91 ? 49  VAL A N   1 
ATOM   186  C CA  . VAL A 1 27 ? -3.433  -16.280 -19.115 1.00 36.52 ? 49  VAL A CA  1 
ATOM   187  C C   . VAL A 1 27 ? -4.390  -15.730 -18.047 1.00 35.88 ? 49  VAL A C   1 
ATOM   188  O O   . VAL A 1 27 ? -3.998  -15.019 -17.112 1.00 36.19 ? 49  VAL A O   1 
ATOM   189  C CB  . VAL A 1 27 ? -3.726  -15.547 -20.455 1.00 37.01 ? 49  VAL A CB  1 
ATOM   190  C CG1 . VAL A 1 27 ? -3.348  -14.074 -20.340 1.00 38.00 ? 49  VAL A CG1 1 
ATOM   191  C CG2 . VAL A 1 27 ? -2.976  -16.198 -21.602 1.00 39.33 ? 49  VAL A CG2 1 
ATOM   192  N N   . LYS A 1 28 ? -5.658  -16.056 -18.200 1.00 35.84 ? 50  LYS A N   1 
ATOM   193  C CA  . LYS A 1 28 ? -6.669  -15.612 -17.260 1.00 35.07 ? 50  LYS A CA  1 
ATOM   194  C C   . LYS A 1 28 ? -6.387  -16.111 -15.833 1.00 33.08 ? 50  LYS A C   1 
ATOM   195  O O   . LYS A 1 28 ? -6.753  -15.463 -14.852 1.00 32.66 ? 50  LYS A O   1 
ATOM   196  C CB  . LYS A 1 28 ? -8.061  -16.094 -17.699 1.00 37.43 ? 50  LYS A CB  1 
ATOM   197  C CG  . LYS A 1 28 ? -8.574  -15.556 -19.055 1.00 40.84 ? 50  LYS A CG  1 
ATOM   198  C CD  . LYS A 1 28 ? -8.315  -14.072 -19.256 1.00 43.32 ? 50  LYS A CD  1 
ATOM   199  C CE  . LYS A 1 28 ? -9.016  -13.177 -18.243 1.00 45.40 ? 50  LYS A CE  1 
ATOM   200  N NZ  . LYS A 1 28 ? -8.381  -11.823 -18.265 1.00 47.44 ? 50  LYS A NZ  1 
ATOM   201  N N   . GLU A 1 29 ? -5.750  -17.266 -15.718 1.00 31.23 ? 51  GLU A N   1 
ATOM   202  C CA  . GLU A 1 29 ? -5.446  -17.815 -14.406 1.00 31.48 ? 51  GLU A CA  1 
ATOM   203  C C   . GLU A 1 29 ? -4.388  -16.938 -13.769 1.00 29.82 ? 51  GLU A C   1 
ATOM   204  O O   . GLU A 1 29 ? -4.494  -16.562 -12.595 1.00 26.97 ? 51  GLU A O   1 
ATOM   205  C CB  . GLU A 1 29 ? -4.933  -19.242 -14.551 1.00 34.05 ? 51  GLU A CB  1 
ATOM   206  C CG  . GLU A 1 29 ? -5.761  -20.235 -13.793 1.00 38.81 ? 51  GLU A CG  1 
ATOM   207  C CD  . GLU A 1 29 ? -5.515  -21.649 -14.247 1.00 42.19 ? 51  GLU A CD  1 
ATOM   208  O OE1 . GLU A 1 29 ? -4.351  -21.969 -14.588 1.00 40.60 ? 51  GLU A OE1 1 
ATOM   209  O OE2 . GLU A 1 29 ? -6.489  -22.447 -14.246 1.00 44.73 ? 51  GLU A OE2 1 
ATOM   210  N N   . VAL A 1 30 ? -3.373  -16.589 -14.563 1.00 29.57 ? 52  VAL A N   1 
ATOM   211  C CA  . VAL A 1 30 ? -2.321  -15.730 -14.058 1.00 28.94 ? 52  VAL A CA  1 
ATOM   212  C C   . VAL A 1 30 ? -2.944  -14.427 -13.615 1.00 28.48 ? 52  VAL A C   1 
ATOM   213  O O   . VAL A 1 30 ? -2.672  -13.965 -12.507 1.00 26.15 ? 52  VAL A O   1 
ATOM   214  C CB  . VAL A 1 30 ? -1.222  -15.450 -15.110 1.00 29.75 ? 52  VAL A CB  1 
ATOM   215  C CG1 . VAL A 1 30 ? -0.227  -14.431 -14.564 1.00 29.43 ? 52  VAL A CG1 1 
ATOM   216  C CG2 . VAL A 1 30 ? -0.489  -16.742 -15.445 1.00 29.21 ? 52  VAL A CG2 1 
ATOM   217  N N   . MET A 1 31 ? -3.809  -13.857 -14.454 1.00 26.68 ? 53  MET A N   1 
ATOM   218  C CA  . MET A 1 31 ? -4.450  -12.586 -14.122 1.00 28.03 ? 53  MET A CA  1 
ATOM   219  C C   . MET A 1 31 ? -5.312  -12.667 -12.846 1.00 28.55 ? 53  MET A C   1 
ATOM   220  O O   . MET A 1 31 ? -5.307  -11.760 -12.020 1.00 27.30 ? 53  MET A O   1 
ATOM   221  C CB  . MET A 1 31 ? -5.308  -12.098 -15.293 1.00 27.36 ? 53  MET A CB  1 
ATOM   222  C CG  . MET A 1 31 ? -4.541  -11.874 -16.588 1.00 30.70 ? 53  MET A CG  1 
ATOM   223  S SD  . MET A 1 31 ? -3.308  -10.585 -16.413 1.00 32.94 ? 53  MET A SD  1 
ATOM   224  C CE  . MET A 1 31 ? -4.310  -9.113  -16.658 1.00 32.26 ? 53  MET A CE  1 
ATOM   225  N N   . HIS A 1 32 ? -6.029  -13.767 -12.684 1.00 29.25 ? 54  HIS A N   1 
ATOM   226  C CA  . HIS A 1 32 ? -6.886  -13.950 -11.524 1.00 29.66 ? 54  HIS A CA  1 
ATOM   227  C C   . HIS A 1 32 ? -6.093  -13.911 -10.200 1.00 30.49 ? 54  HIS A C   1 
ATOM   228  O O   . HIS A 1 32 ? -6.431  -13.175 -9.268  1.00 27.48 ? 54  HIS A O   1 
ATOM   229  C CB  . HIS A 1 32 ? -7.600  -15.290 -11.621 1.00 31.03 ? 54  HIS A CB  1 
ATOM   230  C CG  . HIS A 1 32 ? -8.246  -15.711 -10.338 1.00 32.49 ? 54  HIS A CG  1 
ATOM   231  N ND1 . HIS A 1 32 ? -9.430  -15.167 -9.894  1.00 33.33 ? 54  HIS A ND1 1 
ATOM   232  C CD2 . HIS A 1 32 ? -7.826  -16.553 -9.365  1.00 33.72 ? 54  HIS A CD2 1 
ATOM   233  C CE1 . HIS A 1 32 ? -9.708  -15.652 -8.695  1.00 34.96 ? 54  HIS A CE1 1 
ATOM   234  N NE2 . HIS A 1 32 ? -8.752  -16.493 -8.349  1.00 33.26 ? 54  HIS A NE2 1 
ATOM   235  N N   . TYR A 1 33 ? -5.052  -14.726 -10.116 1.00 29.57 ? 55  TYR A N   1 
ATOM   236  C CA  . TYR A 1 33 ? -4.272  -14.761 -8.892  1.00 30.87 ? 55  TYR A CA  1 
ATOM   237  C C   . TYR A 1 33 ? -3.522  -13.469 -8.632  1.00 29.73 ? 55  TYR A C   1 
ATOM   238  O O   . TYR A 1 33 ? -3.320  -13.059 -7.466  1.00 31.24 ? 55  TYR A O   1 
ATOM   239  C CB  . TYR A 1 33 ? -3.316  -15.929 -8.929  1.00 31.25 ? 55  TYR A CB  1 
ATOM   240  C CG  . TYR A 1 33 ? -4.019  -17.231 -8.743  1.00 34.81 ? 55  TYR A CG  1 
ATOM   241  C CD1 . TYR A 1 33 ? -4.648  -17.527 -7.533  1.00 36.92 ? 55  TYR A CD1 1 
ATOM   242  C CD2 . TYR A 1 33 ? -4.062  -18.179 -9.771  1.00 35.67 ? 55  TYR A CD2 1 
ATOM   243  C CE1 . TYR A 1 33 ? -5.311  -18.755 -7.342  1.00 38.40 ? 55  TYR A CE1 1 
ATOM   244  C CE2 . TYR A 1 33 ? -4.710  -19.411 -9.593  1.00 39.00 ? 55  TYR A CE2 1 
ATOM   245  C CZ  . TYR A 1 33 ? -5.328  -19.688 -8.372  1.00 40.85 ? 55  TYR A CZ  1 
ATOM   246  O OH  . TYR A 1 33 ? -5.919  -20.915 -8.163  1.00 43.37 ? 55  TYR A OH  1 
ATOM   247  N N   . LEU A 1 34 ? -3.110  -12.801 -9.707  1.00 28.17 ? 56  LEU A N   1 
ATOM   248  C CA  . LEU A 1 34 ? -2.408  -11.526 -9.557  1.00 26.70 ? 56  LEU A CA  1 
ATOM   249  C C   . LEU A 1 34 ? -3.375  -10.480 -8.962  1.00 26.42 ? 56  LEU A C   1 
ATOM   250  O O   . LEU A 1 34 ? -2.992  -9.679  -8.108  1.00 25.29 ? 56  LEU A O   1 
ATOM   251  C CB  . LEU A 1 34 ? -1.849  -11.078 -10.927 1.00 27.47 ? 56  LEU A CB  1 
ATOM   252  C CG  . LEU A 1 34 ? -0.673  -10.112 -10.864 1.00 31.12 ? 56  LEU A CG  1 
ATOM   253  C CD1 . LEU A 1 34 ? 0.480   -10.825 -10.102 1.00 31.28 ? 56  LEU A CD1 1 
ATOM   254  C CD2 . LEU A 1 34 ? -0.203  -9.706  -12.271 1.00 31.25 ? 56  LEU A CD2 1 
ATOM   255  N N   . GLY A 1 35 ? -4.628  -10.489 -9.414  1.00 24.99 ? 57  GLY A N   1 
ATOM   256  C CA  . GLY A 1 35 ? -5.624  -9.573  -8.901  1.00 25.73 ? 57  GLY A CA  1 
ATOM   257  C C   . GLY A 1 35 ? -5.946  -9.918  -7.454  1.00 25.56 ? 57  GLY A C   1 
ATOM   258  O O   . GLY A 1 35 ? -6.171  -9.024  -6.655  1.00 26.33 ? 57  GLY A O   1 
ATOM   259  N N   . GLN A 1 36 ? -5.964  -11.206 -7.119  1.00 28.13 ? 58  GLN A N   1 
ATOM   260  C CA  . GLN A 1 36 ? -6.254  -11.640 -5.747  1.00 30.25 ? 58  GLN A CA  1 
ATOM   261  C C   . GLN A 1 36 ? -5.118  -11.244 -4.806  1.00 29.30 ? 58  GLN A C   1 
ATOM   262  O O   . GLN A 1 36 ? -5.364  -10.912 -3.653  1.00 30.66 ? 58  GLN A O   1 
ATOM   263  C CB  . GLN A 1 36 ? -6.487  -13.149 -5.684  1.00 32.90 ? 58  GLN A CB  1 
ATOM   264  C CG  . GLN A 1 36 ? -7.712  -13.586 -6.452  1.00 36.55 ? 58  GLN A CG  1 
ATOM   265  C CD  . GLN A 1 36 ? -8.986  -12.860 -5.998  1.00 40.28 ? 58  GLN A CD  1 
ATOM   266  O OE1 . GLN A 1 36 ? -9.900  -12.635 -6.805  1.00 43.46 ? 58  GLN A OE1 1 
ATOM   267  N NE2 . GLN A 1 36 ? -9.062  -12.509 -4.706  1.00 39.82 ? 58  GLN A NE2 1 
ATOM   268  N N   . TYR A 1 37 ? -3.885  -11.298 -5.306  1.00 28.73 ? 59  TYR A N   1 
ATOM   269  C CA  . TYR A 1 37 ? -2.705  -10.893 -4.541  1.00 28.91 ? 59  TYR A CA  1 
ATOM   270  C C   . TYR A 1 37 ? -2.882  -9.419  -4.183  1.00 28.88 ? 59  TYR A C   1 
ATOM   271  O O   . TYR A 1 37 ? -2.768  -9.041  -3.025  1.00 28.90 ? 59  TYR A O   1 
ATOM   272  C CB  . TYR A 1 37 ? -1.459  -11.023 -5.407  1.00 28.18 ? 59  TYR A CB  1 
ATOM   273  C CG  . TYR A 1 37 ? -0.167  -10.650 -4.725  1.00 29.28 ? 59  TYR A CG  1 
ATOM   274  C CD1 . TYR A 1 37 ? 0.532   -11.586 -3.960  1.00 30.04 ? 59  TYR A CD1 1 
ATOM   275  C CD2 . TYR A 1 37 ? 0.376   -9.369  -4.856  1.00 29.66 ? 59  TYR A CD2 1 
ATOM   276  C CE1 . TYR A 1 37 ? 1.740   -11.267 -3.348  1.00 28.71 ? 59  TYR A CE1 1 
ATOM   277  C CE2 . TYR A 1 37 ? 1.589   -9.028  -4.244  1.00 30.38 ? 59  TYR A CE2 1 
ATOM   278  C CZ  . TYR A 1 37 ? 2.273   -9.992  -3.497  1.00 31.00 ? 59  TYR A CZ  1 
ATOM   279  O OH  . TYR A 1 37 ? 3.514   -9.707  -2.978  1.00 28.97 ? 59  TYR A OH  1 
ATOM   280  N N   . ILE A 1 38 ? -3.178  -8.591  -5.185  1.00 26.10 ? 60  ILE A N   1 
ATOM   281  C CA  . ILE A 1 38 ? -3.340  -7.157  -4.950  1.00 27.35 ? 60  ILE A CA  1 
ATOM   282  C C   . ILE A 1 38 ? -4.512  -6.857  -4.025  1.00 28.34 ? 60  ILE A C   1 
ATOM   283  O O   . ILE A 1 38 ? -4.432  -5.961  -3.185  1.00 28.60 ? 60  ILE A O   1 
ATOM   284  C CB  . ILE A 1 38 ? -3.541  -6.366  -6.285  1.00 24.17 ? 60  ILE A CB  1 
ATOM   285  C CG1 . ILE A 1 38 ? -2.259  -6.481  -7.135  1.00 24.63 ? 60  ILE A CG1 1 
ATOM   286  C CG2 . ILE A 1 38 ? -3.942  -4.873  -5.956  1.00 24.41 ? 60  ILE A CG2 1 
ATOM   287  C CD1 . ILE A 1 38 ? -2.390  -6.178  -8.666  1.00 21.25 ? 60  ILE A CD1 1 
ATOM   288  N N   . MET A 1 39 ? -5.599  -7.592  -4.198  1.00 29.47 ? 61  MET A N   1 
ATOM   289  C CA  . MET A 1 39 ? -6.789  -7.392  -3.383  1.00 33.64 ? 61  MET A CA  1 
ATOM   290  C C   . MET A 1 39 ? -6.540  -7.811  -1.952  1.00 34.93 ? 61  MET A C   1 
ATOM   291  O O   . MET A 1 39 ? -6.880  -7.083  -1.008  1.00 34.30 ? 61  MET A O   1 
ATOM   292  C CB  . MET A 1 39 ? -7.966  -8.204  -3.941  1.00 37.81 ? 61  MET A CB  1 
ATOM   293  C CG  . MET A 1 39 ? -9.135  -7.361  -4.422  1.00 44.20 ? 61  MET A CG  1 
ATOM   294  S SD  . MET A 1 39 ? -10.440 -8.366  -5.185  1.00 48.77 ? 61  MET A SD  1 
ATOM   295  C CE  . MET A 1 39 ? -11.627 -8.450  -3.842  1.00 47.52 ? 61  MET A CE  1 
ATOM   296  N N   . VAL A 1 40 ? -5.966  -8.997  -1.783  1.00 34.97 ? 62  VAL A N   1 
ATOM   297  C CA  . VAL A 1 40 ? -5.704  -9.501  -0.453  1.00 36.01 ? 62  VAL A CA  1 
ATOM   298  C C   . VAL A 1 40 ? -4.781  -8.602  0.340   1.00 36.02 ? 62  VAL A C   1 
ATOM   299  O O   . VAL A 1 40 ? -5.072  -8.264  1.503   1.00 36.68 ? 62  VAL A O   1 
ATOM   300  C CB  . VAL A 1 40 ? -5.089  -10.930 -0.478  1.00 36.73 ? 62  VAL A CB  1 
ATOM   301  C CG1 . VAL A 1 40 ? -4.506  -11.272 0.898   1.00 38.76 ? 62  VAL A CG1 1 
ATOM   302  C CG2 . VAL A 1 40 ? -6.159  -11.955 -0.845  1.00 37.46 ? 62  VAL A CG2 1 
ATOM   303  N N   . LYS A 1 41 ? -3.663  -8.215  -0.267  1.00 34.50 ? 63  LYS A N   1 
ATOM   304  C CA  . LYS A 1 41 ? -2.714  -7.379  0.428   1.00 32.63 ? 63  LYS A CA  1 
ATOM   305  C C   . LYS A 1 41 ? -3.149  -5.936  0.449   1.00 31.73 ? 63  LYS A C   1 
ATOM   306  O O   . LYS A 1 41 ? -2.463  -5.101  1.008   1.00 31.57 ? 63  LYS A O   1 
ATOM   307  C CB  . LYS A 1 41 ? -1.323  -7.524  -0.193  1.00 34.40 ? 63  LYS A CB  1 
ATOM   308  C CG  . LYS A 1 41 ? -0.810  -8.960  -0.120  1.00 35.46 ? 63  LYS A CG  1 
ATOM   309  C CD  . LYS A 1 41 ? 0.650   -9.067  -0.528  1.00 37.19 ? 63  LYS A CD  1 
ATOM   310  C CE  . LYS A 1 41 ? 1.622   -8.729  0.617   1.00 39.83 ? 63  LYS A CE  1 
ATOM   311  N NZ  . LYS A 1 41 ? 3.057   -9.085  0.292   1.00 39.33 ? 63  LYS A NZ  1 
ATOM   312  N N   . GLN A 1 42 ? -4.303  -5.677  -0.144  1.00 29.00 ? 64  GLN A N   1 
ATOM   313  C CA  . GLN A 1 42 ? -4.894  -4.355  -0.222  1.00 28.93 ? 64  GLN A CA  1 
ATOM   314  C C   . GLN A 1 42 ? -3.852  -3.353  -0.715  1.00 26.87 ? 64  GLN A C   1 
ATOM   315  O O   . GLN A 1 42 ? -3.540  -2.371  -0.023  1.00 26.03 ? 64  GLN A O   1 
ATOM   316  C CB  . GLN A 1 42 ? -5.472  -3.940  1.162   1.00 32.60 ? 64  GLN A CB  1 
ATOM   317  C CG  . GLN A 1 42 ? -6.527  -4.932  1.723   1.00 34.29 ? 64  GLN A CG  1 
ATOM   318  C CD  . GLN A 1 42 ? -7.321  -4.387  2.942   1.00 38.48 ? 64  GLN A CD  1 
ATOM   319  O OE1 . GLN A 1 42 ? -6.757  -3.753  3.871   1.00 38.98 ? 64  GLN A OE1 1 
ATOM   320  N NE2 . GLN A 1 42 ? -8.622  -4.651  2.947   1.00 37.41 ? 64  GLN A NE2 1 
ATOM   321  N N   . LEU A 1 43 ? -3.319  -3.591  -1.917  1.00 25.09 ? 65  LEU A N   1 
ATOM   322  C CA  . LEU A 1 43 ? -2.313  -2.673  -2.477  1.00 23.69 ? 65  LEU A CA  1 
ATOM   323  C C   . LEU A 1 43 ? -2.943  -1.503  -3.220  1.00 22.67 ? 65  LEU A C   1 
ATOM   324  O O   . LEU A 1 43 ? -2.256  -0.538  -3.564  1.00 22.88 ? 65  LEU A O   1 
ATOM   325  C CB  . LEU A 1 43 ? -1.346  -3.431  -3.411  1.00 23.12 ? 65  LEU A CB  1 
ATOM   326  C CG  . LEU A 1 43 ? -0.576  -4.544  -2.704  1.00 21.93 ? 65  LEU A CG  1 
ATOM   327  C CD1 . LEU A 1 43 ? 0.393   -5.157  -3.671  1.00 22.96 ? 65  LEU A CD1 1 
ATOM   328  C CD2 . LEU A 1 43 ? 0.183   -3.980  -1.450  1.00 20.30 ? 65  LEU A CD2 1 
ATOM   329  N N   . TYR A 1 44 ? -4.255  -1.559  -3.439  1.00 21.56 ? 66  TYR A N   1 
ATOM   330  C CA  . TYR A 1 44 ? -4.917  -0.478  -4.148  1.00 23.09 ? 66  TYR A CA  1 
ATOM   331  C C   . TYR A 1 44 ? -5.445  0.585   -3.172  1.00 22.67 ? 66  TYR A C   1 
ATOM   332  O O   . TYR A 1 44 ? -5.617  0.322   -1.987  1.00 24.47 ? 66  TYR A O   1 
ATOM   333  C CB  . TYR A 1 44 ? -6.045  -1.053  -5.036  1.00 20.72 ? 66  TYR A CB  1 
ATOM   334  C CG  . TYR A 1 44 ? -7.216  -1.557  -4.258  1.00 25.03 ? 66  TYR A CG  1 
ATOM   335  C CD1 . TYR A 1 44 ? -8.241  -0.670  -3.865  1.00 26.11 ? 66  TYR A CD1 1 
ATOM   336  C CD2 . TYR A 1 44 ? -7.306  -2.897  -3.882  1.00 24.97 ? 66  TYR A CD2 1 
ATOM   337  C CE1 . TYR A 1 44 ? -9.314  -1.105  -3.128  1.00 28.98 ? 66  TYR A CE1 1 
ATOM   338  C CE2 . TYR A 1 44 ? -8.396  -3.348  -3.130  1.00 26.70 ? 66  TYR A CE2 1 
ATOM   339  C CZ  . TYR A 1 44 ? -9.390  -2.443  -2.769  1.00 27.29 ? 66  TYR A CZ  1 
ATOM   340  O OH  . TYR A 1 44 ? -10.515 -2.862  -2.102  1.00 31.36 ? 66  TYR A OH  1 
ATOM   341  N N   . ASP A 1 45 ? -5.688  1.777   -3.676  1.00 24.46 ? 67  ASP A N   1 
ATOM   342  C CA  . ASP A 1 45 ? -6.180  2.872   -2.874  1.00 27.19 ? 67  ASP A CA  1 
ATOM   343  C C   . ASP A 1 45 ? -7.699  2.754   -2.674  1.00 28.86 ? 67  ASP A C   1 
ATOM   344  O O   . ASP A 1 45 ? -8.431  2.318   -3.556  1.00 28.32 ? 67  ASP A O   1 
ATOM   345  C CB  . ASP A 1 45 ? -5.806  4.181   -3.535  1.00 28.73 ? 67  ASP A CB  1 
ATOM   346  C CG  . ASP A 1 45 ? -6.295  5.393   -2.753  1.00 32.83 ? 67  ASP A CG  1 
ATOM   347  O OD1 . ASP A 1 45 ? -7.304  5.987   -3.165  1.00 37.31 ? 67  ASP A OD1 1 
ATOM   348  O OD2 . ASP A 1 45 ? -5.685  5.746   -1.743  1.00 33.05 ? 67  ASP A OD2 1 
ATOM   349  N N   . GLN A 1 46 ? -8.175  3.123   -1.497  1.00 28.97 ? 68  GLN A N   1 
ATOM   350  C CA  . GLN A 1 46 ? -9.600  2.990   -1.228  1.00 31.45 ? 68  GLN A CA  1 
ATOM   351  C C   . GLN A 1 46 ? -10.473 3.961   -1.974  1.00 31.89 ? 68  GLN A C   1 
ATOM   352  O O   . GLN A 1 46 ? -11.617 3.661   -2.281  1.00 31.21 ? 68  GLN A O   1 
ATOM   353  C CB  . GLN A 1 46 ? -9.859  3.115   0.274   1.00 33.56 ? 68  GLN A CB  1 
ATOM   354  C CG  . GLN A 1 46 ? -9.506  1.858   1.035   1.00 37.13 ? 68  GLN A CG  1 
ATOM   355  C CD  . GLN A 1 46 ? -10.257 0.656   0.516   1.00 41.37 ? 68  GLN A CD  1 
ATOM   356  O OE1 . GLN A 1 46 ? -11.454 0.750   0.207   1.00 44.07 ? 68  GLN A OE1 1 
ATOM   357  N NE2 . GLN A 1 46 ? -9.573  -0.492  0.421   1.00 42.97 ? 68  GLN A NE2 1 
ATOM   358  N N   . GLN A 1 47 ? -9.931  5.127   -2.267  1.00 34.84 ? 69  GLN A N   1 
ATOM   359  C CA  . GLN A 1 47 ? -10.673 6.167   -2.964  1.00 37.32 ? 69  GLN A CA  1 
ATOM   360  C C   . GLN A 1 47 ? -10.550 6.034   -4.488  1.00 37.74 ? 69  GLN A C   1 
ATOM   361  O O   . GLN A 1 47 ? -11.547 6.113   -5.209  1.00 39.43 ? 69  GLN A O   1 
ATOM   362  C CB  . GLN A 1 47 ? -10.153 7.526   -2.499  1.00 40.12 ? 69  GLN A CB  1 
ATOM   363  C CG  . GLN A 1 47 ? -11.219 8.533   -2.145  1.00 42.90 ? 69  GLN A CG  1 
ATOM   364  C CD  . GLN A 1 47 ? -11.499 8.631   -0.641  1.00 41.73 ? 69  GLN A CD  1 
ATOM   365  O OE1 . GLN A 1 47 ? -11.868 9.685   -0.183  1.00 37.61 ? 69  GLN A OE1 1 
ATOM   366  N NE2 . GLN A 1 47 ? -11.326 7.527   0.121   1.00 43.41 ? 69  GLN A NE2 1 
ATOM   367  N N   . GLU A 1 48 ? -9.320  5.847   -4.975  1.00 37.42 ? 70  GLU A N   1 
ATOM   368  C CA  . GLU A 1 48 ? -9.044  5.678   -6.403  1.00 35.47 ? 70  GLU A CA  1 
ATOM   369  C C   . GLU A 1 48 ? -8.627  4.223   -6.553  1.00 32.53 ? 70  GLU A C   1 
ATOM   370  O O   . GLU A 1 48 ? -7.443  3.949   -6.673  1.00 29.64 ? 70  GLU A O   1 
ATOM   371  C CB  . GLU A 1 48 ? -7.877  6.562   -6.836  1.00 37.92 ? 70  GLU A CB  1 
ATOM   372  C CG  . GLU A 1 48 ? -8.202  8.013   -6.985  1.00 43.63 ? 70  GLU A CG  1 
ATOM   373  C CD  . GLU A 1 48 ? -7.804  8.516   -8.346  1.00 46.69 ? 70  GLU A CD  1 
ATOM   374  O OE1 . GLU A 1 48 ? -6.581  8.587   -8.635  1.00 49.10 ? 70  GLU A OE1 1 
ATOM   375  O OE2 . GLU A 1 48 ? -8.723  8.821   -9.138  1.00 50.35 ? 70  GLU A OE2 1 
ATOM   376  N N   . GLN A 1 49 ? -9.592  3.302   -6.566  1.00 31.10 ? 71  GLN A N   1 
ATOM   377  C CA  . GLN A 1 49 ? -9.284  1.874   -6.621  1.00 29.40 ? 71  GLN A CA  1 
ATOM   378  C C   . GLN A 1 49 ? -8.512  1.359   -7.838  1.00 26.20 ? 71  GLN A C   1 
ATOM   379  O O   . GLN A 1 49 ? -8.076  0.219   -7.828  1.00 25.11 ? 71  GLN A O   1 
ATOM   380  C CB  . GLN A 1 49 ? -10.546 1.041   -6.437  1.00 30.60 ? 71  GLN A CB  1 
ATOM   381  C CG  . GLN A 1 49 ? -11.428 1.522   -5.275  1.00 33.74 ? 71  GLN A CG  1 
ATOM   382  C CD  . GLN A 1 49 ? -12.008 0.377   -4.485  1.00 33.87 ? 71  GLN A CD  1 
ATOM   383  O OE1 . GLN A 1 49 ? -12.002 -0.759  -4.935  1.00 36.71 ? 71  GLN A OE1 1 
ATOM   384  N NE2 . GLN A 1 49 ? -12.520 0.670   -3.283  1.00 36.15 ? 71  GLN A NE2 1 
ATOM   385  N N   . HIS A 1 50 ? -8.366  2.163   -8.886  1.00 26.53 ? 72  HIS A N   1 
ATOM   386  C CA  . HIS A 1 50 ? -7.551  1.712   -10.024 1.00 26.95 ? 72  HIS A CA  1 
ATOM   387  C C   . HIS A 1 50 ? -6.056  1.947   -9.681  1.00 26.32 ? 72  HIS A C   1 
ATOM   388  O O   . HIS A 1 50 ? -5.159  1.454   -10.370 1.00 26.08 ? 72  HIS A O   1 
ATOM   389  C CB  . HIS A 1 50 ? -7.905  2.477   -11.308 1.00 26.30 ? 72  HIS A CB  1 
ATOM   390  C CG  . HIS A 1 50 ? -7.901  3.962   -11.162 1.00 29.99 ? 72  HIS A CG  1 
ATOM   391  N ND1 . HIS A 1 50 ? -6.796  4.734   -11.428 1.00 31.39 ? 72  HIS A ND1 1 
ATOM   392  C CD2 . HIS A 1 50 ? -8.879  4.821   -10.777 1.00 31.12 ? 72  HIS A CD2 1 
ATOM   393  C CE1 . HIS A 1 50 ? -7.086  6.007   -11.212 1.00 31.94 ? 72  HIS A CE1 1 
ATOM   394  N NE2 . HIS A 1 50 ? -8.344  6.083   -10.815 1.00 34.47 ? 72  HIS A NE2 1 
ATOM   395  N N   . MET A 1 51 ? -5.793  2.707   -8.619  1.00 24.77 ? 73  MET A N   1 
ATOM   396  C CA  . MET A 1 51 ? -4.422  2.989   -8.216  1.00 23.90 ? 73  MET A CA  1 
ATOM   397  C C   . MET A 1 51 ? -3.883  1.887   -7.292  1.00 22.84 ? 73  MET A C   1 
ATOM   398  O O   . MET A 1 51 ? -4.504  1.521   -6.290  1.00 21.51 ? 73  MET A O   1 
ATOM   399  C CB  . MET A 1 51 ? -4.306  4.368   -7.522  1.00 25.35 ? 73  MET A CB  1 
ATOM   400  C CG  . MET A 1 51 ? -4.416  5.617   -8.452  1.00 28.93 ? 73  MET A CG  1 
ATOM   401  S SD  . MET A 1 51 ? -3.363  5.616   -9.940  1.00 34.52 ? 73  MET A SD  1 
ATOM   402  C CE  . MET A 1 51 ? -1.682  5.500   -9.301  1.00 29.18 ? 73  MET A CE  1 
ATOM   403  N N   . VAL A 1 52 ? -2.714  1.357   -7.652  1.00 22.51 ? 74  VAL A N   1 
ATOM   404  C CA  . VAL A 1 52 ? -2.081  0.297   -6.870  1.00 20.53 ? 74  VAL A CA  1 
ATOM   405  C C   . VAL A 1 52 ? -0.701  0.780   -6.454  1.00 21.27 ? 74  VAL A C   1 
ATOM   406  O O   . VAL A 1 52 ? 0.099   1.209   -7.314  1.00 20.94 ? 74  VAL A O   1 
ATOM   407  C CB  . VAL A 1 52 ? -1.909  -1.014  -7.725  1.00 21.82 ? 74  VAL A CB  1 
ATOM   408  C CG1 . VAL A 1 52 ? -1.172  -2.117  -6.917  1.00 21.11 ? 74  VAL A CG1 1 
ATOM   409  C CG2 . VAL A 1 52 ? -3.241  -1.521  -8.187  1.00 20.21 ? 74  VAL A CG2 1 
ATOM   410  N N   . TYR A 1 53 ? -0.417  0.745   -5.149  1.00 20.48 ? 75  TYR A N   1 
ATOM   411  C CA  . TYR A 1 53 ? 0.912   1.129   -4.649  1.00 20.33 ? 75  TYR A CA  1 
ATOM   412  C C   . TYR A 1 53 ? 1.588   -0.193  -4.290  1.00 20.32 ? 75  TYR A C   1 
ATOM   413  O O   . TYR A 1 53 ? 1.111   -0.908  -3.408  1.00 19.45 ? 75  TYR A O   1 
ATOM   414  C CB  . TYR A 1 53 ? 0.827   2.021   -3.394  1.00 21.43 ? 75  TYR A CB  1 
ATOM   415  C CG  . TYR A 1 53 ? 2.184   2.485   -2.919  1.00 19.73 ? 75  TYR A CG  1 
ATOM   416  C CD1 . TYR A 1 53 ? 2.861   3.527   -3.578  1.00 23.59 ? 75  TYR A CD1 1 
ATOM   417  C CD2 . TYR A 1 53 ? 2.852   1.814   -1.909  1.00 23.17 ? 75  TYR A CD2 1 
ATOM   418  C CE1 . TYR A 1 53 ? 4.190   3.876   -3.257  1.00 21.74 ? 75  TYR A CE1 1 
ATOM   419  C CE2 . TYR A 1 53 ? 4.170   2.153   -1.577  1.00 24.74 ? 75  TYR A CE2 1 
ATOM   420  C CZ  . TYR A 1 53 ? 4.837   3.187   -2.267  1.00 24.07 ? 75  TYR A CZ  1 
ATOM   421  O OH  . TYR A 1 53 ? 6.155   3.485   -1.947  1.00 25.17 ? 75  TYR A OH  1 
ATOM   422  N N   . CYS A 1 54 ? 2.700   -0.496  -4.966  1.00 20.07 ? 76  CYS A N   1 
ATOM   423  C CA  . CYS A 1 54 ? 3.448   -1.768  -4.806  1.00 23.71 ? 76  CYS A CA  1 
ATOM   424  C C   . CYS A 1 54 ? 4.869   -1.531  -4.267  1.00 24.46 ? 76  CYS A C   1 
ATOM   425  O O   . CYS A 1 54 ? 5.661   -2.469  -4.133  1.00 24.98 ? 76  CYS A O   1 
ATOM   426  C CB  . CYS A 1 54 ? 3.480   -2.534  -6.159  1.00 22.17 ? 76  CYS A CB  1 
ATOM   427  S SG  . CYS A 1 54 ? 3.771   -1.469  -7.600  1.00 28.53 ? 76  CYS A SG  1 
ATOM   428  N N   . GLY A 1 55 ? 5.190   -0.277  -3.946  1.00 23.07 ? 77  GLY A N   1 
ATOM   429  C CA  . GLY A 1 55 ? 6.503   0.015   -3.377  1.00 27.04 ? 77  GLY A CA  1 
ATOM   430  C C   . GLY A 1 55 ? 6.689   -0.811  -2.099  1.00 28.31 ? 77  GLY A C   1 
ATOM   431  O O   . GLY A 1 55 ? 5.760   -0.952  -1.309  1.00 28.62 ? 77  GLY A O   1 
ATOM   432  N N   . GLY A 1 56 ? 7.874   -1.382  -1.896  1.00 29.05 ? 78  GLY A N   1 
ATOM   433  C CA  . GLY A 1 56 ? 8.086   -2.169  -0.691  1.00 30.63 ? 78  GLY A CA  1 
ATOM   434  C C   . GLY A 1 56 ? 7.438   -3.554  -0.684  1.00 32.77 ? 78  GLY A C   1 
ATOM   435  O O   . GLY A 1 56 ? 7.389   -4.220  0.340   1.00 33.26 ? 78  GLY A O   1 
ATOM   436  N N   . ASP A 1 57 ? 6.933   -3.990  -1.830  1.00 30.85 ? 79  ASP A N   1 
ATOM   437  C CA  . ASP A 1 57 ? 6.308   -5.293  -1.962  1.00 29.40 ? 79  ASP A CA  1 
ATOM   438  C C   . ASP A 1 57 ? 7.085   -5.947  -3.086  1.00 27.92 ? 79  ASP A C   1 
ATOM   439  O O   . ASP A 1 57 ? 7.624   -5.256  -3.946  1.00 29.19 ? 79  ASP A O   1 
ATOM   440  C CB  . ASP A 1 57 ? 4.833   -5.116  -2.369  1.00 29.94 ? 79  ASP A CB  1 
ATOM   441  C CG  . ASP A 1 57 ? 4.038   -6.411  -2.319  1.00 29.99 ? 79  ASP A CG  1 
ATOM   442  O OD1 . ASP A 1 57 ? 3.301   -6.645  -1.331  1.00 30.85 ? 79  ASP A OD1 1 
ATOM   443  O OD2 . ASP A 1 57 ? 4.142   -7.202  -3.273  1.00 29.19 ? 79  ASP A OD2 1 
ATOM   444  N N   . LEU A 1 58 ? 7.155   -7.276  -3.094  1.00 25.74 ? 80  LEU A N   1 
ATOM   445  C CA  . LEU A 1 58 ? 7.857   -7.937  -4.171  1.00 24.74 ? 80  LEU A CA  1 
ATOM   446  C C   . LEU A 1 58 ? 7.212   -7.642  -5.518  1.00 22.46 ? 80  LEU A C   1 
ATOM   447  O O   . LEU A 1 58 ? 7.849   -7.741  -6.546  1.00 21.85 ? 80  LEU A O   1 
ATOM   448  C CB  . LEU A 1 58 ? 7.879   -9.450  -3.968  1.00 28.37 ? 80  LEU A CB  1 
ATOM   449  C CG  . LEU A 1 58 ? 8.940   -9.895  -2.944  1.00 31.80 ? 80  LEU A CG  1 
ATOM   450  C CD1 . LEU A 1 58 ? 8.751   -11.355 -2.594  1.00 32.92 ? 80  LEU A CD1 1 
ATOM   451  C CD2 . LEU A 1 58 ? 10.331  -9.663  -3.531  1.00 33.47 ? 80  LEU A CD2 1 
ATOM   452  N N   . LEU A 1 59 ? 5.938   -7.294  -5.527  1.00 23.20 ? 81  LEU A N   1 
ATOM   453  C CA  . LEU A 1 59 ? 5.304   -7.023  -6.808  1.00 23.15 ? 81  LEU A CA  1 
ATOM   454  C C   . LEU A 1 59 ? 5.940   -5.764  -7.452  1.00 22.90 ? 81  LEU A C   1 
ATOM   455  O O   . LEU A 1 59 ? 6.122   -5.687  -8.674  1.00 22.48 ? 81  LEU A O   1 
ATOM   456  C CB  . LEU A 1 59 ? 3.800   -6.806  -6.592  1.00 22.62 ? 81  LEU A CB  1 
ATOM   457  C CG  . LEU A 1 59 ? 3.021   -6.464  -7.869  1.00 24.11 ? 81  LEU A CG  1 
ATOM   458  C CD1 . LEU A 1 59 ? 3.290   -7.501  -8.972  1.00 20.56 ? 81  LEU A CD1 1 
ATOM   459  C CD2 . LEU A 1 59 ? 1.537   -6.405  -7.551  1.00 24.88 ? 81  LEU A CD2 1 
ATOM   460  N N   . GLY A 1 60 ? 6.239   -4.775  -6.614  1.00 21.75 ? 82  GLY A N   1 
ATOM   461  C CA  . GLY A 1 60 ? 6.847   -3.548  -7.092  1.00 23.65 ? 82  GLY A CA  1 
ATOM   462  C C   . GLY A 1 60 ? 8.277   -3.799  -7.577  1.00 23.79 ? 82  GLY A C   1 
ATOM   463  O O   . GLY A 1 60 ? 8.765   -3.188  -8.531  1.00 23.70 ? 82  GLY A O   1 
ATOM   464  N N   . GLU A 1 61 ? 8.970   -4.714  -6.928  1.00 24.91 ? 83  GLU A N   1 
ATOM   465  C CA  . GLU A 1 61 ? 10.338  -5.009  -7.363  1.00 27.32 ? 83  GLU A CA  1 
ATOM   466  C C   . GLU A 1 61 ? 10.330  -5.680  -8.734  1.00 27.26 ? 83  GLU A C   1 
ATOM   467  O O   . GLU A 1 61 ? 11.200  -5.421  -9.579  1.00 26.78 ? 83  GLU A O   1 
ATOM   468  C CB  . GLU A 1 61 ? 11.031  -5.890  -6.334  1.00 29.64 ? 83  GLU A CB  1 
ATOM   469  C CG  . GLU A 1 61 ? 12.328  -6.457  -6.816  1.00 36.40 ? 83  GLU A CG  1 
ATOM   470  C CD  . GLU A 1 61 ? 12.953  -7.381  -5.782  1.00 39.04 ? 83  GLU A CD  1 
ATOM   471  O OE1 . GLU A 1 61 ? 13.008  -6.973  -4.604  1.00 39.69 ? 83  GLU A OE1 1 
ATOM   472  O OE2 . GLU A 1 61 ? 13.377  -8.508  -6.155  1.00 42.69 ? 83  GLU A OE2 1 
ATOM   473  N N   . LEU A 1 62 ? 9.307   -6.497  -8.974  1.00 26.68 ? 84  LEU A N   1 
ATOM   474  C CA  . LEU A 1 62 ? 9.176   -7.193  -10.237 1.00 28.01 ? 84  LEU A CA  1 
ATOM   475  C C   . LEU A 1 62 ? 8.705   -6.227  -11.325 1.00 27.45 ? 84  LEU A C   1 
ATOM   476  O O   . LEU A 1 62 ? 9.197   -6.265  -12.458 1.00 27.01 ? 84  LEU A O   1 
ATOM   477  C CB  . LEU A 1 62 ? 8.186   -8.350  -10.098 1.00 29.41 ? 84  LEU A CB  1 
ATOM   478  C CG  . LEU A 1 62 ? 8.028   -9.272  -11.305 1.00 32.13 ? 84  LEU A CG  1 
ATOM   479  C CD1 . LEU A 1 62 ? 9.372   -9.886  -11.597 1.00 32.89 ? 84  LEU A CD1 1 
ATOM   480  C CD2 . LEU A 1 62 ? 6.981   -10.342 -11.029 1.00 33.10 ? 84  LEU A CD2 1 
ATOM   481  N N   . LEU A 1 63 ? 7.763   -5.351  -10.989 1.00 26.57 ? 85  LEU A N   1 
ATOM   482  C CA  . LEU A 1 63 ? 7.266   -4.387  -11.970 1.00 27.71 ? 85  LEU A CA  1 
ATOM   483  C C   . LEU A 1 63 ? 8.249   -3.283  -12.304 1.00 27.81 ? 85  LEU A C   1 
ATOM   484  O O   . LEU A 1 63 ? 8.126   -2.657  -13.356 1.00 28.18 ? 85  LEU A O   1 
ATOM   485  C CB  . LEU A 1 63 ? 6.002   -3.693  -11.484 1.00 27.64 ? 85  LEU A CB  1 
ATOM   486  C CG  . LEU A 1 63 ? 4.752   -4.524  -11.294 1.00 30.60 ? 85  LEU A CG  1 
ATOM   487  C CD1 . LEU A 1 63 ? 3.649   -3.628  -10.713 1.00 31.17 ? 85  LEU A CD1 1 
ATOM   488  C CD2 . LEU A 1 63 ? 4.331   -5.134  -12.611 1.00 32.61 ? 85  LEU A CD2 1 
ATOM   489  N N   . GLY A 1 64 ? 9.193   -3.026  -11.403 1.00 26.88 ? 86  GLY A N   1 
ATOM   490  C CA  . GLY A 1 64 ? 10.167  -1.967  -11.615 1.00 26.80 ? 86  GLY A CA  1 
ATOM   491  C C   . GLY A 1 64 ? 9.553   -0.606  -11.297 1.00 27.35 ? 86  GLY A C   1 
ATOM   492  O O   . GLY A 1 64 ? 10.082  0.436   -11.715 1.00 25.46 ? 86  GLY A O   1 
ATOM   493  N N   . ARG A 1 65 ? 8.471   -0.621  -10.505 1.00 27.20 ? 87  ARG A N   1 
ATOM   494  C CA  . ARG A 1 65 ? 7.692   0.587   -10.168 1.00 28.91 ? 87  ARG A CA  1 
ATOM   495  C C   . ARG A 1 65 ? 7.192   0.643   -8.727  1.00 28.78 ? 87  ARG A C   1 
ATOM   496  O O   . ARG A 1 65 ? 7.057   -0.393  -8.073  1.00 28.91 ? 87  ARG A O   1 
ATOM   497  C CB  . ARG A 1 65 ? 6.448   0.634   -11.073 1.00 30.78 ? 87  ARG A CB  1 
ATOM   498  C CG  . ARG A 1 65 ? 6.808   0.550   -12.511 1.00 33.92 ? 87  ARG A CG  1 
ATOM   499  C CD  . ARG A 1 65 ? 5.615   0.605   -13.370 1.00 34.03 ? 87  ARG A CD  1 
ATOM   500  N NE  . ARG A 1 65 ? 4.774   1.725   -13.009 1.00 34.39 ? 87  ARG A NE  1 
ATOM   501  C CZ  . ARG A 1 65 ? 4.585   2.813   -13.751 1.00 34.93 ? 87  ARG A CZ  1 
ATOM   502  N NH1 . ARG A 1 65 ? 5.203   2.954   -14.936 1.00 27.62 ? 87  ARG A NH1 1 
ATOM   503  N NH2 . ARG A 1 65 ? 3.720   3.729   -13.314 1.00 33.87 ? 87  ARG A NH2 1 
ATOM   504  N N   . GLN A 1 66 ? 6.943   1.848   -8.214  1.00 27.71 ? 88  GLN A N   1 
ATOM   505  C CA  . GLN A 1 66 ? 6.394   1.932   -6.882  1.00 28.31 ? 88  GLN A CA  1 
ATOM   506  C C   . GLN A 1 66 ? 4.872   2.010   -6.991  1.00 27.66 ? 88  GLN A C   1 
ATOM   507  O O   . GLN A 1 66 ? 4.199   1.848   -5.987  1.00 25.23 ? 88  GLN A O   1 
ATOM   508  C CB  . GLN A 1 66 ? 6.946   3.131   -6.130  1.00 33.59 ? 88  GLN A CB  1 
ATOM   509  C CG  . GLN A 1 66 ? 8.328   2.840   -5.529  1.00 39.35 ? 88  GLN A CG  1 
ATOM   510  C CD  . GLN A 1 66 ? 9.091   4.119   -5.250  1.00 44.48 ? 88  GLN A CD  1 
ATOM   511  O OE1 . GLN A 1 66 ? 9.918   4.183   -4.336  1.00 47.46 ? 88  GLN A OE1 1 
ATOM   512  N NE2 . GLN A 1 66 ? 8.827   5.154   -6.054  1.00 47.26 ? 88  GLN A NE2 1 
ATOM   513  N N   . SER A 1 67 ? 4.336   2.264   -8.196  1.00 25.35 ? 89  SER A N   1 
ATOM   514  C CA  . SER A 1 67 ? 2.886   2.293   -8.397  1.00 24.29 ? 89  SER A CA  1 
ATOM   515  C C   . SER A 1 67 ? 2.453   2.177   -9.874  1.00 24.23 ? 89  SER A C   1 
ATOM   516  O O   . SER A 1 67 ? 3.253   2.353   -10.801 1.00 23.53 ? 89  SER A O   1 
ATOM   517  C CB  . SER A 1 67 ? 2.275   3.562   -7.791  1.00 24.36 ? 89  SER A CB  1 
ATOM   518  O OG  . SER A 1 67 ? 2.675   4.717   -8.503  1.00 24.63 ? 89  SER A OG  1 
ATOM   519  N N   . PHE A 1 68 ? 1.184   1.868   -10.076 1.00 22.91 ? 90  PHE A N   1 
ATOM   520  C CA  . PHE A 1 68 ? 0.632   1.754   -11.428 1.00 23.48 ? 90  PHE A CA  1 
ATOM   521  C C   . PHE A 1 68 ? -0.861  1.860   -11.357 1.00 23.44 ? 90  PHE A C   1 
ATOM   522  O O   . PHE A 1 68 ? -1.441  1.791   -10.271 1.00 22.16 ? 90  PHE A O   1 
ATOM   523  C CB  . PHE A 1 68 ? 1.082   0.437   -12.096 1.00 24.35 ? 90  PHE A CB  1 
ATOM   524  C CG  . PHE A 1 68 ? 0.442   -0.815  -11.531 1.00 24.49 ? 90  PHE A CG  1 
ATOM   525  C CD1 . PHE A 1 68 ? -0.712  -1.337  -12.103 1.00 29.18 ? 90  PHE A CD1 1 
ATOM   526  C CD2 . PHE A 1 68 ? 1.003   -1.469  -10.430 1.00 27.48 ? 90  PHE A CD2 1 
ATOM   527  C CE1 . PHE A 1 68 ? -1.330  -2.511  -11.585 1.00 27.30 ? 90  PHE A CE1 1 
ATOM   528  C CE2 . PHE A 1 68 ? 0.414   -2.631  -9.906  1.00 28.18 ? 90  PHE A CE2 1 
ATOM   529  C CZ  . PHE A 1 68 ? -0.756  -3.145  -10.487 1.00 27.59 ? 90  PHE A CZ  1 
ATOM   530  N N   . SER A 1 69 ? -1.480  2.102   -12.511 1.00 23.80 ? 91  SER A N   1 
ATOM   531  C CA  . SER A 1 69 ? -2.917  2.235   -12.602 1.00 23.61 ? 91  SER A CA  1 
ATOM   532  C C   . SER A 1 69 ? -3.498  1.102   -13.433 1.00 24.93 ? 91  SER A C   1 
ATOM   533  O O   . SER A 1 69 ? -3.008  0.801   -14.517 1.00 24.87 ? 91  SER A O   1 
ATOM   534  C CB  . SER A 1 69 ? -3.292  3.598   -13.237 1.00 23.30 ? 91  SER A CB  1 
ATOM   535  O OG  . SER A 1 69 ? -4.700  3.706   -13.370 1.00 26.11 ? 91  SER A OG  1 
ATOM   536  N N   . VAL A 1 70 ? -4.548  0.464   -12.938 1.00 25.02 ? 92  VAL A N   1 
ATOM   537  C CA  . VAL A 1 70 ? -5.163  -0.626  -13.687 1.00 25.64 ? 92  VAL A CA  1 
ATOM   538  C C   . VAL A 1 70 ? -5.812  -0.077  -14.963 1.00 27.46 ? 92  VAL A C   1 
ATOM   539  O O   . VAL A 1 70 ? -6.068  -0.823  -15.908 1.00 27.06 ? 92  VAL A O   1 
ATOM   540  C CB  . VAL A 1 70 ? -6.245  -1.322  -12.878 1.00 26.18 ? 92  VAL A CB  1 
ATOM   541  C CG1 . VAL A 1 70 ? -6.849  -2.475  -13.717 1.00 24.90 ? 92  VAL A CG1 1 
ATOM   542  C CG2 . VAL A 1 70 ? -5.670  -1.821  -11.593 1.00 25.35 ? 92  VAL A CG2 1 
ATOM   543  N N   . LYS A 1 71 ? -6.063  1.225   -14.960 1.00 28.56 ? 93  LYS A N   1 
ATOM   544  C CA  . LYS A 1 71 ? -6.663  1.907   -16.108 1.00 32.33 ? 93  LYS A CA  1 
ATOM   545  C C   . LYS A 1 71 ? -5.642  2.073   -17.252 1.00 32.28 ? 93  LYS A C   1 
ATOM   546  O O   . LYS A 1 71 ? -6.044  2.285   -18.387 1.00 34.32 ? 93  LYS A O   1 
ATOM   547  C CB  . LYS A 1 71 ? -7.222  3.266   -15.674 1.00 36.23 ? 93  LYS A CB  1 
ATOM   548  C CG  . LYS A 1 71 ? -7.999  3.995   -16.763 1.00 41.54 ? 93  LYS A CG  1 
ATOM   549  C CD  . LYS A 1 71 ? -8.877  5.146   -16.204 1.00 46.42 ? 93  LYS A CD  1 
ATOM   550  C CE  . LYS A 1 71 ? -8.047  6.342   -15.745 1.00 46.56 ? 93  LYS A CE  1 
ATOM   551  N NZ  . LYS A 1 71 ? -7.153  5.970   -14.605 1.00 49.74 ? 93  LYS A NZ  1 
ATOM   552  N N   . ASP A 1 72 ? -4.339  1.962   -16.955 1.00 30.71 ? 94  ASP A N   1 
ATOM   553  C CA  . ASP A 1 72 ? -3.239  2.066   -17.964 1.00 30.07 ? 94  ASP A CA  1 
ATOM   554  C C   . ASP A 1 72 ? -2.295  0.902   -17.659 1.00 26.45 ? 94  ASP A C   1 
ATOM   555  O O   . ASP A 1 72 ? -1.171  1.092   -17.211 1.00 24.46 ? 94  ASP A O   1 
ATOM   556  C CB  . ASP A 1 72 ? -2.485  3.384   -17.800 1.00 33.21 ? 94  ASP A CB  1 
ATOM   557  C CG  . ASP A 1 72 ? -3.415  4.551   -17.697 1.00 38.48 ? 94  ASP A CG  1 
ATOM   558  O OD1 . ASP A 1 72 ? -4.240  4.715   -18.633 1.00 41.02 ? 94  ASP A OD1 1 
ATOM   559  O OD2 . ASP A 1 72 ? -3.339  5.289   -16.676 1.00 41.92 ? 94  ASP A OD2 1 
ATOM   560  N N   . PRO A 1 73 ? -2.750  -0.316  -17.945 1.00 25.42 ? 95  PRO A N   1 
ATOM   561  C CA  . PRO A 1 73 ? -2.015  -1.548  -17.693 1.00 23.80 ? 95  PRO A CA  1 
ATOM   562  C C   . PRO A 1 73 ? -0.731  -1.845  -18.408 1.00 21.98 ? 95  PRO A C   1 
ATOM   563  O O   . PRO A 1 73 ? -0.120  -2.870  -18.125 1.00 22.98 ? 95  PRO A O   1 
ATOM   564  C CB  . PRO A 1 73 ? -3.073  -2.611  -17.924 1.00 24.23 ? 95  PRO A CB  1 
ATOM   565  C CG  . PRO A 1 73 ? -3.830  -2.049  -19.088 1.00 24.66 ? 95  PRO A CG  1 
ATOM   566  C CD  . PRO A 1 73 ? -3.987  -0.589  -18.704 1.00 26.14 ? 95  PRO A CD  1 
ATOM   567  N N   . SER A 1 74 ? -0.289  -0.948  -19.287 1.00 22.45 ? 96  SER A N   1 
ATOM   568  C CA  . SER A 1 74 ? 0.920   -1.210  -20.046 1.00 22.31 ? 96  SER A CA  1 
ATOM   569  C C   . SER A 1 74 ? 2.079   -1.780  -19.224 1.00 22.46 ? 96  SER A C   1 
ATOM   570  O O   . SER A 1 74 ? 2.684   -2.800  -19.613 1.00 22.20 ? 96  SER A O   1 
ATOM   571  C CB  . SER A 1 74 ? 1.364   0.069   -20.764 1.00 25.26 ? 96  SER A CB  1 
ATOM   572  O OG  . SER A 1 74 ? 2.158   -0.281  -21.864 1.00 31.46 ? 96  SER A OG  1 
ATOM   573  N N   . PRO A 1 75 ? 2.413   -1.136  -18.075 1.00 21.74 ? 97  PRO A N   1 
ATOM   574  C CA  . PRO A 1 75 ? 3.516   -1.649  -17.259 1.00 22.24 ? 97  PRO A CA  1 
ATOM   575  C C   . PRO A 1 75 ? 3.260   -3.078  -16.773 1.00 21.62 ? 97  PRO A C   1 
ATOM   576  O O   . PRO A 1 75 ? 4.186   -3.866  -16.591 1.00 20.93 ? 97  PRO A O   1 
ATOM   577  C CB  . PRO A 1 75 ? 3.590   -0.654  -16.084 1.00 22.77 ? 97  PRO A CB  1 
ATOM   578  C CG  . PRO A 1 75 ? 2.860   0.605   -16.599 1.00 24.83 ? 97  PRO A CG  1 
ATOM   579  C CD  . PRO A 1 75 ? 1.766   0.032   -17.434 1.00 22.20 ? 97  PRO A CD  1 
ATOM   580  N N   . LEU A 1 76 ? 1.991   -3.399  -16.518 1.00 22.67 ? 98  LEU A N   1 
ATOM   581  C CA  . LEU A 1 76 ? 1.620   -4.724  -16.041 1.00 22.78 ? 98  LEU A CA  1 
ATOM   582  C C   . LEU A 1 76 ? 1.862   -5.758  -17.143 1.00 22.83 ? 98  LEU A C   1 
ATOM   583  O O   . LEU A 1 76 ? 2.474   -6.814  -16.921 1.00 21.09 ? 98  LEU A O   1 
ATOM   584  C CB  . LEU A 1 76 ? 0.142   -4.714  -15.622 1.00 24.77 ? 98  LEU A CB  1 
ATOM   585  C CG  . LEU A 1 76 ? -0.416  -6.089  -15.265 1.00 28.28 ? 98  LEU A CG  1 
ATOM   586  C CD1 . LEU A 1 76 ? 0.159   -6.532  -13.910 1.00 28.15 ? 98  LEU A CD1 1 
ATOM   587  C CD2 . LEU A 1 76 ? -1.938  -5.998  -15.206 1.00 27.68 ? 98  LEU A CD2 1 
ATOM   588  N N   . TYR A 1 77 ? 1.354   -5.469  -18.340 1.00 20.39 ? 99  TYR A N   1 
ATOM   589  C CA  . TYR A 1 77 ? 1.549   -6.360  -19.481 1.00 21.56 ? 99  TYR A CA  1 
ATOM   590  C C   . TYR A 1 77 ? 3.025   -6.502  -19.862 1.00 22.70 ? 99  TYR A C   1 
ATOM   591  O O   . TYR A 1 77 ? 3.459   -7.569  -20.306 1.00 21.53 ? 99  TYR A O   1 
ATOM   592  C CB  . TYR A 1 77 ? 0.775   -5.866  -20.706 1.00 22.04 ? 99  TYR A CB  1 
ATOM   593  C CG  . TYR A 1 77 ? -0.734  -5.714  -20.521 1.00 20.78 ? 99  TYR A CG  1 
ATOM   594  C CD1 . TYR A 1 77 ? -1.461  -6.498  -19.591 1.00 22.91 ? 99  TYR A CD1 1 
ATOM   595  C CD2 . TYR A 1 77 ? -1.455  -4.831  -21.331 1.00 23.06 ? 99  TYR A CD2 1 
ATOM   596  C CE1 . TYR A 1 77 ? -2.875  -6.396  -19.482 1.00 23.96 ? 99  TYR A CE1 1 
ATOM   597  C CE2 . TYR A 1 77 ? -2.857  -4.729  -21.239 1.00 23.29 ? 99  TYR A CE2 1 
ATOM   598  C CZ  . TYR A 1 77 ? -3.562  -5.505  -20.312 1.00 25.37 ? 99  TYR A CZ  1 
ATOM   599  O OH  . TYR A 1 77 ? -4.930  -5.334  -20.202 1.00 26.50 ? 99  TYR A OH  1 
ATOM   600  N N   . ASP A 1 78 ? 3.789   -5.423  -19.701 1.00 21.22 ? 100 ASP A N   1 
ATOM   601  C CA  . ASP A 1 78 ? 5.232   -5.460  -20.013 1.00 21.68 ? 100 ASP A CA  1 
ATOM   602  C C   . ASP A 1 78 ? 5.910   -6.433  -19.007 1.00 21.56 ? 100 ASP A C   1 
ATOM   603  O O   . ASP A 1 78 ? 6.739   -7.242  -19.376 1.00 22.21 ? 100 ASP A O   1 
ATOM   604  C CB  . ASP A 1 78 ? 5.824   -4.046  -19.892 1.00 22.38 ? 100 ASP A CB  1 
ATOM   605  C CG  . ASP A 1 78 ? 7.256   -3.954  -20.415 1.00 25.97 ? 100 ASP A CG  1 
ATOM   606  O OD1 . ASP A 1 78 ? 7.493   -4.262  -21.598 1.00 23.81 ? 100 ASP A OD1 1 
ATOM   607  O OD2 . ASP A 1 78 ? 8.158   -3.565  -19.645 1.00 28.81 ? 100 ASP A OD2 1 
ATOM   608  N N   . MET A 1 79 ? 5.559   -6.341  -17.732 1.00 21.78 ? 101 MET A N   1 
ATOM   609  C CA  . MET A 1 79 ? 6.130   -7.270  -16.731 1.00 21.97 ? 101 MET A CA  1 
ATOM   610  C C   . MET A 1 79 ? 5.743   -8.740  -17.075 1.00 22.58 ? 101 MET A C   1 
ATOM   611  O O   . MET A 1 79 ? 6.575   -9.640  -17.005 1.00 22.91 ? 101 MET A O   1 
ATOM   612  C CB  . MET A 1 79 ? 5.640   -6.885  -15.326 1.00 24.37 ? 101 MET A CB  1 
ATOM   613  C CG  . MET A 1 79 ? 6.072   -7.832  -14.197 1.00 23.69 ? 101 MET A CG  1 
ATOM   614  S SD  . MET A 1 79 ? 5.138   -9.399  -14.035 1.00 29.24 ? 101 MET A SD  1 
ATOM   615  C CE  . MET A 1 79 ? 3.491   -8.847  -13.300 1.00 27.51 ? 101 MET A CE  1 
ATOM   616  N N   . LEU A 1 80 ? 4.491   -8.981  -17.465 1.00 22.27 ? 102 LEU A N   1 
ATOM   617  C CA  . LEU A 1 80 ? 4.070   -10.318 -17.826 1.00 21.79 ? 102 LEU A CA  1 
ATOM   618  C C   . LEU A 1 80 ? 4.837   -10.854 -19.030 1.00 21.20 ? 102 LEU A C   1 
ATOM   619  O O   . LEU A 1 80 ? 5.260   -12.010 -19.012 1.00 22.12 ? 102 LEU A O   1 
ATOM   620  C CB  . LEU A 1 80 ? 2.553   -10.373 -18.081 1.00 20.26 ? 102 LEU A CB  1 
ATOM   621  C CG  . LEU A 1 80 ? 1.663   -10.129 -16.854 1.00 23.48 ? 102 LEU A CG  1 
ATOM   622  C CD1 . LEU A 1 80 ? 0.209   -10.106 -17.253 1.00 22.72 ? 102 LEU A CD1 1 
ATOM   623  C CD2 . LEU A 1 80 ? 1.892   -11.216 -15.806 1.00 25.07 ? 102 LEU A CD2 1 
ATOM   624  N N   . ARG A 1 81 ? 5.034   -10.033 -20.078 1.00 21.45 ? 103 ARG A N   1 
ATOM   625  C CA  . ARG A 1 81 ? 5.783   -10.505 -21.255 1.00 20.09 ? 103 ARG A CA  1 
ATOM   626  C C   . ARG A 1 81 ? 7.192   -10.904 -20.812 1.00 20.60 ? 103 ARG A C   1 
ATOM   627  O O   . ARG A 1 81 ? 7.768   -11.806 -21.371 1.00 17.24 ? 103 ARG A O   1 
ATOM   628  C CB  . ARG A 1 81 ? 5.904   -9.390  -22.314 1.00 20.48 ? 103 ARG A CB  1 
ATOM   629  C CG  . ARG A 1 81 ? 6.795   -9.697  -23.511 1.00 23.82 ? 103 ARG A CG  1 
ATOM   630  C CD  . ARG A 1 81 ? 8.227   -9.135  -23.354 1.00 22.41 ? 103 ARG A CD  1 
ATOM   631  N NE  . ARG A 1 81 ? 8.274   -7.666  -23.499 1.00 23.63 ? 103 ARG A NE  1 
ATOM   632  C CZ  . ARG A 1 81 ? 9.392   -6.963  -23.529 1.00 24.32 ? 103 ARG A CZ  1 
ATOM   633  N NH1 . ARG A 1 81 ? 10.557  -7.585  -23.402 1.00 23.55 ? 103 ARG A NH1 1 
ATOM   634  N NH2 . ARG A 1 81 ? 9.354   -5.648  -23.718 1.00 24.75 ? 103 ARG A NH2 1 
ATOM   635  N N   . LYS A 1 82 ? 7.753   -10.195 -19.836 1.00 20.79 ? 104 LYS A N   1 
ATOM   636  C CA  . LYS A 1 82 ? 9.107   -10.522 -19.364 1.00 22.77 ? 104 LYS A CA  1 
ATOM   637  C C   . LYS A 1 82 ? 9.197   -11.709 -18.378 1.00 23.63 ? 104 LYS A C   1 
ATOM   638  O O   . LYS A 1 82 ? 10.281  -12.269 -18.174 1.00 26.73 ? 104 LYS A O   1 
ATOM   639  C CB  . LYS A 1 82 ? 9.712   -9.273  -18.725 1.00 22.42 ? 104 LYS A CB  1 
ATOM   640  C CG  . LYS A 1 82 ? 10.074  -8.175  -19.776 1.00 25.34 ? 104 LYS A CG  1 
ATOM   641  C CD  . LYS A 1 82 ? 10.343  -6.834  -19.098 1.00 26.80 ? 104 LYS A CD  1 
ATOM   642  C CE  . LYS A 1 82 ? 10.611  -5.665  -20.077 1.00 27.83 ? 104 LYS A CE  1 
ATOM   643  N NZ  . LYS A 1 82 ? 10.783  -4.389  -19.275 1.00 29.21 ? 104 LYS A NZ  1 
ATOM   644  N N   . ASN A 1 83 ? 8.055   -12.094 -17.809 1.00 23.57 ? 105 ASN A N   1 
ATOM   645  C CA  . ASN A 1 83 ? 7.953   -13.135 -16.806 1.00 23.68 ? 105 ASN A CA  1 
ATOM   646  C C   . ASN A 1 83 ? 7.035   -14.314 -17.072 1.00 24.45 ? 105 ASN A C   1 
ATOM   647  O O   . ASN A 1 83 ? 6.779   -15.102 -16.158 1.00 25.79 ? 105 ASN A O   1 
ATOM   648  C CB  . ASN A 1 83 ? 7.581   -12.478 -15.477 1.00 23.46 ? 105 ASN A CB  1 
ATOM   649  C CG  . ASN A 1 83 ? 8.708   -11.651 -14.917 1.00 26.23 ? 105 ASN A CG  1 
ATOM   650  O OD1 . ASN A 1 83 ? 9.606   -12.185 -14.275 1.00 28.17 ? 105 ASN A OD1 1 
ATOM   651  N ND2 . ASN A 1 83 ? 8.693   -10.354 -15.176 1.00 25.38 ? 105 ASN A ND2 1 
ATOM   652  N N   . LEU A 1 84 ? 6.529   -14.437 -18.302 1.00 25.07 ? 106 LEU A N   1 
ATOM   653  C CA  . LEU A 1 84 ? 5.691   -15.559 -18.677 1.00 24.80 ? 106 LEU A CA  1 
ATOM   654  C C   . LEU A 1 84 ? 6.305   -16.185 -19.919 1.00 26.44 ? 106 LEU A C   1 
ATOM   655  O O   . LEU A 1 84 ? 6.662   -15.485 -20.880 1.00 27.10 ? 106 LEU A O   1 
ATOM   656  C CB  . LEU A 1 84 ? 4.246   -15.148 -18.985 1.00 22.27 ? 106 LEU A CB  1 
ATOM   657  C CG  . LEU A 1 84 ? 3.321   -14.738 -17.857 1.00 19.69 ? 106 LEU A CG  1 
ATOM   658  C CD1 . LEU A 1 84 ? 1.931   -14.446 -18.475 1.00 18.24 ? 106 LEU A CD1 1 
ATOM   659  C CD2 . LEU A 1 84 ? 3.223   -15.862 -16.806 1.00 21.35 ? 106 LEU A CD2 1 
ATOM   660  N N   . VAL A 1 85 ? 6.463   -17.504 -19.874 1.00 28.32 ? 107 VAL A N   1 
ATOM   661  C CA  . VAL A 1 85 ? 7.063   -18.263 -20.972 1.00 32.81 ? 107 VAL A CA  1 
ATOM   662  C C   . VAL A 1 85 ? 6.039   -19.236 -21.571 1.00 34.93 ? 107 VAL A C   1 
ATOM   663  O O   . VAL A 1 85 ? 5.381   -19.972 -20.846 1.00 35.86 ? 107 VAL A O   1 
ATOM   664  C CB  . VAL A 1 85 ? 8.292   -19.040 -20.446 1.00 34.12 ? 107 VAL A CB  1 
ATOM   665  C CG1 . VAL A 1 85 ? 9.024   -19.698 -21.588 1.00 35.60 ? 107 VAL A CG1 1 
ATOM   666  C CG2 . VAL A 1 85 ? 9.226   -18.080 -19.696 1.00 36.45 ? 107 VAL A CG2 1 
ATOM   667  N N   . THR A 1 86 ? 5.892   -19.241 -22.889 1.00 38.31 ? 108 THR A N   1 
ATOM   668  C CA  . THR A 1 86 ? 4.901   -20.125 -23.498 1.00 40.62 ? 108 THR A CA  1 
ATOM   669  C C   . THR A 1 86 ? 5.378   -21.587 -23.539 1.00 42.39 ? 108 THR A C   1 
ATOM   670  O O   . THR A 1 86 ? 6.610   -21.805 -23.431 1.00 42.12 ? 108 THR A O   1 
ATOM   671  C CB  . THR A 1 86 ? 4.525   -19.647 -24.929 1.00 42.05 ? 108 THR A CB  1 
ATOM   672  O OG1 . THR A 1 86 ? 5.688   -19.667 -25.769 1.00 41.93 ? 108 THR A OG1 1 
ATOM   673  C CG2 . THR A 1 86 ? 3.982   -18.226 -24.890 1.00 42.35 ? 108 THR A CG2 1 
ATOM   674  N N   . GLU B 2 1  ? -15.173 3.427   -10.061 1.00 34.62 ? 1   GLU P N   1 
ATOM   675  C CA  . GLU B 2 1  ? -15.398 1.939   -10.034 1.00 34.71 ? 1   GLU P CA  1 
ATOM   676  C C   . GLU B 2 1  ? -14.520 1.276   -8.974  1.00 33.50 ? 1   GLU P C   1 
ATOM   677  O O   . GLU B 2 1  ? -13.563 1.876   -8.486  1.00 34.97 ? 1   GLU P O   1 
ATOM   678  C CB  . GLU B 2 1  ? -15.035 1.340   -11.391 1.00 36.88 ? 1   GLU P CB  1 
ATOM   679  C CG  . GLU B 2 1  ? -15.851 1.869   -12.558 1.00 41.29 ? 1   GLU P CG  1 
ATOM   680  C CD  . GLU B 2 1  ? -17.342 1.522   -12.451 1.00 41.98 ? 1   GLU P CD  1 
ATOM   681  O OE1 . GLU B 2 1  ? -17.702 0.539   -11.772 1.00 42.29 ? 1   GLU P OE1 1 
ATOM   682  O OE2 . GLU B 2 1  ? -18.154 2.234   -13.071 1.00 44.65 ? 1   GLU P OE2 1 
ATOM   683  N N   . THR B 2 2  ? -14.818 0.031   -8.649  1.00 31.49 ? 2   THR P N   1 
ATOM   684  C CA  . THR B 2 2  ? -14.032 -0.686  -7.668  1.00 29.38 ? 2   THR P CA  1 
ATOM   685  C C   . THR B 2 2  ? -12.802 -1.330  -8.322  1.00 29.43 ? 2   THR P C   1 
ATOM   686  O O   . THR B 2 2  ? -12.694 -1.414  -9.555  1.00 25.79 ? 2   THR P O   1 
ATOM   687  C CB  . THR B 2 2  ? -14.803 -1.813  -7.087  1.00 28.94 ? 2   THR P CB  1 
ATOM   688  O OG1 . THR B 2 2  ? -15.020 -2.783  -8.115  1.00 31.15 ? 2   THR P OG1 1 
ATOM   689  C CG2 . THR B 2 2  ? -16.153 -1.323  -6.552  1.00 29.15 ? 2   THR P CG2 1 
ATOM   690  N N   . PHE B 2 3  ? -11.882 -1.790  -7.477  1.00 27.34 ? 3   PHE P N   1 
ATOM   691  C CA  . PHE B 2 3  ? -10.696 -2.469  -7.977  1.00 27.08 ? 3   PHE P CA  1 
ATOM   692  C C   . PHE B 2 3  ? -11.105 -3.710  -8.794  1.00 26.18 ? 3   PHE P C   1 
ATOM   693  O O   . PHE B 2 3  ? -10.562 -3.988  -9.886  1.00 22.96 ? 3   PHE P O   1 
ATOM   694  C CB  . PHE B 2 3  ? -9.793  -2.929  -6.824  1.00 26.65 ? 3   PHE P CB  1 
ATOM   695  C CG  . PHE B 2 3  ? -8.650  -3.799  -7.290  1.00 26.15 ? 3   PHE P CG  1 
ATOM   696  C CD1 . PHE B 2 3  ? -7.539  -3.230  -7.940  1.00 26.17 ? 3   PHE P CD1 1 
ATOM   697  C CD2 . PHE B 2 3  ? -8.724  -5.181  -7.171  1.00 26.51 ? 3   PHE P CD2 1 
ATOM   698  C CE1 . PHE B 2 3  ? -6.519  -4.057  -8.468  1.00 24.93 ? 3   PHE P CE1 1 
ATOM   699  C CE2 . PHE B 2 3  ? -7.714  -6.003  -7.691  1.00 24.67 ? 3   PHE P CE2 1 
ATOM   700  C CZ  . PHE B 2 3  ? -6.616  -5.435  -8.339  1.00 24.98 ? 3   PHE P CZ  1 
ATOM   701  N N   . GLU B 2 4  ? -12.039 -4.482  -8.268  1.00 25.84 ? 4   GLU P N   1 
ATOM   702  C CA  . GLU B 2 4  ? -12.466 -5.672  -8.976  1.00 28.44 ? 4   GLU P CA  1 
ATOM   703  C C   . GLU B 2 4  ? -13.026 -5.354  -10.391 1.00 26.42 ? 4   GLU P C   1 
ATOM   704  O O   . GLU B 2 4  ? -12.730 -6.043  -11.370 1.00 27.35 ? 4   GLU P O   1 
ATOM   705  C CB  . GLU B 2 4  ? -13.508 -6.409  -8.126  1.00 33.17 ? 4   GLU P CB  1 
ATOM   706  C CG  . GLU B 2 4  ? -14.088 -7.648  -8.768  1.00 35.34 ? 4   GLU P CG  1 
ATOM   707  C CD  . GLU B 2 4  ? -15.190 -7.337  -9.788  1.00 40.06 ? 4   GLU P CD  1 
ATOM   708  O OE1 . GLU B 2 4  ? -16.000 -6.402  -9.555  1.00 41.62 ? 4   GLU P OE1 1 
ATOM   709  O OE2 . GLU B 2 4  ? -15.257 -8.041  -10.822 1.00 39.12 ? 4   GLU P OE2 1 
ATOM   710  N N   . HIS B 2 5  ? -13.805 -4.290  -10.495 1.00 26.42 ? 5   HIS P N   1 
ATOM   711  C CA  . HIS B 2 5  ? -14.399 -3.900  -11.770 1.00 25.88 ? 5   HIS P CA  1 
ATOM   712  C C   . HIS B 2 5  ? -13.306 -3.629  -12.810 1.00 26.29 ? 5   HIS P C   1 
ATOM   713  O O   . HIS B 2 5  ? -13.363 -4.137  -13.932 1.00 26.40 ? 5   HIS P O   1 
ATOM   714  C CB  . HIS B 2 5  ? -15.264 -2.649  -11.567 1.00 24.61 ? 5   HIS P CB  1 
ATOM   715  C CG  . HIS B 2 5  ? -15.887 -2.123  -12.826 1.00 26.62 ? 5   HIS P CG  1 
ATOM   716  N ND1 . HIS B 2 5  ? -17.201 -2.360  -13.164 1.00 28.29 ? 5   HIS P ND1 1 
ATOM   717  C CD2 . HIS B 2 5  ? -15.375 -1.372  -13.828 1.00 28.41 ? 5   HIS P CD2 1 
ATOM   718  C CE1 . HIS B 2 5  ? -17.470 -1.781  -14.322 1.00 27.23 ? 5   HIS P CE1 1 
ATOM   719  N NE2 . HIS B 2 5  ? -16.378 -1.178  -14.747 1.00 27.53 ? 5   HIS P NE2 1 
ATOM   720  N N   . TRP B 2 6  ? -12.333 -2.804  -12.433 1.00 25.58 ? 6   TRP P N   1 
ATOM   721  C CA  . TRP B 2 6  ? -11.217 -2.480  -13.318 1.00 28.22 ? 6   TRP P CA  1 
ATOM   722  C C   . TRP B 2 6  ? -10.376 -3.703  -13.663 1.00 26.63 ? 6   TRP P C   1 
ATOM   723  O O   . TRP B 2 6  ? -10.060 -3.956  -14.845 1.00 25.88 ? 6   TRP P O   1 
ATOM   724  C CB  . TRP B 2 6  ? -10.275 -1.464  -12.664 1.00 30.77 ? 6   TRP P CB  1 
ATOM   725  C CG  . TRP B 2 6  ? -10.846 -0.118  -12.513 1.00 37.32 ? 6   TRP P CG  1 
ATOM   726  C CD1 . TRP B 2 6  ? -11.336 0.454   -11.365 1.00 38.48 ? 6   TRP P CD1 1 
ATOM   727  C CD2 . TRP B 2 6  ? -10.925 0.880   -13.528 1.00 41.18 ? 6   TRP P CD2 1 
ATOM   728  N NE1 . TRP B 2 6  ? -11.708 1.761   -11.611 1.00 41.58 ? 6   TRP P NE1 1 
ATOM   729  C CE2 . TRP B 2 6  ? -11.473 2.046   -12.930 1.00 41.86 ? 6   TRP P CE2 1 
ATOM   730  C CE3 . TRP B 2 6  ? -10.585 0.907   -14.892 1.00 43.07 ? 6   TRP P CE3 1 
ATOM   731  C CZ2 . TRP B 2 6  ? -11.676 3.229   -13.647 1.00 44.76 ? 6   TRP P CZ2 1 
ATOM   732  C CZ3 . TRP B 2 6  ? -10.789 2.081   -15.605 1.00 45.19 ? 6   TRP P CZ3 1 
ATOM   733  C CH2 . TRP B 2 6  ? -11.335 3.227   -14.982 1.00 45.39 ? 6   TRP P CH2 1 
ATOM   734  N N   . TRP B 2 7  ? -10.003 -4.469  -12.645 1.00 25.66 ? 7   TRP P N   1 
ATOM   735  C CA  . TRP B 2 7  ? -9.147  -5.633  -12.876 1.00 24.93 ? 7   TRP P CA  1 
ATOM   736  C C   . TRP B 2 7  ? -9.764  -6.742  -13.703 1.00 27.76 ? 7   TRP P C   1 
ATOM   737  O O   . TRP B 2 7  ? -9.095  -7.321  -14.597 1.00 28.13 ? 7   TRP P O   1 
ATOM   738  C CB  . TRP B 2 7  ? -8.679  -6.263  -11.552 1.00 22.26 ? 7   TRP P CB  1 
ATOM   739  C CG  . TRP B 2 7  ? -7.578  -7.288  -11.744 1.00 22.11 ? 7   TRP P CG  1 
ATOM   740  C CD1 . TRP B 2 7  ? -7.709  -8.649  -11.872 1.00 22.29 ? 7   TRP P CD1 1 
ATOM   741  C CD2 . TRP B 2 7  ? -6.173  -7.008  -11.859 1.00 22.99 ? 7   TRP P CD2 1 
ATOM   742  N NE1 . TRP B 2 7  ? -6.470  -9.230  -12.059 1.00 23.24 ? 7   TRP P NE1 1 
ATOM   743  C CE2 . TRP B 2 7  ? -5.514  -8.244  -12.056 1.00 24.47 ? 7   TRP P CE2 1 
ATOM   744  C CE3 . TRP B 2 7  ? -5.410  -5.828  -11.819 1.00 21.51 ? 7   TRP P CE3 1 
ATOM   745  C CZ2 . TRP B 2 7  ? -4.119  -8.336  -12.207 1.00 26.01 ? 7   TRP P CZ2 1 
ATOM   746  C CZ3 . TRP B 2 7  ? -4.030  -5.919  -11.966 1.00 23.32 ? 7   TRP P CZ3 1 
ATOM   747  C CH2 . TRP B 2 7  ? -3.399  -7.171  -12.159 1.00 21.80 ? 7   TRP P CH2 1 
ATOM   748  N N   . SER B 2 8  ? -11.027 -7.053  -13.408 1.00 26.47 ? 8   SER P N   1 
ATOM   749  C CA  . SER B 2 8  ? -11.683 -8.148  -14.108 1.00 27.00 ? 8   SER P CA  1 
ATOM   750  C C   . SER B 2 8  ? -11.809 -7.874  -15.602 1.00 25.83 ? 8   SER P C   1 
ATOM   751  O O   . SER B 2 8  ? -12.022 -8.791  -16.373 1.00 25.91 ? 8   SER P O   1 
ATOM   752  C CB  . SER B 2 8  ? -13.084 -8.412  -13.533 1.00 23.59 ? 8   SER P CB  1 
ATOM   753  O OG  . SER B 2 8  ? -13.911 -7.300  -13.772 1.00 29.41 ? 8   SER P OG  1 
ATOM   754  N N   . GLN B 2 9  ? -11.680 -6.624  -16.011 1.00 26.41 ? 9   GLN P N   1 
ATOM   755  C CA  . GLN B 2 9  ? -11.831 -6.348  -17.424 1.00 26.94 ? 9   GLN P CA  1 
ATOM   756  C C   . GLN B 2 9  ? -10.538 -6.094  -18.185 1.00 26.46 ? 9   GLN P C   1 
ATOM   757  O O   . GLN B 2 9  ? -10.553 -5.671  -19.344 1.00 25.88 ? 9   GLN P O   1 
ATOM   758  C CB  . GLN B 2 9  ? -12.821 -5.216  -17.582 1.00 29.07 ? 9   GLN P CB  1 
ATOM   759  C CG  . GLN B 2 9  ? -14.113 -5.576  -16.838 1.00 30.04 ? 9   GLN P CG  1 
ATOM   760  C CD  . GLN B 2 9  ? -15.252 -4.789  -17.323 1.00 33.11 ? 9   GLN P CD  1 
ATOM   761  O OE1 . GLN B 2 9  ? -15.786 -5.063  -18.403 1.00 31.52 ? 9   GLN P OE1 1 
ATOM   762  N NE2 . GLN B 2 9  ? -15.641 -3.769  -16.550 1.00 34.78 ? 9   GLN P NE2 1 
ATOM   763  N N   . LEU B 2 10 ? -9.406  -6.355  -17.543 1.00 24.67 ? 10  LEU P N   1 
ATOM   764  C CA  . LEU B 2 10 ? -8.123  -6.197  -18.252 1.00 26.25 ? 10  LEU P CA  1 
ATOM   765  C C   . LEU B 2 10 ? -8.160  -7.228  -19.385 1.00 27.14 ? 10  LEU P C   1 
ATOM   766  O O   . LEU B 2 10 ? -8.608  -8.329  -19.170 1.00 27.21 ? 10  LEU P O   1 
ATOM   767  C CB  . LEU B 2 10 ? -6.964  -6.572  -17.335 1.00 24.86 ? 10  LEU P CB  1 
ATOM   768  C CG  . LEU B 2 10 ? -6.669  -5.508  -16.298 1.00 24.86 ? 10  LEU P CG  1 
ATOM   769  C CD1 . LEU B 2 10 ? -5.549  -5.993  -15.458 1.00 26.36 ? 10  LEU P CD1 1 
ATOM   770  C CD2 . LEU B 2 10 ? -6.374  -4.159  -16.968 1.00 22.96 ? 10  LEU P CD2 1 
ATOM   771  N N   . LEU B 2 11 ? -7.657  -6.889  -20.562 1.00 29.87 ? 11  LEU P N   1 
ATOM   772  C CA  . LEU B 2 11 ? -7.658  -7.836  -21.704 1.00 30.42 ? 11  LEU P CA  1 
ATOM   773  C C   . LEU B 2 11 ? -9.035  -8.098  -22.316 1.00 31.81 ? 11  LEU P C   1 
ATOM   774  O O   . LEU B 2 11 ? -9.273  -9.155  -22.936 1.00 29.97 ? 11  LEU P O   1 
ATOM   775  C CB  . LEU B 2 11 ? -7.006  -9.172  -21.322 1.00 29.28 ? 11  LEU P CB  1 
ATOM   776  C CG  . LEU B 2 11 ? -5.523  -9.032  -20.901 1.00 30.83 ? 11  LEU P CG  1 
ATOM   777  C CD1 . LEU B 2 11 ? -4.999  -10.415 -20.485 1.00 32.31 ? 11  LEU P CD1 1 
ATOM   778  C CD2 . LEU B 2 11 ? -4.670  -8.451  -22.043 1.00 30.80 ? 11  LEU P CD2 1 
ATOM   779  N N   . SER B 2 12 ? -9.924  -7.122  -22.137 1.00 34.10 ? 12  SER P N   1 
ATOM   780  C CA  . SER B 2 12 ? -11.282 -7.139  -22.680 1.00 37.03 ? 12  SER P CA  1 
ATOM   781  C C   . SER B 2 12 ? -11.485 -5.892  -23.529 1.00 38.38 ? 12  SER P C   1 
ATOM   782  O O   . SER B 2 12 ? -10.503 -5.136  -23.689 1.00 39.67 ? 12  SER P O   1 
ATOM   783  C CB  . SER B 2 12 ? -12.332 -7.171  -21.573 1.00 36.38 ? 12  SER P CB  1 
ATOM   784  O OG  . SER B 2 12 ? -12.422 -8.483  -21.017 1.00 39.19 ? 12  SER P OG  1 
ATOM   785  O OXT . SER B 2 12 ? -12.614 -5.684  -24.036 1.00 43.20 ? 12  SER P OXT 1 
ATOM   786  N N   . ASN C 1 3  ? -5.161  25.448  4.733   1.00 31.03 ? 25  ASN B N   1 
ATOM   787  C CA  . ASN C 1 3  ? -3.922  24.656  5.076   1.00 30.35 ? 25  ASN B CA  1 
ATOM   788  C C   . ASN C 1 3  ? -3.953  23.189  4.639   1.00 29.66 ? 25  ASN B C   1 
ATOM   789  O O   . ASN C 1 3  ? -3.318  22.292  5.244   1.00 28.56 ? 25  ASN B O   1 
ATOM   790  C CB  . ASN C 1 3  ? -3.677  24.706  6.562   1.00 32.39 ? 25  ASN B CB  1 
ATOM   791  C CG  . ASN C 1 3  ? -2.837  25.888  6.963   1.00 34.75 ? 25  ASN B CG  1 
ATOM   792  O OD1 . ASN C 1 3  ? -2.752  26.211  8.142   1.00 35.58 ? 25  ASN B OD1 1 
ATOM   793  N ND2 . ASN C 1 3  ? -2.183  26.536  5.973   1.00 36.30 ? 25  ASN B ND2 1 
ATOM   794  N N   . GLN C 1 4  ? -4.680  22.925  3.572   1.00 29.56 ? 26  GLN B N   1 
ATOM   795  C CA  . GLN C 1 4  ? -4.742  21.573  3.078   1.00 28.31 ? 26  GLN B CA  1 
ATOM   796  C C   . GLN C 1 4  ? -3.529  21.278  2.198   1.00 27.89 ? 26  GLN B C   1 
ATOM   797  O O   . GLN C 1 4  ? -3.056  22.114  1.444   1.00 29.14 ? 26  GLN B O   1 
ATOM   798  C CB  . GLN C 1 4  ? -6.038  21.357  2.320   1.00 31.20 ? 26  GLN B CB  1 
ATOM   799  C CG  . GLN C 1 4  ? -7.224  21.076  3.250   1.00 36.04 ? 26  GLN B CG  1 
ATOM   800  C CD  . GLN C 1 4  ? -8.531  21.209  2.537   1.00 38.45 ? 26  GLN B CD  1 
ATOM   801  O OE1 . GLN C 1 4  ? -9.547  20.676  2.978   1.00 40.19 ? 26  GLN B OE1 1 
ATOM   802  N NE2 . GLN C 1 4  ? -8.525  21.936  1.418   1.00 40.00 ? 26  GLN B NE2 1 
ATOM   803  N N   . VAL C 1 5  ? -3.021  20.061  2.322   1.00 24.19 ? 27  VAL B N   1 
ATOM   804  C CA  . VAL C 1 5  ? -1.867  19.607  1.568   1.00 23.51 ? 27  VAL B CA  1 
ATOM   805  C C   . VAL C 1 5  ? -2.216  18.265  0.953   1.00 23.10 ? 27  VAL B C   1 
ATOM   806  O O   . VAL C 1 5  ? -3.193  17.594  1.349   1.00 22.80 ? 27  VAL B O   1 
ATOM   807  C CB  . VAL C 1 5  ? -0.596  19.491  2.492   1.00 24.11 ? 27  VAL B CB  1 
ATOM   808  C CG1 . VAL C 1 5  ? -0.201  20.896  2.953   1.00 23.37 ? 27  VAL B CG1 1 
ATOM   809  C CG2 . VAL C 1 5  ? -0.890  18.595  3.696   1.00 20.82 ? 27  VAL B CG2 1 
ATOM   810  N N   . ARG C 1 6  ? -1.415  17.881  -0.017  1.00 21.24 ? 28  ARG B N   1 
ATOM   811  C CA  . ARG C 1 6  ? -1.649  16.654  -0.737  1.00 21.47 ? 28  ARG B CA  1 
ATOM   812  C C   . ARG C 1 6  ? -0.652  15.577  -0.335  1.00 19.69 ? 28  ARG B C   1 
ATOM   813  O O   . ARG C 1 6  ? 0.555   15.730  -0.576  1.00 20.11 ? 28  ARG B O   1 
ATOM   814  C CB  . ARG C 1 6  ? -1.517  16.946  -2.225  1.00 22.62 ? 28  ARG B CB  1 
ATOM   815  C CG  . ARG C 1 6  ? -2.460  16.138  -3.063  1.00 27.29 ? 28  ARG B CG  1 
ATOM   816  C CD  . ARG C 1 6  ? -1.995  14.722  -3.222  1.00 25.07 ? 28  ARG B CD  1 
ATOM   817  N NE  . ARG C 1 6  ? -2.837  14.054  -4.198  1.00 26.52 ? 28  ARG B NE  1 
ATOM   818  C CZ  . ARG C 1 6  ? -2.619  12.846  -4.687  1.00 31.14 ? 28  ARG B CZ  1 
ATOM   819  N NH1 . ARG C 1 6  ? -1.541  12.145  -4.286  1.00 31.98 ? 28  ARG B NH1 1 
ATOM   820  N NH2 . ARG C 1 6  ? -3.503  12.333  -5.566  1.00 27.77 ? 28  ARG B NH2 1 
ATOM   821  N N   . PRO C 1 7  ? -1.133  14.489  0.285   1.00 19.44 ? 29  PRO B N   1 
ATOM   822  C CA  . PRO C 1 7  ? -0.185  13.431  0.677   1.00 19.88 ? 29  PRO B CA  1 
ATOM   823  C C   . PRO C 1 7  ? 0.228   12.581  -0.545  1.00 20.76 ? 29  PRO B C   1 
ATOM   824  O O   . PRO C 1 7  ? -0.608  12.276  -1.415  1.00 20.83 ? 29  PRO B O   1 
ATOM   825  C CB  . PRO C 1 7  ? -0.991  12.587  1.700   1.00 19.26 ? 29  PRO B CB  1 
ATOM   826  C CG  . PRO C 1 7  ? -2.189  13.474  2.091   1.00 19.40 ? 29  PRO B CG  1 
ATOM   827  C CD  . PRO C 1 7  ? -2.487  14.220  0.808   1.00 18.40 ? 29  PRO B CD  1 
ATOM   828  N N   . LYS C 1 8  ? 1.496   12.180  -0.620  1.00 19.78 ? 30  LYS B N   1 
ATOM   829  C CA  . LYS C 1 8  ? 1.915   11.300  -1.715  1.00 20.48 ? 30  LYS B CA  1 
ATOM   830  C C   . LYS C 1 8  ? 1.134   9.957   -1.559  1.00 19.50 ? 30  LYS B C   1 
ATOM   831  O O   . LYS C 1 8  ? 0.669   9.617   -0.479  1.00 18.13 ? 30  LYS B O   1 
ATOM   832  C CB  . LYS C 1 8  ? 3.431   11.091  -1.657  1.00 19.17 ? 30  LYS B CB  1 
ATOM   833  C CG  . LYS C 1 8  ? 4.249   12.393  -1.896  1.00 21.28 ? 30  LYS B CG  1 
ATOM   834  C CD  . LYS C 1 8  ? 5.694   12.099  -2.199  1.00 22.45 ? 30  LYS B CD  1 
ATOM   835  C CE  . LYS C 1 8  ? 6.495   13.408  -2.249  1.00 25.05 ? 30  LYS B CE  1 
ATOM   836  N NZ  . LYS C 1 8  ? 7.960   13.090  -2.401  1.00 26.66 ? 30  LYS B NZ  1 
ATOM   837  N N   . LEU C 1 9  ? 0.992   9.207   -2.638  1.00 20.18 ? 31  LEU B N   1 
ATOM   838  C CA  . LEU C 1 9  ? 0.208   7.981   -2.636  1.00 20.79 ? 31  LEU B CA  1 
ATOM   839  C C   . LEU C 1 9  ? 0.374   7.004   -1.477  1.00 21.78 ? 31  LEU B C   1 
ATOM   840  O O   . LEU C 1 9  ? -0.600  6.616   -0.846  1.00 23.02 ? 31  LEU B O   1 
ATOM   841  C CB  . LEU C 1 9  ? 0.382   7.238   -3.977  1.00 23.00 ? 31  LEU B CB  1 
ATOM   842  C CG  . LEU C 1 9  ? -0.267  5.851   -4.129  1.00 22.35 ? 31  LEU B CG  1 
ATOM   843  C CD1 . LEU C 1 9  ? -1.803  5.953   -3.961  1.00 25.90 ? 31  LEU B CD1 1 
ATOM   844  C CD2 . LEU C 1 9  ? 0.065   5.299   -5.559  1.00 24.85 ? 31  LEU B CD2 1 
ATOM   845  N N   . PRO C 1 10 ? 1.607   6.635   -1.129  1.00 22.80 ? 32  PRO B N   1 
ATOM   846  C CA  . PRO C 1 10 ? 1.677   5.687   -0.011  1.00 21.55 ? 32  PRO B CA  1 
ATOM   847  C C   . PRO C 1 10 ? 1.038   6.189   1.309   1.00 20.99 ? 32  PRO B C   1 
ATOM   848  O O   . PRO C 1 10 ? 0.352   5.425   2.014   1.00 19.73 ? 32  PRO B O   1 
ATOM   849  C CB  . PRO C 1 10 ? 3.178   5.378   0.072   1.00 22.56 ? 32  PRO B CB  1 
ATOM   850  C CG  . PRO C 1 10 ? 3.822   6.639   -0.440  1.00 23.50 ? 32  PRO B CG  1 
ATOM   851  C CD  . PRO C 1 10 ? 2.940   7.113   -1.552  1.00 21.30 ? 32  PRO B CD  1 
ATOM   852  N N   . LEU C 1 11 ? 1.225   7.477   1.619   1.00 19.66 ? 33  LEU B N   1 
ATOM   853  C CA  . LEU C 1 11 ? 0.637   8.054   2.816   1.00 18.23 ? 33  LEU B CA  1 
ATOM   854  C C   . LEU C 1 11 ? -0.857  8.247   2.601   1.00 19.14 ? 33  LEU B C   1 
ATOM   855  O O   . LEU C 1 11 ? -1.668  7.961   3.483   1.00 17.96 ? 33  LEU B O   1 
ATOM   856  C CB  . LEU C 1 11 ? 1.286   9.423   3.151   1.00 17.72 ? 33  LEU B CB  1 
ATOM   857  C CG  . LEU C 1 11 ? 0.715   10.215  4.324   1.00 15.09 ? 33  LEU B CG  1 
ATOM   858  C CD1 . LEU C 1 11 ? 0.563   9.271   5.555   1.00 17.33 ? 33  LEU B CD1 1 
ATOM   859  C CD2 . LEU C 1 11 ? 1.565   11.445  4.591   1.00 18.19 ? 33  LEU B CD2 1 
ATOM   860  N N   . LEU C 1 12 ? -1.220  8.756   1.430   1.00 19.77 ? 34  LEU B N   1 
ATOM   861  C CA  . LEU C 1 12 ? -2.645  8.990   1.115   1.00 20.57 ? 34  LEU B CA  1 
ATOM   862  C C   . LEU C 1 12 ? -3.496  7.708   1.261   1.00 19.80 ? 34  LEU B C   1 
ATOM   863  O O   . LEU C 1 12 ? -4.639  7.740   1.769   1.00 20.42 ? 34  LEU B O   1 
ATOM   864  C CB  . LEU C 1 12 ? -2.777  9.489   -0.321  1.00 22.56 ? 34  LEU B CB  1 
ATOM   865  C CG  . LEU C 1 12 ? -4.184  9.874   -0.795  1.00 21.71 ? 34  LEU B CG  1 
ATOM   866  C CD1 . LEU C 1 12 ? -4.751  10.973  0.085   1.00 23.97 ? 34  LEU B CD1 1 
ATOM   867  C CD2 . LEU C 1 12 ? -4.082  10.374  -2.251  1.00 24.22 ? 34  LEU B CD2 1 
ATOM   868  N N   . LYS C 1 13 ? -2.934  6.609   0.783   1.00 20.76 ? 35  LYS B N   1 
ATOM   869  C CA  . LYS C 1 13 ? -3.544  5.262   0.792   1.00 22.15 ? 35  LYS B CA  1 
ATOM   870  C C   . LYS C 1 13 ? -3.787  4.810   2.248   1.00 20.89 ? 35  LYS B C   1 
ATOM   871  O O   . LYS C 1 13 ? -4.831  4.251   2.563   1.00 18.73 ? 35  LYS B O   1 
ATOM   872  C CB  . LYS C 1 13 ? -2.578  4.297   0.048   1.00 26.54 ? 35  LYS B CB  1 
ATOM   873  C CG  . LYS C 1 13 ? -2.710  2.823   0.317   1.00 30.32 ? 35  LYS B CG  1 
ATOM   874  C CD  . LYS C 1 13 ? -2.310  2.007   -0.914  1.00 30.48 ? 35  LYS B CD  1 
ATOM   875  C CE  . LYS C 1 13 ? -2.686  0.572   -0.665  1.00 30.90 ? 35  LYS B CE  1 
ATOM   876  N NZ  . LYS C 1 13 ? -2.037  0.054   0.567   1.00 35.25 ? 35  LYS B NZ  1 
ATOM   877  N N   . ILE C 1 14 ? -2.815  5.074   3.127   1.00 20.50 ? 36  ILE B N   1 
ATOM   878  C CA  . ILE C 1 14 ? -2.962  4.729   4.548   1.00 20.18 ? 36  ILE B CA  1 
ATOM   879  C C   . ILE C 1 14 ? -4.086  5.589   5.157   1.00 21.04 ? 36  ILE B C   1 
ATOM   880  O O   . ILE C 1 14 ? -4.935  5.088   5.908   1.00 20.00 ? 36  ILE B O   1 
ATOM   881  C CB  . ILE C 1 14 ? -1.591  4.928   5.296   1.00 23.10 ? 36  ILE B CB  1 
ATOM   882  C CG1 . ILE C 1 14 ? -0.724  3.675   5.094   1.00 22.49 ? 36  ILE B CG1 1 
ATOM   883  C CG2 . ILE C 1 14 ? -1.793  5.228   6.783   1.00 22.30 ? 36  ILE B CG2 1 
ATOM   884  C CD1 . ILE C 1 14 ? 0.556   3.662   5.954   1.00 24.98 ? 36  ILE B CD1 1 
ATOM   885  N N   . LEU C 1 15 ? -4.114  6.883   4.799   1.00 17.90 ? 37  LEU B N   1 
ATOM   886  C CA  . LEU C 1 15 ? -5.106  7.784   5.320   1.00 18.49 ? 37  LEU B CA  1 
ATOM   887  C C   . LEU C 1 15 ? -6.491  7.339   4.881   1.00 18.88 ? 37  LEU B C   1 
ATOM   888  O O   . LEU C 1 15 ? -7.381  7.212   5.714   1.00 18.09 ? 37  LEU B O   1 
ATOM   889  C CB  . LEU C 1 15 ? -4.848  9.247   4.885   1.00 19.80 ? 37  LEU B CB  1 
ATOM   890  C CG  . LEU C 1 15 ? -3.508  9.859   5.317   1.00 19.57 ? 37  LEU B CG  1 
ATOM   891  C CD1 . LEU C 1 15 ? -3.468  11.357  4.935   1.00 22.40 ? 37  LEU B CD1 1 
ATOM   892  C CD2 . LEU C 1 15 ? -3.288  9.655   6.796   1.00 19.85 ? 37  LEU B CD2 1 
ATOM   893  N N   . HIS C 1 16 ? -6.644  7.038   3.592   1.00 20.17 ? 38  HIS B N   1 
ATOM   894  C CA  . HIS C 1 16 ? -7.942  6.602   3.076   1.00 21.42 ? 38  HIS B CA  1 
ATOM   895  C C   . HIS C 1 16 ? -8.377  5.314   3.779   1.00 21.38 ? 38  HIS B C   1 
ATOM   896  O O   . HIS C 1 16 ? -9.558  5.162   4.115   1.00 23.30 ? 38  HIS B O   1 
ATOM   897  C CB  . HIS C 1 16 ? -7.879  6.362   1.558   1.00 20.39 ? 38  HIS B CB  1 
ATOM   898  C CG  . HIS C 1 16 ? -7.809  7.626   0.751   1.00 20.84 ? 38  HIS B CG  1 
ATOM   899  N ND1 . HIS C 1 16 ? -7.301  7.657   -0.525  1.00 22.49 ? 38  HIS B ND1 1 
ATOM   900  C CD2 . HIS C 1 16 ? -8.227  8.881   1.019   1.00 22.49 ? 38  HIS B CD2 1 
ATOM   901  C CE1 . HIS C 1 16 ? -7.417  8.878   -1.015  1.00 21.59 ? 38  HIS B CE1 1 
ATOM   902  N NE2 . HIS C 1 16 ? -7.977  9.639   -0.101  1.00 19.31 ? 38  HIS B NE2 1 
ATOM   903  N N   . ALA C 1 17 ? -7.429  4.412   4.015   1.00 22.21 ? 39  ALA B N   1 
ATOM   904  C CA  . ALA C 1 17 ? -7.731  3.152   4.691   1.00 21.33 ? 39  ALA B CA  1 
ATOM   905  C C   . ALA C 1 17 ? -8.313  3.345   6.076   1.00 22.20 ? 39  ALA B C   1 
ATOM   906  O O   . ALA C 1 17 ? -9.146  2.543   6.539   1.00 24.40 ? 39  ALA B O   1 
ATOM   907  C CB  . ALA C 1 17 ? -6.489  2.305   4.765   1.00 21.32 ? 39  ALA B CB  1 
ATOM   908  N N   . ALA C 1 18 ? -7.911  4.415   6.753   1.00 18.32 ? 40  ALA B N   1 
ATOM   909  C CA  . ALA C 1 18 ? -8.383  4.676   8.103   1.00 18.84 ? 40  ALA B CA  1 
ATOM   910  C C   . ALA C 1 18 ? -9.624  5.557   8.095   1.00 18.59 ? 40  ALA B C   1 
ATOM   911  O O   . ALA C 1 18 ? -10.099 5.969   9.124   1.00 18.09 ? 40  ALA B O   1 
ATOM   912  C CB  . ALA C 1 18 ? -7.306  5.321   8.897   1.00 17.50 ? 40  ALA B CB  1 
ATOM   913  N N   . GLY C 1 19 ? -10.122 5.862   6.917   1.00 20.53 ? 41  GLY B N   1 
ATOM   914  C CA  . GLY C 1 19 ? -11.342 6.655   6.858   1.00 22.72 ? 41  GLY B CA  1 
ATOM   915  C C   . GLY C 1 19 ? -11.285 8.064   6.313   1.00 22.88 ? 41  GLY B C   1 
ATOM   916  O O   . GLY C 1 19 ? -12.320 8.729   6.224   1.00 23.74 ? 41  GLY B O   1 
ATOM   917  N N   . ALA C 1 20 ? -10.101 8.530   5.937   1.00 23.00 ? 42  ALA B N   1 
ATOM   918  C CA  . ALA C 1 20 ? -9.936  9.892   5.403   1.00 21.63 ? 42  ALA B CA  1 
ATOM   919  C C   . ALA C 1 20 ? -10.643 10.033  4.053   1.00 21.51 ? 42  ALA B C   1 
ATOM   920  O O   . ALA C 1 20 ? -10.534 9.168   3.187   1.00 18.72 ? 42  ALA B O   1 
ATOM   921  C CB  . ALA C 1 20 ? -8.492  10.183  5.242   1.00 19.83 ? 42  ALA B CB  1 
ATOM   922  N N   . GLN C 1 21 ? -11.375 11.135  3.885   1.00 21.41 ? 43  GLN B N   1 
ATOM   923  C CA  . GLN C 1 21 ? -12.108 11.375  2.653   1.00 22.60 ? 43  GLN B CA  1 
ATOM   924  C C   . GLN C 1 21 ? -11.481 12.488  1.819   1.00 21.71 ? 43  GLN B C   1 
ATOM   925  O O   . GLN C 1 21 ? -11.217 13.564  2.323   1.00 23.22 ? 43  GLN B O   1 
ATOM   926  C CB  . GLN C 1 21 ? -13.554 11.737  2.982   1.00 22.10 ? 43  GLN B CB  1 
ATOM   927  C CG  . GLN C 1 21 ? -14.197 10.710  3.926   1.00 23.43 ? 43  GLN B CG  1 
ATOM   928  C CD  . GLN C 1 21 ? -14.433 9.408   3.200   1.00 22.52 ? 43  GLN B CD  1 
ATOM   929  O OE1 . GLN C 1 21 ? -15.085 9.375   2.155   1.00 24.49 ? 43  GLN B OE1 1 
ATOM   930  N NE2 . GLN C 1 21 ? -13.902 8.338   3.729   1.00 21.55 ? 43  GLN B NE2 1 
ATOM   931  N N   . GLY C 1 22 ? -11.260 12.202  0.545   1.00 22.84 ? 44  GLY B N   1 
ATOM   932  C CA  . GLY C 1 22 ? -10.713 13.208  -0.352  1.00 23.96 ? 44  GLY B CA  1 
ATOM   933  C C   . GLY C 1 22 ? -9.229  13.122  -0.636  1.00 24.64 ? 44  GLY B C   1 
ATOM   934  O O   . GLY C 1 22 ? -8.576  12.116  -0.351  1.00 24.16 ? 44  GLY B O   1 
ATOM   935  N N   . GLU C 1 23 ? -8.680  14.211  -1.166  1.00 24.62 ? 45  GLU B N   1 
ATOM   936  C CA  . GLU C 1 23 ? -7.271  14.198  -1.566  1.00 28.56 ? 45  GLU B CA  1 
ATOM   937  C C   . GLU C 1 23 ? -6.380  15.197  -0.859  1.00 26.92 ? 45  GLU B C   1 
ATOM   938  O O   . GLU C 1 23 ? -5.169  15.147  -1.019  1.00 27.74 ? 45  GLU B O   1 
ATOM   939  C CB  . GLU C 1 23 ? -7.174  14.491  -3.064  1.00 32.36 ? 45  GLU B CB  1 
ATOM   940  C CG  . GLU C 1 23 ? -7.874  13.479  -3.934  1.00 40.60 ? 45  GLU B CG  1 
ATOM   941  C CD  . GLU C 1 23 ? -7.997  13.921  -5.394  1.00 42.80 ? 45  GLU B CD  1 
ATOM   942  O OE1 . GLU C 1 23 ? -7.048  14.530  -5.943  1.00 43.76 ? 45  GLU B OE1 1 
ATOM   943  O OE2 . GLU C 1 23 ? -9.062  13.632  -5.992  1.00 47.72 ? 45  GLU B OE2 1 
ATOM   944  N N   . MET C 1 24 ? -7.001  16.117  -0.130  1.00 26.37 ? 46  MET B N   1 
ATOM   945  C CA  . MET C 1 24 ? -6.312  17.199  0.578   1.00 26.29 ? 46  MET B CA  1 
ATOM   946  C C   . MET C 1 24 ? -6.678  17.161  2.037   1.00 23.60 ? 46  MET B C   1 
ATOM   947  O O   . MET C 1 24 ? -7.844  17.030  2.394   1.00 21.96 ? 46  MET B O   1 
ATOM   948  C CB  . MET C 1 24 ? -6.762  18.555  0.027   1.00 30.88 ? 46  MET B CB  1 
ATOM   949  C CG  . MET C 1 24 ? -6.677  18.662  -1.480  1.00 35.92 ? 46  MET B CG  1 
ATOM   950  S SD  . MET C 1 24 ? -5.062  19.232  -2.019  1.00 39.55 ? 46  MET B SD  1 
ATOM   951  C CE  . MET C 1 24 ? -5.160  20.866  -1.604  1.00 36.58 ? 46  MET B CE  1 
ATOM   952  N N   . PHE C 1 25 ? -5.686  17.397  2.877   1.00 20.31 ? 47  PHE B N   1 
ATOM   953  C CA  . PHE C 1 25 ? -5.883  17.339  4.319   1.00 20.40 ? 47  PHE B CA  1 
ATOM   954  C C   . PHE C 1 25 ? -4.976  18.294  5.023   1.00 19.08 ? 47  PHE B C   1 
ATOM   955  O O   . PHE C 1 25 ? -3.934  18.623  4.494   1.00 20.33 ? 47  PHE B O   1 
ATOM   956  C CB  . PHE C 1 25 ? -5.508  15.911  4.829   1.00 18.23 ? 47  PHE B CB  1 
ATOM   957  C CG  . PHE C 1 25 ? -6.364  14.817  4.245   1.00 19.52 ? 47  PHE B CG  1 
ATOM   958  C CD1 . PHE C 1 25 ? -7.658  14.637  4.694   1.00 20.89 ? 47  PHE B CD1 1 
ATOM   959  C CD2 . PHE C 1 25 ? -5.919  14.073  3.152   1.00 20.74 ? 47  PHE B CD2 1 
ATOM   960  C CE1 . PHE C 1 25 ? -8.529  13.736  4.047   1.00 18.79 ? 47  PHE B CE1 1 
ATOM   961  C CE2 . PHE C 1 25 ? -6.784  13.165  2.480   1.00 19.12 ? 47  PHE B CE2 1 
ATOM   962  C CZ  . PHE C 1 25 ? -8.085  13.013  2.935   1.00 19.69 ? 47  PHE B CZ  1 
ATOM   963  N N   . THR C 1 26 ? -5.364  18.695  6.227   1.00 18.76 ? 48  THR B N   1 
ATOM   964  C CA  . THR C 1 26 ? -4.492  19.514  7.064   1.00 18.63 ? 48  THR B CA  1 
ATOM   965  C C   . THR C 1 26 ? -3.585  18.508  7.783   1.00 19.06 ? 48  THR B C   1 
ATOM   966  O O   . THR C 1 26 ? -3.902  17.321  7.836   1.00 16.94 ? 48  THR B O   1 
ATOM   967  C CB  . THR C 1 26 ? -5.238  20.292  8.166   1.00 19.37 ? 48  THR B CB  1 
ATOM   968  O OG1 . THR C 1 26 ? -5.911  19.386  9.076   1.00 18.27 ? 48  THR B OG1 1 
ATOM   969  C CG2 . THR C 1 26 ? -6.256  21.248  7.507   1.00 24.26 ? 48  THR B CG2 1 
ATOM   970  N N   . VAL C 1 27 ? -2.449  18.972  8.303   1.00 17.97 ? 49  VAL B N   1 
ATOM   971  C CA  . VAL C 1 27 ? -1.580  18.037  9.047   1.00 17.18 ? 49  VAL B CA  1 
ATOM   972  C C   . VAL C 1 27 ? -2.360  17.472  10.247  1.00 16.63 ? 49  VAL B C   1 
ATOM   973  O O   . VAL C 1 27 ? -2.172  16.312  10.650  1.00 16.95 ? 49  VAL B O   1 
ATOM   974  C CB  . VAL C 1 27 ? -0.295  18.752  9.529   1.00 17.64 ? 49  VAL B CB  1 
ATOM   975  C CG1 . VAL C 1 27 ? 0.499   17.847  10.458  1.00 17.27 ? 49  VAL B CG1 1 
ATOM   976  C CG2 . VAL C 1 27 ? 0.531   19.140  8.339   1.00 16.33 ? 49  VAL B CG2 1 
ATOM   977  N N   . LYS C 1 28 ? -3.239  18.268  10.850  1.00 17.67 ? 50  LYS B N   1 
ATOM   978  C CA  . LYS C 1 28 ? -4.002  17.760  11.985  1.00 18.97 ? 50  LYS B CA  1 
ATOM   979  C C   . LYS C 1 28 ? -4.831  16.554  11.571  1.00 17.25 ? 50  LYS B C   1 
ATOM   980  O O   . LYS C 1 28 ? -4.896  15.562  12.288  1.00 16.67 ? 50  LYS B O   1 
ATOM   981  C CB  . LYS C 1 28 ? -4.917  18.842  12.555  1.00 22.04 ? 50  LYS B CB  1 
ATOM   982  C CG  . LYS C 1 28 ? -5.802  18.287  13.684  1.00 25.73 ? 50  LYS B CG  1 
ATOM   983  C CD  . LYS C 1 28 ? -6.698  19.387  14.270  1.00 32.01 ? 50  LYS B CD  1 
ATOM   984  C CE  . LYS C 1 28 ? -6.051  19.985  15.495  1.00 35.63 ? 50  LYS B CE  1 
ATOM   985  N NZ  . LYS C 1 28 ? -4.692  20.587  15.234  1.00 37.90 ? 50  LYS B NZ  1 
ATOM   986  N N   . GLU C 1 29 ? -5.455  16.634  10.399  1.00 15.88 ? 51  GLU B N   1 
ATOM   987  C CA  . GLU C 1 29 ? -6.241  15.519  9.888   1.00 15.67 ? 51  GLU B CA  1 
ATOM   988  C C   . GLU C 1 29 ? -5.317  14.337  9.572   1.00 14.25 ? 51  GLU B C   1 
ATOM   989  O O   . GLU C 1 29 ? -5.658  13.174  9.865   1.00 14.84 ? 51  GLU B O   1 
ATOM   990  C CB  . GLU C 1 29 ? -7.015  15.913  8.603   1.00 16.83 ? 51  GLU B CB  1 
ATOM   991  C CG  . GLU C 1 29 ? -8.144  16.897  8.951   1.00 20.75 ? 51  GLU B CG  1 
ATOM   992  C CD  . GLU C 1 29 ? -8.776  17.550  7.745   1.00 25.93 ? 51  GLU B CD  1 
ATOM   993  O OE1 . GLU C 1 29 ? -8.054  17.710  6.744   1.00 22.88 ? 51  GLU B OE1 1 
ATOM   994  O OE2 . GLU C 1 29 ? -9.989  17.928  7.802   1.00 29.20 ? 51  GLU B OE2 1 
ATOM   995  N N   . VAL C 1 30 ? -4.163  14.610  8.971   1.00 15.45 ? 52  VAL B N   1 
ATOM   996  C CA  . VAL C 1 30 ? -3.204  13.526  8.643   1.00 16.43 ? 52  VAL B CA  1 
ATOM   997  C C   . VAL C 1 30 ? -2.827  12.812  9.923   1.00 16.05 ? 52  VAL B C   1 
ATOM   998  O O   . VAL C 1 30 ? -2.838  11.572  9.989   1.00 15.50 ? 52  VAL B O   1 
ATOM   999  C CB  . VAL C 1 30 ? -1.899  14.068  7.907   1.00 16.01 ? 52  VAL B CB  1 
ATOM   1000 C CG1 . VAL C 1 30 ? -0.841  12.921  7.687   1.00 16.35 ? 52  VAL B CG1 1 
ATOM   1001 C CG2 . VAL C 1 30 ? -2.284  14.706  6.544   1.00 15.17 ? 52  VAL B CG2 1 
ATOM   1002 N N   . MET C 1 31 ? -2.469  13.577  10.960  1.00 15.96 ? 53  MET B N   1 
ATOM   1003 C CA  . MET C 1 31 ? -2.103  12.965  12.223  1.00 17.86 ? 53  MET B CA  1 
ATOM   1004 C C   . MET C 1 31 ? -3.245  12.165  12.828  1.00 17.69 ? 53  MET B C   1 
ATOM   1005 O O   . MET C 1 31 ? -3.018  11.085  13.349  1.00 17.58 ? 53  MET B O   1 
ATOM   1006 C CB  . MET C 1 31 ? -1.623  14.036  13.198  1.00 18.13 ? 53  MET B CB  1 
ATOM   1007 C CG  . MET C 1 31 ? -0.275  14.655  12.770  1.00 20.09 ? 53  MET B CG  1 
ATOM   1008 S SD  . MET C 1 31 ? 1.074   13.355  12.791  1.00 20.91 ? 53  MET B SD  1 
ATOM   1009 C CE  . MET C 1 31 ? 1.297   13.261  14.580  1.00 23.50 ? 53  MET B CE  1 
ATOM   1010 N N   . HIS C 1 32 ? -4.465  12.680  12.747  1.00 15.37 ? 54  HIS B N   1 
ATOM   1011 C CA  . HIS C 1 32 ? -5.580  11.942  13.300  1.00 17.00 ? 54  HIS B CA  1 
ATOM   1012 C C   . HIS C 1 32 ? -5.785  10.583  12.617  1.00 15.81 ? 54  HIS B C   1 
ATOM   1013 O O   . HIS C 1 32 ? -5.943  9.557   13.296  1.00 13.82 ? 54  HIS B O   1 
ATOM   1014 C CB  . HIS C 1 32 ? -6.870  12.734  13.168  1.00 18.84 ? 54  HIS B CB  1 
ATOM   1015 C CG  . HIS C 1 32 ? -8.071  11.936  13.568  1.00 21.33 ? 54  HIS B CG  1 
ATOM   1016 N ND1 . HIS C 1 32 ? -8.977  11.444  12.656  1.00 23.52 ? 54  HIS B ND1 1 
ATOM   1017 C CD2 . HIS C 1 32 ? -8.485  11.513  14.780  1.00 20.03 ? 54  HIS B CD2 1 
ATOM   1018 C CE1 . HIS C 1 32 ? -9.907  10.756  13.291  1.00 21.34 ? 54  HIS B CE1 1 
ATOM   1019 N NE2 . HIS C 1 32 ? -9.636  10.784  14.581  1.00 24.68 ? 54  HIS B NE2 1 
ATOM   1020 N N   . TYR C 1 33 ? -5.782  10.574  11.286  1.00 15.35 ? 55  TYR B N   1 
ATOM   1021 C CA  . TYR C 1 33 ? -6.011  9.315   10.565  1.00 15.53 ? 55  TYR B CA  1 
ATOM   1022 C C   . TYR C 1 33 ? -4.835  8.344   10.657  1.00 16.72 ? 55  TYR B C   1 
ATOM   1023 O O   . TYR C 1 33 ? -5.029  7.131   10.584  1.00 16.78 ? 55  TYR B O   1 
ATOM   1024 C CB  . TYR C 1 33 ? -6.379  9.611   9.114   1.00 18.66 ? 55  TYR B CB  1 
ATOM   1025 C CG  . TYR C 1 33 ? -7.844  10.048  9.020   1.00 20.97 ? 55  TYR B CG  1 
ATOM   1026 C CD1 . TYR C 1 33 ? -8.854  9.159   9.347   1.00 22.50 ? 55  TYR B CD1 1 
ATOM   1027 C CD2 . TYR C 1 33 ? -8.206  11.356  8.693   1.00 22.65 ? 55  TYR B CD2 1 
ATOM   1028 C CE1 . TYR C 1 33 ? -10.195 9.539   9.363   1.00 24.43 ? 55  TYR B CE1 1 
ATOM   1029 C CE2 . TYR C 1 33 ? -9.560  11.745  8.693   1.00 25.10 ? 55  TYR B CE2 1 
ATOM   1030 C CZ  . TYR C 1 33 ? -10.544 10.812  9.042   1.00 27.20 ? 55  TYR B CZ  1 
ATOM   1031 O OH  . TYR C 1 33 ? -11.893 11.150  9.102   1.00 29.73 ? 55  TYR B OH  1 
ATOM   1032 N N   . LEU C 1 34 ? -3.621  8.871   10.802  1.00 16.06 ? 56  LEU B N   1 
ATOM   1033 C CA  . LEU C 1 34 ? -2.446  7.992   10.962  1.00 17.70 ? 56  LEU B CA  1 
ATOM   1034 C C   . LEU C 1 34 ? -2.582  7.240   12.286  1.00 17.98 ? 56  LEU B C   1 
ATOM   1035 O O   . LEU C 1 34 ? -2.289  6.037   12.382  1.00 18.63 ? 56  LEU B O   1 
ATOM   1036 C CB  . LEU C 1 34 ? -1.149  8.802   10.996  1.00 19.57 ? 56  LEU B CB  1 
ATOM   1037 C CG  . LEU C 1 34 ? -0.562  9.141   9.627   1.00 25.90 ? 56  LEU B CG  1 
ATOM   1038 C CD1 . LEU C 1 34 ? 0.713   9.965   9.829   1.00 27.64 ? 56  LEU B CD1 1 
ATOM   1039 C CD2 . LEU C 1 34 ? -0.229  7.844   8.875   1.00 28.85 ? 56  LEU B CD2 1 
ATOM   1040 N N   . GLY C 1 35 ? -2.978  7.976   13.324  1.00 16.78 ? 57  GLY B N   1 
ATOM   1041 C CA  . GLY C 1 35 ? -3.173  7.364   14.633  1.00 18.53 ? 57  GLY B CA  1 
ATOM   1042 C C   . GLY C 1 35 ? -4.269  6.307   14.583  1.00 18.79 ? 57  GLY B C   1 
ATOM   1043 O O   . GLY C 1 35 ? -4.150  5.233   15.187  1.00 18.04 ? 57  GLY B O   1 
ATOM   1044 N N   . GLN C 1 36 ? -5.354  6.618   13.868  1.00 17.74 ? 58  GLN B N   1 
ATOM   1045 C CA  . GLN C 1 36 ? -6.464  5.695   13.748  1.00 19.20 ? 58  GLN B CA  1 
ATOM   1046 C C   . GLN C 1 36 ? -6.014  4.441   13.019  1.00 17.35 ? 58  GLN B C   1 
ATOM   1047 O O   . GLN C 1 36 ? -6.393  3.334   13.383  1.00 17.32 ? 58  GLN B O   1 
ATOM   1048 C CB  . GLN C 1 36 ? -7.623  6.385   13.013  1.00 19.59 ? 58  GLN B CB  1 
ATOM   1049 C CG  . GLN C 1 36 ? -8.912  5.586   12.829  1.00 23.06 ? 58  GLN B CG  1 
ATOM   1050 C CD  . GLN C 1 36 ? -10.099 6.488   13.000  1.00 25.55 ? 58  GLN B CD  1 
ATOM   1051 O OE1 . GLN C 1 36 ? -10.417 6.866   14.129  1.00 26.23 ? 58  GLN B OE1 1 
ATOM   1052 N NE2 . GLN C 1 36 ? -10.740 6.884   11.890  1.00 24.33 ? 58  GLN B NE2 1 
ATOM   1053 N N   . TYR C 1 37 ? -5.190  4.621   11.988  1.00 16.01 ? 59  TYR B N   1 
ATOM   1054 C CA  . TYR C 1 37 ? -4.665  3.481   11.221  1.00 16.63 ? 59  TYR B CA  1 
ATOM   1055 C C   . TYR C 1 37 ? -3.863  2.556   12.140  1.00 15.73 ? 59  TYR B C   1 
ATOM   1056 O O   . TYR C 1 37 ? -4.021  1.323   12.114  1.00 15.28 ? 59  TYR B O   1 
ATOM   1057 C CB  . TYR C 1 37 ? -3.735  4.011   10.126  1.00 18.30 ? 59  TYR B CB  1 
ATOM   1058 C CG  . TYR C 1 37 ? -3.014  2.951   9.338   1.00 17.25 ? 59  TYR B CG  1 
ATOM   1059 C CD1 . TYR C 1 37 ? -3.586  2.403   8.199   1.00 18.31 ? 59  TYR B CD1 1 
ATOM   1060 C CD2 . TYR C 1 37 ? -1.694  2.569   9.691   1.00 18.01 ? 59  TYR B CD2 1 
ATOM   1061 C CE1 . TYR C 1 37 ? -2.890  1.513   7.413   1.00 18.66 ? 59  TYR B CE1 1 
ATOM   1062 C CE2 . TYR C 1 37 ? -0.962  1.664   8.890   1.00 17.81 ? 59  TYR B CE2 1 
ATOM   1063 C CZ  . TYR C 1 37 ? -1.584  1.153   7.764   1.00 20.18 ? 59  TYR B CZ  1 
ATOM   1064 O OH  . TYR C 1 37 ? -0.919  0.277   6.980   1.00 21.28 ? 59  TYR B OH  1 
ATOM   1065 N N   . ILE C 1 38 ? -2.994  3.159   12.939  1.00 15.60 ? 60  ILE B N   1 
ATOM   1066 C CA  . ILE C 1 38 ? -2.153  2.400   13.864  1.00 14.08 ? 60  ILE B CA  1 
ATOM   1067 C C   . ILE C 1 38 ? -3.037  1.651   14.876  1.00 17.12 ? 60  ILE B C   1 
ATOM   1068 O O   . ILE C 1 38 ? -2.775  0.464   15.225  1.00 16.63 ? 60  ILE B O   1 
ATOM   1069 C CB  . ILE C 1 38 ? -1.147  3.334   14.621  1.00 16.49 ? 60  ILE B CB  1 
ATOM   1070 C CG1 . ILE C 1 38 ? -0.110  3.895   13.635  1.00 16.80 ? 60  ILE B CG1 1 
ATOM   1071 C CG2 . ILE C 1 38 ? -0.480  2.532   15.757  1.00 15.19 ? 60  ILE B CG2 1 
ATOM   1072 C CD1 . ILE C 1 38 ? 0.710   5.066   14.188  1.00 18.60 ? 60  ILE B CD1 1 
ATOM   1073 N N   . MET C 1 39 ? -4.097  2.319   15.347  1.00 16.57 ? 61  MET B N   1 
ATOM   1074 C CA  . MET C 1 39 ? -4.972  1.675   16.329  1.00 18.78 ? 61  MET B CA  1 
ATOM   1075 C C   . MET C 1 39 ? -5.710  0.503   15.687  1.00 19.85 ? 61  MET B C   1 
ATOM   1076 O O   . MET C 1 39 ? -5.757  -0.604  16.241  1.00 18.60 ? 61  MET B O   1 
ATOM   1077 C CB  . MET C 1 39 ? -5.998  2.673   16.881  1.00 21.31 ? 61  MET B CB  1 
ATOM   1078 C CG  . MET C 1 39 ? -7.156  1.997   17.588  1.00 26.03 ? 61  MET B CG  1 
ATOM   1079 S SD  . MET C 1 39 ? -8.520  3.133   17.924  1.00 32.95 ? 61  MET B SD  1 
ATOM   1080 C CE  . MET C 1 39 ? -9.469  3.315   16.237  1.00 30.10 ? 61  MET B CE  1 
ATOM   1081 N N   . VAL C 1 40 ? -6.304  0.740   14.522  1.00 18.90 ? 62  VAL B N   1 
ATOM   1082 C CA  . VAL C 1 40 ? -7.063  -0.330  13.861  1.00 19.01 ? 62  VAL B CA  1 
ATOM   1083 C C   . VAL C 1 40 ? -6.216  -1.521  13.453  1.00 20.30 ? 62  VAL B C   1 
ATOM   1084 O O   . VAL C 1 40 ? -6.666  -2.682  13.584  1.00 19.25 ? 62  VAL B O   1 
ATOM   1085 C CB  . VAL C 1 40 ? -7.811  0.188   12.602  1.00 20.63 ? 62  VAL B CB  1 
ATOM   1086 C CG1 . VAL C 1 40 ? -8.373  -1.013  11.781  1.00 19.77 ? 62  VAL B CG1 1 
ATOM   1087 C CG2 . VAL C 1 40 ? -8.973  1.094   13.056  1.00 22.19 ? 62  VAL B CG2 1 
ATOM   1088 N N   . LYS C 1 41 ? -5.014  -1.275  12.919  1.00 20.02 ? 63  LYS B N   1 
ATOM   1089 C CA  . LYS C 1 41 ? -4.162  -2.402  12.546  1.00 21.07 ? 63  LYS B CA  1 
ATOM   1090 C C   . LYS C 1 41 ? -3.385  -2.960  13.755  1.00 21.03 ? 63  LYS B C   1 
ATOM   1091 O O   . LYS C 1 41 ? -2.618  -3.928  13.624  1.00 20.17 ? 63  LYS B O   1 
ATOM   1092 C CB  . LYS C 1 41 ? -3.176  -2.006  11.457  1.00 22.99 ? 63  LYS B CB  1 
ATOM   1093 C CG  . LYS C 1 41 ? -3.867  -1.382  10.241  1.00 27.00 ? 63  LYS B CG  1 
ATOM   1094 C CD  . LYS C 1 41 ? -3.605  -2.090  8.940   1.00 28.04 ? 63  LYS B CD  1 
ATOM   1095 C CE  . LYS C 1 41 ? -2.204  -2.542  8.788   1.00 30.02 ? 63  LYS B CE  1 
ATOM   1096 N NZ  . LYS C 1 41 ? -1.971  -3.139  7.438   1.00 28.84 ? 63  LYS B NZ  1 
ATOM   1097 N N   . GLN C 1 42 ? -3.570  -2.327  14.907  1.00 19.53 ? 64  GLN B N   1 
ATOM   1098 C CA  . GLN C 1 42 ? -2.901  -2.719  16.158  1.00 19.49 ? 64  GLN B CA  1 
ATOM   1099 C C   . GLN C 1 42 ? -1.394  -2.837  16.039  1.00 20.98 ? 64  GLN B C   1 
ATOM   1100 O O   . GLN C 1 42 ? -0.786  -3.855  16.387  1.00 20.54 ? 64  GLN B O   1 
ATOM   1101 C CB  . GLN C 1 42 ? -3.470  -4.027  16.655  1.00 18.59 ? 64  GLN B CB  1 
ATOM   1102 C CG  . GLN C 1 42 ? -4.951  -3.895  16.985  1.00 19.99 ? 64  GLN B CG  1 
ATOM   1103 C CD  . GLN C 1 42 ? -5.559  -5.179  17.557  1.00 16.48 ? 64  GLN B CD  1 
ATOM   1104 O OE1 . GLN C 1 42 ? -5.948  -6.080  16.813  1.00 19.21 ? 64  GLN B OE1 1 
ATOM   1105 N NE2 . GLN C 1 42 ? -5.647  -5.251  18.869  1.00 18.98 ? 64  GLN B NE2 1 
ATOM   1106 N N   . LEU C 1 43 ? -0.788  -1.785  15.542  1.00 18.59 ? 65  LEU B N   1 
ATOM   1107 C CA  . LEU C 1 43 ? 0.649   -1.748  15.358  1.00 18.47 ? 65  LEU B CA  1 
ATOM   1108 C C   . LEU C 1 43 ? 1.396   -1.372  16.608  1.00 19.63 ? 65  LEU B C   1 
ATOM   1109 O O   . LEU C 1 43 ? 2.597   -1.632  16.693  1.00 18.50 ? 65  LEU B O   1 
ATOM   1110 C CB  . LEU C 1 43 ? 1.002   -0.788  14.210  1.00 16.78 ? 65  LEU B CB  1 
ATOM   1111 C CG  . LEU C 1 43 ? 0.366   -1.274  12.885  1.00 18.61 ? 65  LEU B CG  1 
ATOM   1112 C CD1 . LEU C 1 43 ? 0.776   -0.346  11.765  1.00 17.04 ? 65  LEU B CD1 1 
ATOM   1113 C CD2 . LEU C 1 43 ? 0.861   -2.700  12.559  1.00 16.64 ? 65  LEU B CD2 1 
ATOM   1114 N N   . TYR C 1 44 ? 0.715   -0.815  17.602  1.00 16.97 ? 66  TYR B N   1 
ATOM   1115 C CA  . TYR C 1 44 ? 1.445   -0.471  18.826  1.00 19.06 ? 66  TYR B CA  1 
ATOM   1116 C C   . TYR C 1 44 ? 1.627   -1.736  19.689  1.00 19.68 ? 66  TYR B C   1 
ATOM   1117 O O   . TYR C 1 44 ? 0.856   -2.715  19.561  1.00 19.10 ? 66  TYR B O   1 
ATOM   1118 C CB  . TYR C 1 44 ? 0.729   0.634   19.602  1.00 17.81 ? 66  TYR B CB  1 
ATOM   1119 C CG  . TYR C 1 44 ? -0.642  0.283   20.138  1.00 18.53 ? 66  TYR B CG  1 
ATOM   1120 C CD1 . TYR C 1 44 ? -0.792  -0.342  21.376  1.00 18.71 ? 66  TYR B CD1 1 
ATOM   1121 C CD2 . TYR C 1 44 ? -1.798  0.563   19.380  1.00 20.10 ? 66  TYR B CD2 1 
ATOM   1122 C CE1 . TYR C 1 44 ? -2.055  -0.687  21.860  1.00 20.49 ? 66  TYR B CE1 1 
ATOM   1123 C CE2 . TYR C 1 44 ? -3.048  0.236   19.831  1.00 19.29 ? 66  TYR B CE2 1 
ATOM   1124 C CZ  . TYR C 1 44 ? -3.177  -0.394  21.076  1.00 20.61 ? 66  TYR B CZ  1 
ATOM   1125 O OH  . TYR C 1 44 ? -4.429  -0.740  21.513  1.00 22.74 ? 66  TYR B OH  1 
ATOM   1126 N N   . ASP C 1 45 ? 2.656   -1.722  20.531  1.00 19.85 ? 67  ASP B N   1 
ATOM   1127 C CA  . ASP C 1 45 ? 2.972   -2.865  21.435  1.00 20.61 ? 67  ASP B CA  1 
ATOM   1128 C C   . ASP C 1 45 ? 2.042   -2.797  22.644  1.00 20.19 ? 67  ASP B C   1 
ATOM   1129 O O   . ASP C 1 45 ? 2.109   -1.830  23.411  1.00 21.18 ? 67  ASP B O   1 
ATOM   1130 C CB  . ASP C 1 45 ? 4.434   -2.740  21.937  1.00 18.95 ? 67  ASP B CB  1 
ATOM   1131 C CG  . ASP C 1 45 ? 4.899   -3.962  22.739  1.00 22.95 ? 67  ASP B CG  1 
ATOM   1132 O OD1 . ASP C 1 45 ? 4.040   -4.747  23.206  1.00 23.42 ? 67  ASP B OD1 1 
ATOM   1133 O OD2 . ASP C 1 45 ? 6.134   -4.120  22.925  1.00 21.75 ? 67  ASP B OD2 1 
ATOM   1134 N N   . GLN C 1 46 ? 1.153   -3.780  22.834  1.00 19.71 ? 68  GLN B N   1 
ATOM   1135 C CA  . GLN C 1 46 ? 0.277   -3.745  24.012  1.00 22.99 ? 68  GLN B CA  1 
ATOM   1136 C C   . GLN C 1 46 ? 0.987   -3.646  25.380  1.00 22.11 ? 68  GLN B C   1 
ATOM   1137 O O   . GLN C 1 46 ? 0.429   -3.124  26.354  1.00 20.73 ? 68  GLN B O   1 
ATOM   1138 C CB  . GLN C 1 46 ? -0.632  -4.968  24.029  1.00 26.47 ? 68  GLN B CB  1 
ATOM   1139 C CG  . GLN C 1 46 ? -1.616  -4.958  22.921  1.00 29.15 ? 68  GLN B CG  1 
ATOM   1140 C CD  . GLN C 1 46 ? -2.728  -5.923  23.210  1.00 33.76 ? 68  GLN B CD  1 
ATOM   1141 O OE1 . GLN C 1 46 ? -2.484  -7.065  23.637  1.00 36.06 ? 68  GLN B OE1 1 
ATOM   1142 N NE2 . GLN C 1 46 ? -3.950  -5.488  22.985  1.00 34.88 ? 68  GLN B NE2 1 
ATOM   1143 N N   . GLN C 1 47 ? 2.227   -4.108  25.445  1.00 23.33 ? 69  GLN B N   1 
ATOM   1144 C CA  . GLN C 1 47 ? 2.974   -4.050  26.693  1.00 24.06 ? 69  GLN B CA  1 
ATOM   1145 C C   . GLN C 1 47 ? 3.808   -2.797  26.833  1.00 22.85 ? 69  GLN B C   1 
ATOM   1146 O O   . GLN C 1 47 ? 4.334   -2.540  27.906  1.00 23.40 ? 69  GLN B O   1 
ATOM   1147 C CB  . GLN C 1 47 ? 3.885   -5.277  26.833  1.00 25.60 ? 69  GLN B CB  1 
ATOM   1148 C CG  . GLN C 1 47 ? 3.093   -6.565  26.756  1.00 30.42 ? 69  GLN B CG  1 
ATOM   1149 C CD  . GLN C 1 47 ? 3.977   -7.815  26.778  1.00 33.80 ? 69  GLN B CD  1 
ATOM   1150 O OE1 . GLN C 1 47 ? 5.157   -7.770  26.408  1.00 35.28 ? 69  GLN B OE1 1 
ATOM   1151 N NE2 . GLN C 1 47 ? 3.390   -8.941  27.191  1.00 34.26 ? 69  GLN B NE2 1 
ATOM   1152 N N   . GLU C 1 48 ? 3.933   -2.023  25.757  1.00 21.73 ? 70  GLU B N   1 
ATOM   1153 C CA  . GLU C 1 48 ? 4.709   -0.781  25.774  1.00 20.98 ? 70  GLU B CA  1 
ATOM   1154 C C   . GLU C 1 48 ? 4.020   0.076   24.691  1.00 19.31 ? 70  GLU B C   1 
ATOM   1155 O O   . GLU C 1 48 ? 4.535   0.250   23.578  1.00 15.22 ? 70  GLU B O   1 
ATOM   1156 C CB  . GLU C 1 48 ? 6.173   -1.072  25.417  1.00 23.32 ? 70  GLU B CB  1 
ATOM   1157 C CG  . GLU C 1 48 ? 7.070   0.159   25.564  1.00 25.32 ? 70  GLU B CG  1 
ATOM   1158 C CD  . GLU C 1 48 ? 8.581   -0.133  25.529  1.00 28.97 ? 70  GLU B CD  1 
ATOM   1159 O OE1 . GLU C 1 48 ? 9.035   -1.165  24.999  1.00 27.12 ? 70  GLU B OE1 1 
ATOM   1160 O OE2 . GLU C 1 48 ? 9.335   0.728   26.026  1.00 33.04 ? 70  GLU B OE2 1 
ATOM   1161 N N   . GLN C 1 49 ? 2.874   0.637   25.060  1.00 18.27 ? 71  GLN B N   1 
ATOM   1162 C CA  . GLN C 1 49 ? 2.019   1.319   24.082  1.00 20.90 ? 71  GLN B CA  1 
ATOM   1163 C C   . GLN C 1 49 ? 2.500   2.556   23.344  1.00 21.40 ? 71  GLN B C   1 
ATOM   1164 O O   . GLN C 1 49 ? 1.892   2.951   22.337  1.00 20.90 ? 71  GLN B O   1 
ATOM   1165 C CB  . GLN C 1 49 ? 0.645   1.517   24.724  1.00 20.10 ? 71  GLN B CB  1 
ATOM   1166 C CG  . GLN C 1 49 ? 0.138   0.186   25.263  1.00 20.71 ? 71  GLN B CG  1 
ATOM   1167 C CD  . GLN C 1 49 ? -1.371  0.089   25.378  1.00 21.26 ? 71  GLN B CD  1 
ATOM   1168 O OE1 . GLN C 1 49 ? -2.104  1.000   24.995  1.00 20.62 ? 71  GLN B OE1 1 
ATOM   1169 N NE2 . GLN C 1 49 ? -1.845  -1.041  25.911  1.00 21.89 ? 71  GLN B NE2 1 
ATOM   1170 N N   . HIS C 1 50 ? 3.583   3.183   23.813  1.00 23.00 ? 72  HIS B N   1 
ATOM   1171 C CA  . HIS C 1 50 ? 4.151   4.332   23.075  1.00 21.69 ? 72  HIS B CA  1 
ATOM   1172 C C   . HIS C 1 50 ? 5.020   3.807   21.925  1.00 21.67 ? 72  HIS B C   1 
ATOM   1173 O O   . HIS C 1 50 ? 5.449   4.585   21.018  1.00 21.18 ? 72  HIS B O   1 
ATOM   1174 C CB  . HIS C 1 50 ? 5.002   5.245   24.000  1.00 21.24 ? 72  HIS B CB  1 
ATOM   1175 C CG  . HIS C 1 50 ? 6.208   4.573   24.586  1.00 22.06 ? 72  HIS B CG  1 
ATOM   1176 N ND1 . HIS C 1 50 ? 7.456   4.619   23.996  1.00 26.25 ? 72  HIS B ND1 1 
ATOM   1177 C CD2 . HIS C 1 50 ? 6.355   3.865   25.729  1.00 21.36 ? 72  HIS B CD2 1 
ATOM   1178 C CE1 . HIS C 1 50 ? 8.323   3.970   24.756  1.00 25.68 ? 72  HIS B CE1 1 
ATOM   1179 N NE2 . HIS C 1 50 ? 7.680   3.503   25.812  1.00 25.54 ? 72  HIS B NE2 1 
ATOM   1180 N N   . MET C 1 51 ? 5.288   2.491   21.922  1.00 19.23 ? 73  MET B N   1 
ATOM   1181 C CA  . MET C 1 51 ? 6.104   1.919   20.838  1.00 20.11 ? 73  MET B CA  1 
ATOM   1182 C C   . MET C 1 51 ? 5.214   1.373   19.733  1.00 18.03 ? 73  MET B C   1 
ATOM   1183 O O   . MET C 1 51 ? 4.310   0.620   20.013  1.00 20.00 ? 73  MET B O   1 
ATOM   1184 C CB  . MET C 1 51 ? 7.026   0.775   21.323  1.00 19.11 ? 73  MET B CB  1 
ATOM   1185 C CG  . MET C 1 51 ? 8.243   1.219   22.204  1.00 22.71 ? 73  MET B CG  1 
ATOM   1186 S SD  . MET C 1 51 ? 9.339   2.346   21.322  1.00 26.30 ? 73  MET B SD  1 
ATOM   1187 C CE  . MET C 1 51 ? 9.736   1.538   19.932  1.00 23.57 ? 73  MET B CE  1 
ATOM   1188 N N   . VAL C 1 52 ? 5.512   1.766   18.495  1.00 18.38 ? 74  VAL B N   1 
ATOM   1189 C CA  . VAL C 1 52 ? 4.802   1.349   17.308  1.00 19.61 ? 74  VAL B CA  1 
ATOM   1190 C C   . VAL C 1 52 ? 5.742   0.484   16.450  1.00 21.86 ? 74  VAL B C   1 
ATOM   1191 O O   . VAL C 1 52 ? 6.864   0.887   16.106  1.00 19.51 ? 74  VAL B O   1 
ATOM   1192 C CB  . VAL C 1 52 ? 4.349   2.576   16.469  1.00 19.82 ? 74  VAL B CB  1 
ATOM   1193 C CG1 . VAL C 1 52 ? 3.647   2.091   15.168  1.00 21.77 ? 74  VAL B CG1 1 
ATOM   1194 C CG2 . VAL C 1 52 ? 3.385   3.440   17.283  1.00 17.97 ? 74  VAL B CG2 1 
ATOM   1195 N N   . TYR C 1 53 ? 5.274   -0.700  16.084  1.00 20.74 ? 75  TYR B N   1 
ATOM   1196 C CA  . TYR C 1 53 ? 6.087   -1.579  15.268  1.00 22.48 ? 75  TYR B CA  1 
ATOM   1197 C C   . TYR C 1 53 ? 5.411   -1.757  13.934  1.00 23.65 ? 75  TYR B C   1 
ATOM   1198 O O   . TYR C 1 53 ? 4.301   -2.240  13.886  1.00 22.47 ? 75  TYR B O   1 
ATOM   1199 C CB  . TYR C 1 53 ? 6.282   -2.919  15.986  1.00 22.99 ? 75  TYR B CB  1 
ATOM   1200 C CG  . TYR C 1 53 ? 7.128   -2.783  17.234  1.00 25.36 ? 75  TYR B CG  1 
ATOM   1201 C CD1 . TYR C 1 53 ? 8.501   -2.638  17.129  1.00 26.93 ? 75  TYR B CD1 1 
ATOM   1202 C CD2 . TYR C 1 53 ? 6.553   -2.756  18.524  1.00 25.68 ? 75  TYR B CD2 1 
ATOM   1203 C CE1 . TYR C 1 53 ? 9.293   -2.464  18.266  1.00 28.50 ? 75  TYR B CE1 1 
ATOM   1204 C CE2 . TYR C 1 53 ? 7.359   -2.581  19.685  1.00 24.40 ? 75  TYR B CE2 1 
ATOM   1205 C CZ  . TYR C 1 53 ? 8.732   -2.438  19.523  1.00 27.91 ? 75  TYR B CZ  1 
ATOM   1206 O OH  . TYR C 1 53 ? 9.596   -2.245  20.590  1.00 26.13 ? 75  TYR B OH  1 
ATOM   1207 N N   . CYS C 1 54 ? 6.111   -1.381  12.851  1.00 25.61 ? 76  CYS B N   1 
ATOM   1208 C CA  . CYS C 1 54 ? 5.516   -1.450  11.524  1.00 29.10 ? 76  CYS B CA  1 
ATOM   1209 C C   . CYS C 1 54 ? 6.372   -2.159  10.489  1.00 30.05 ? 76  CYS B C   1 
ATOM   1210 O O   . CYS C 1 54 ? 6.416   -1.767  9.314   1.00 29.26 ? 76  CYS B O   1 
ATOM   1211 C CB  . CYS C 1 54 ? 5.189   -0.030  11.053  1.00 30.92 ? 76  CYS B CB  1 
ATOM   1212 S SG  . CYS C 1 54 ? 6.483   1.095   11.309  1.00 38.17 ? 76  CYS B SG  1 
ATOM   1213 N N   . GLY C 1 55 ? 7.049   -3.219  10.933  1.00 30.61 ? 77  GLY B N   1 
ATOM   1214 C CA  . GLY C 1 55 ? 7.868   -3.993  10.024  1.00 31.75 ? 77  GLY B CA  1 
ATOM   1215 C C   . GLY C 1 55 ? 6.970   -4.667  9.015   1.00 31.38 ? 77  GLY B C   1 
ATOM   1216 O O   . GLY C 1 55 ? 5.950   -5.246  9.377   1.00 31.58 ? 77  GLY B O   1 
ATOM   1217 N N   . GLY C 1 56 ? 7.358   -4.587  7.747   1.00 31.52 ? 78  GLY B N   1 
ATOM   1218 C CA  . GLY C 1 56 ? 6.556   -5.189  6.694   1.00 32.15 ? 78  GLY B CA  1 
ATOM   1219 C C   . GLY C 1 56 ? 5.290   -4.446  6.322   1.00 31.64 ? 78  GLY B C   1 
ATOM   1220 O O   . GLY C 1 56 ? 4.687   -4.751  5.287   1.00 35.31 ? 78  GLY B O   1 
ATOM   1221 N N   . ASP C 1 57 ? 4.875   -3.485  7.150   1.00 30.45 ? 79  ASP B N   1 
ATOM   1222 C CA  . ASP C 1 57 ? 3.666   -2.684  6.902   1.00 27.57 ? 79  ASP B CA  1 
ATOM   1223 C C   . ASP C 1 57 ? 4.046   -1.535  5.994   1.00 25.57 ? 79  ASP B C   1 
ATOM   1224 O O   . ASP C 1 57 ? 5.195   -1.086  5.989   1.00 22.61 ? 79  ASP B O   1 
ATOM   1225 C CB  . ASP C 1 57 ? 3.131   -2.091  8.225   1.00 27.75 ? 79  ASP B CB  1 
ATOM   1226 C CG  . ASP C 1 57 ? 1.710   -1.531  8.112   1.00 28.20 ? 79  ASP B CG  1 
ATOM   1227 O OD1 . ASP C 1 57 ? 0.743   -2.279  8.387   1.00 25.54 ? 79  ASP B OD1 1 
ATOM   1228 O OD2 . ASP C 1 57 ? 1.541   -0.339  7.750   1.00 28.57 ? 79  ASP B OD2 1 
ATOM   1229 N N   . LEU C 1 58 ? 3.085   -1.058  5.208   1.00 22.81 ? 80  LEU B N   1 
ATOM   1230 C CA  . LEU C 1 58 ? 3.340   0.097   4.348   1.00 22.26 ? 80  LEU B CA  1 
ATOM   1231 C C   . LEU C 1 58 ? 3.841   1.289   5.205   1.00 21.15 ? 80  LEU B C   1 
ATOM   1232 O O   . LEU C 1 58 ? 4.653   2.097   4.730   1.00 22.81 ? 80  LEU B O   1 
ATOM   1233 C CB  . LEU C 1 58 ? 2.058   0.515   3.602   1.00 21.15 ? 80  LEU B CB  1 
ATOM   1234 C CG  . LEU C 1 58 ? 2.142   1.787   2.727   1.00 22.29 ? 80  LEU B CG  1 
ATOM   1235 C CD1 . LEU C 1 58 ? 3.178   1.621   1.583   1.00 19.62 ? 80  LEU B CD1 1 
ATOM   1236 C CD2 . LEU C 1 58 ? 0.755   2.047   2.146   1.00 24.93 ? 80  LEU B CD2 1 
ATOM   1237 N N   . LEU C 1 59 ? 3.368   1.401   6.453   1.00 18.95 ? 81  LEU B N   1 
ATOM   1238 C CA  . LEU C 1 59 ? 3.803   2.497   7.298   1.00 19.51 ? 81  LEU B CA  1 
ATOM   1239 C C   . LEU C 1 59 ? 5.338   2.447   7.504   1.00 22.24 ? 81  LEU B C   1 
ATOM   1240 O O   . LEU C 1 59 ? 5.996   3.490   7.546   1.00 21.67 ? 81  LEU B O   1 
ATOM   1241 C CB  . LEU C 1 59 ? 3.066   2.492   8.653   1.00 18.47 ? 81  LEU B CB  1 
ATOM   1242 C CG  . LEU C 1 59 ? 3.430   3.636   9.618   1.00 19.32 ? 81  LEU B CG  1 
ATOM   1243 C CD1 . LEU C 1 59 ? 3.252   5.044   8.948   1.00 19.18 ? 81  LEU B CD1 1 
ATOM   1244 C CD2 . LEU C 1 59 ? 2.584   3.507   10.874  1.00 20.29 ? 81  LEU B CD2 1 
ATOM   1245 N N   . GLY C 1 60 ? 5.885   1.240   7.639   1.00 21.34 ? 82  GLY B N   1 
ATOM   1246 C CA  . GLY C 1 60 ? 7.336   1.097   7.795   1.00 24.83 ? 82  GLY B CA  1 
ATOM   1247 C C   . GLY C 1 60 ? 8.077   1.507   6.520   1.00 26.33 ? 82  GLY B C   1 
ATOM   1248 O O   . GLY C 1 60 ? 9.167   2.098   6.581   1.00 27.13 ? 82  GLY B O   1 
ATOM   1249 N N   . GLU C 1 61 ? 7.487   1.207   5.361   1.00 26.90 ? 83  GLU B N   1 
ATOM   1250 C CA  . GLU C 1 61 ? 8.061   1.577   4.061   1.00 28.56 ? 83  GLU B CA  1 
ATOM   1251 C C   . GLU C 1 61 ? 8.118   3.113   3.986   1.00 28.91 ? 83  GLU B C   1 
ATOM   1252 O O   . GLU C 1 61 ? 9.103   3.704   3.539   1.00 29.89 ? 83  GLU B O   1 
ATOM   1253 C CB  . GLU C 1 61 ? 7.172   1.001   2.943   1.00 30.44 ? 83  GLU B CB  1 
ATOM   1254 C CG  . GLU C 1 61 ? 7.589   1.331   1.509   1.00 34.60 ? 83  GLU B CG  1 
ATOM   1255 C CD  . GLU C 1 61 ? 8.947   0.737   1.111   1.00 36.15 ? 83  GLU B CD  1 
ATOM   1256 O OE1 . GLU C 1 61 ? 9.472   -0.163  1.822   1.00 36.24 ? 83  GLU B OE1 1 
ATOM   1257 O OE2 . GLU C 1 61 ? 9.480   1.169   0.063   1.00 38.50 ? 83  GLU B OE2 1 
ATOM   1258 N N   . LEU C 1 62 ? 7.046   3.766   4.423   1.00 27.34 ? 84  LEU B N   1 
ATOM   1259 C CA  . LEU C 1 62 ? 7.007   5.225   4.456   1.00 26.77 ? 84  LEU B CA  1 
ATOM   1260 C C   . LEU C 1 62 ? 8.009   5.854   5.427   1.00 26.67 ? 84  LEU B C   1 
ATOM   1261 O O   . LEU C 1 62 ? 8.694   6.850   5.099   1.00 26.30 ? 84  LEU B O   1 
ATOM   1262 C CB  . LEU C 1 62 ? 5.622   5.722   4.881   1.00 26.96 ? 84  LEU B CB  1 
ATOM   1263 C CG  . LEU C 1 62 ? 4.549   5.918   3.820   1.00 30.42 ? 84  LEU B CG  1 
ATOM   1264 C CD1 . LEU C 1 62 ? 3.152   6.018   4.464   1.00 29.31 ? 84  LEU B CD1 1 
ATOM   1265 C CD2 . LEU C 1 62 ? 4.899   7.179   3.036   1.00 28.53 ? 84  LEU B CD2 1 
ATOM   1266 N N   . LEU C 1 63 ? 8.066   5.312   6.638   1.00 25.96 ? 85  LEU B N   1 
ATOM   1267 C CA  . LEU C 1 63 ? 8.949   5.854   7.654   1.00 27.16 ? 85  LEU B CA  1 
ATOM   1268 C C   . LEU C 1 63 ? 10.415  5.567   7.433   1.00 28.33 ? 85  LEU B C   1 
ATOM   1269 O O   . LEU C 1 63 ? 11.274  6.265   7.990   1.00 27.73 ? 85  LEU B O   1 
ATOM   1270 C CB  . LEU C 1 63 ? 8.569   5.334   9.048   1.00 26.11 ? 85  LEU B CB  1 
ATOM   1271 C CG  . LEU C 1 63 ? 7.202   5.745   9.581   1.00 26.44 ? 85  LEU B CG  1 
ATOM   1272 C CD1 . LEU C 1 63 ? 6.910   5.004   10.929  1.00 26.35 ? 85  LEU B CD1 1 
ATOM   1273 C CD2 . LEU C 1 63 ? 7.183   7.249   9.812   1.00 27.72 ? 85  LEU B CD2 1 
ATOM   1274 N N   . GLY C 1 64 ? 10.701  4.552   6.624   1.00 29.02 ? 86  GLY B N   1 
ATOM   1275 C CA  . GLY C 1 64 ? 12.082  4.191   6.413   1.00 32.38 ? 86  GLY B CA  1 
ATOM   1276 C C   . GLY C 1 64 ? 12.591  3.394   7.609   1.00 33.79 ? 86  GLY B C   1 
ATOM   1277 O O   . GLY C 1 64 ? 13.807  3.243   7.779   1.00 34.68 ? 86  GLY B O   1 
ATOM   1278 N N   . ARG C 1 65 ? 11.680  2.913   8.463   1.00 34.35 ? 87  ARG B N   1 
ATOM   1279 C CA  . ARG C 1 65 ? 12.067  2.094   9.613   1.00 35.14 ? 87  ARG B CA  1 
ATOM   1280 C C   . ARG C 1 65 ? 10.985  1.137   10.121  1.00 34.48 ? 87  ARG B C   1 
ATOM   1281 O O   . ARG C 1 65 ? 9.814   1.307   9.823   1.00 34.03 ? 87  ARG B O   1 
ATOM   1282 C CB  . ARG C 1 65 ? 12.555  2.972   10.755  1.00 37.40 ? 87  ARG B CB  1 
ATOM   1283 C CG  . ARG C 1 65 ? 11.734  4.187   11.001  1.00 41.21 ? 87  ARG B CG  1 
ATOM   1284 C CD  . ARG C 1 65 ? 12.551  5.122   11.836  1.00 44.21 ? 87  ARG B CD  1 
ATOM   1285 N NE  . ARG C 1 65 ? 12.704  4.587   13.181  1.00 47.21 ? 87  ARG B NE  1 
ATOM   1286 C CZ  . ARG C 1 65 ? 13.363  5.199   14.151  1.00 48.70 ? 87  ARG B CZ  1 
ATOM   1287 N NH1 . ARG C 1 65 ? 13.963  6.368   13.930  1.00 50.16 ? 87  ARG B NH1 1 
ATOM   1288 N NH2 . ARG C 1 65 ? 13.363  4.677   15.364  1.00 49.44 ? 87  ARG B NH2 1 
ATOM   1289 N N   . GLN C 1 66 ? 11.386  0.145   10.909  1.00 32.81 ? 88  GLN B N   1 
ATOM   1290 C CA  . GLN C 1 66 ? 10.460  -0.859  11.434  1.00 34.48 ? 88  GLN B CA  1 
ATOM   1291 C C   . GLN C 1 66 ? 9.783   -0.477  12.756  1.00 32.84 ? 88  GLN B C   1 
ATOM   1292 O O   . GLN C 1 66 ? 8.883   -1.187  13.236  1.00 32.25 ? 88  GLN B O   1 
ATOM   1293 C CB  . GLN C 1 66 ? 11.199  -2.193  11.602  1.00 37.29 ? 88  GLN B CB  1 
ATOM   1294 C CG  . GLN C 1 66 ? 10.293  -3.398  11.809  1.00 42.50 ? 88  GLN B CG  1 
ATOM   1295 C CD  . GLN C 1 66 ? 10.763  -4.305  12.949  1.00 44.39 ? 88  GLN B CD  1 
ATOM   1296 O OE1 . GLN C 1 66 ? 11.910  -4.758  12.957  1.00 45.09 ? 88  GLN B OE1 1 
ATOM   1297 N NE2 . GLN C 1 66 ? 9.876   -4.557  13.919  1.00 44.78 ? 88  GLN B NE2 1 
ATOM   1298 N N   . SER C 1 67 ? 10.219  0.618   13.375  1.00 31.31 ? 89  SER B N   1 
ATOM   1299 C CA  . SER C 1 67 ? 9.585   1.034   14.619  1.00 30.16 ? 89  SER B CA  1 
ATOM   1300 C C   . SER C 1 67 ? 9.866   2.484   14.989  1.00 28.70 ? 89  SER B C   1 
ATOM   1301 O O   . SER C 1 67 ? 10.690  3.151   14.373  1.00 27.74 ? 89  SER B O   1 
ATOM   1302 C CB  . SER C 1 67 ? 10.019  0.143   15.775  1.00 31.70 ? 89  SER B CB  1 
ATOM   1303 O OG  . SER C 1 67 ? 11.382  0.351   16.068  1.00 36.03 ? 89  SER B OG  1 
ATOM   1304 N N   . PHE C 1 68 ? 9.136   2.963   15.984  1.00 26.60 ? 90  PHE B N   1 
ATOM   1305 C CA  . PHE C 1 68 ? 9.309   4.320   16.472  1.00 25.19 ? 90  PHE B CA  1 
ATOM   1306 C C   . PHE C 1 68 ? 8.522   4.463   17.766  1.00 24.88 ? 90  PHE B C   1 
ATOM   1307 O O   . PHE C 1 68 ? 7.616   3.662   18.042  1.00 23.23 ? 90  PHE B O   1 
ATOM   1308 C CB  . PHE C 1 68 ? 8.859   5.338   15.418  1.00 24.74 ? 90  PHE B CB  1 
ATOM   1309 C CG  . PHE C 1 68 ? 7.371   5.512   15.306  1.00 26.13 ? 90  PHE B CG  1 
ATOM   1310 C CD1 . PHE C 1 68 ? 6.690   6.359   16.172  1.00 26.97 ? 90  PHE B CD1 1 
ATOM   1311 C CD2 . PHE C 1 68 ? 6.652   4.838   14.322  1.00 25.65 ? 90  PHE B CD2 1 
ATOM   1312 C CE1 . PHE C 1 68 ? 5.287   6.534   16.063  1.00 28.28 ? 90  PHE B CE1 1 
ATOM   1313 C CE2 . PHE C 1 68 ? 5.261   5.003   14.198  1.00 24.60 ? 90  PHE B CE2 1 
ATOM   1314 C CZ  . PHE C 1 68 ? 4.577   5.852   15.073  1.00 26.14 ? 90  PHE B CZ  1 
ATOM   1315 N N   . SER C 1 69 ? 8.932   5.434   18.590  1.00 22.43 ? 91  SER B N   1 
ATOM   1316 C CA  . SER C 1 69 ? 8.282   5.724   19.850  1.00 21.48 ? 91  SER B CA  1 
ATOM   1317 C C   . SER C 1 69 ? 7.457   6.998   19.683  1.00 21.67 ? 91  SER B C   1 
ATOM   1318 O O   . SER C 1 69 ? 7.957   7.976   19.118  1.00 22.36 ? 91  SER B O   1 
ATOM   1319 C CB  . SER C 1 69 ? 9.328   5.973   20.944  1.00 22.74 ? 91  SER B CB  1 
ATOM   1320 O OG  . SER C 1 69 ? 8.703   6.334   22.161  1.00 25.12 ? 91  SER B OG  1 
ATOM   1321 N N   . VAL C 1 70 ? 6.233   7.004   20.200  1.00 20.41 ? 92  VAL B N   1 
ATOM   1322 C CA  . VAL C 1 70 ? 5.382   8.203   20.117  1.00 21.83 ? 92  VAL B CA  1 
ATOM   1323 C C   . VAL C 1 70 ? 6.023   9.295   21.008  1.00 21.66 ? 92  VAL B C   1 
ATOM   1324 O O   . VAL C 1 70 ? 5.706   10.492  20.880  1.00 22.63 ? 92  VAL B O   1 
ATOM   1325 C CB  . VAL C 1 70 ? 3.908   7.905   20.597  1.00 23.01 ? 92  VAL B CB  1 
ATOM   1326 C CG1 . VAL C 1 70 ? 3.015   9.191   20.452  1.00 24.09 ? 92  VAL B CG1 1 
ATOM   1327 C CG2 . VAL C 1 70 ? 3.292   6.790   19.764  1.00 20.24 ? 92  VAL B CG2 1 
ATOM   1328 N N   . LYS C 1 71 ? 6.906   8.893   21.914  1.00 21.03 ? 93  LYS B N   1 
ATOM   1329 C CA  . LYS C 1 71 ? 7.576   9.878   22.784  1.00 24.27 ? 93  LYS B CA  1 
ATOM   1330 C C   . LYS C 1 71 ? 8.604   10.700  22.009  1.00 23.70 ? 93  LYS B C   1 
ATOM   1331 O O   . LYS C 1 71 ? 8.988   11.791  22.445  1.00 23.71 ? 93  LYS B O   1 
ATOM   1332 C CB  . LYS C 1 71 ? 8.251   9.208   23.974  1.00 25.93 ? 93  LYS B CB  1 
ATOM   1333 C CG  . LYS C 1 71 ? 7.268   8.669   25.007  1.00 28.41 ? 93  LYS B CG  1 
ATOM   1334 C CD  . LYS C 1 71 ? 8.021   8.018   26.164  1.00 32.23 ? 93  LYS B CD  1 
ATOM   1335 C CE  . LYS C 1 71 ? 7.049   7.751   27.306  1.00 35.03 ? 93  LYS B CE  1 
ATOM   1336 N NZ  . LYS C 1 71 ? 7.575   6.795   28.339  1.00 36.98 ? 93  LYS B NZ  1 
ATOM   1337 N N   . ASP C 1 72 ? 9.067   10.175  20.878  1.00 22.37 ? 94  ASP B N   1 
ATOM   1338 C CA  . ASP C 1 72 ? 9.987   10.917  20.015  1.00 23.50 ? 94  ASP B CA  1 
ATOM   1339 C C   . ASP C 1 72 ? 9.466   10.817  18.598  1.00 21.63 ? 94  ASP B C   1 
ATOM   1340 O O   . ASP C 1 72 ? 9.875   9.934   17.828  1.00 22.44 ? 94  ASP B O   1 
ATOM   1341 C CB  . ASP C 1 72 ? 11.382  10.368  20.023  1.00 22.78 ? 94  ASP B CB  1 
ATOM   1342 C CG  . ASP C 1 72 ? 12.315  11.185  19.112  1.00 24.95 ? 94  ASP B CG  1 
ATOM   1343 O OD1 . ASP C 1 72 ? 11.868  12.197  18.501  1.00 23.04 ? 94  ASP B OD1 1 
ATOM   1344 O OD2 . ASP C 1 72 ? 13.496  10.808  19.009  1.00 23.51 ? 94  ASP B OD2 1 
ATOM   1345 N N   . PRO C 1 73 ? 8.563   11.722  18.242  1.00 20.86 ? 95  PRO B N   1 
ATOM   1346 C CA  . PRO C 1 73 ? 7.971   11.722  16.902  1.00 19.83 ? 95  PRO B CA  1 
ATOM   1347 C C   . PRO C 1 73 ? 8.874   12.173  15.762  1.00 20.32 ? 95  PRO B C   1 
ATOM   1348 O O   . PRO C 1 73 ? 8.395   12.292  14.629  1.00 21.39 ? 95  PRO B O   1 
ATOM   1349 C CB  . PRO C 1 73 ? 6.758   12.638  17.071  1.00 20.64 ? 95  PRO B CB  1 
ATOM   1350 C CG  . PRO C 1 73 ? 7.243   13.630  18.099  1.00 21.98 ? 95  PRO B CG  1 
ATOM   1351 C CD  . PRO C 1 73 ? 7.871   12.692  19.109  1.00 21.51 ? 95  PRO B CD  1 
ATOM   1352 N N   . SER C 1 74 ? 10.163  12.428  16.006  1.00 18.84 ? 96  SER B N   1 
ATOM   1353 C CA  . SER C 1 74 ? 10.998  12.890  14.870  1.00 19.92 ? 96  SER B CA  1 
ATOM   1354 C C   . SER C 1 74 ? 10.843  12.113  13.541  1.00 20.90 ? 96  SER B C   1 
ATOM   1355 O O   . SER C 1 74 ? 10.639  12.727  12.485  1.00 19.63 ? 96  SER B O   1 
ATOM   1356 C CB  . SER C 1 74 ? 12.472  12.935  15.270  1.00 22.09 ? 96  SER B CB  1 
ATOM   1357 O OG  . SER C 1 74 ? 12.620  13.884  16.306  1.00 25.00 ? 96  SER B OG  1 
ATOM   1358 N N   . PRO C 1 75 ? 10.972  10.760  13.557  1.00 20.30 ? 97  PRO B N   1 
ATOM   1359 C CA  . PRO C 1 75 ? 10.836  9.930   12.340  1.00 21.89 ? 97  PRO B CA  1 
ATOM   1360 C C   . PRO C 1 75 ? 9.478   10.150  11.643  1.00 20.69 ? 97  PRO B C   1 
ATOM   1361 O O   . PRO C 1 75 ? 9.373   10.106  10.403  1.00 19.61 ? 97  PRO B O   1 
ATOM   1362 C CB  . PRO C 1 75 ? 10.961  8.502   12.868  1.00 24.15 ? 97  PRO B CB  1 
ATOM   1363 C CG  . PRO C 1 75 ? 11.787  8.656   14.136  1.00 25.33 ? 97  PRO B CG  1 
ATOM   1364 C CD  . PRO C 1 75 ? 11.265  9.930   14.735  1.00 23.57 ? 97  PRO B CD  1 
ATOM   1365 N N   . LEU C 1 76 ? 8.443   10.388  12.448  1.00 19.24 ? 98  LEU B N   1 
ATOM   1366 C CA  . LEU C 1 76 ? 7.088   10.637  11.920  1.00 20.78 ? 98  LEU B CA  1 
ATOM   1367 C C   . LEU C 1 76 ? 7.033   11.998  11.191  1.00 19.72 ? 98  LEU B C   1 
ATOM   1368 O O   . LEU C 1 76 ? 6.519   12.094  10.058  1.00 18.28 ? 98  LEU B O   1 
ATOM   1369 C CB  . LEU C 1 76 ? 6.080   10.632  13.070  1.00 23.18 ? 98  LEU B CB  1 
ATOM   1370 C CG  . LEU C 1 76 ? 4.606   10.785  12.728  1.00 26.57 ? 98  LEU B CG  1 
ATOM   1371 C CD1 . LEU C 1 76 ? 4.134   9.506   11.992  1.00 28.23 ? 98  LEU B CD1 1 
ATOM   1372 C CD2 . LEU C 1 76 ? 3.821   10.990  14.022  1.00 28.62 ? 98  LEU B CD2 1 
ATOM   1373 N N   . TYR C 1 77 ? 7.590   13.042  11.816  1.00 18.17 ? 99  TYR B N   1 
ATOM   1374 C CA  . TYR C 1 77 ? 7.570   14.347  11.189  1.00 15.36 ? 99  TYR B CA  1 
ATOM   1375 C C   . TYR C 1 77 ? 8.544   14.397  9.986   1.00 17.51 ? 99  TYR B C   1 
ATOM   1376 O O   . TYR C 1 77 ? 8.314   15.114  9.018   1.00 18.20 ? 99  TYR B O   1 
ATOM   1377 C CB  . TYR C 1 77 ? 7.882   15.436  12.227  1.00 15.72 ? 99  TYR B CB  1 
ATOM   1378 C CG  . TYR C 1 77 ? 6.916   15.456  13.388  1.00 16.73 ? 99  TYR B CG  1 
ATOM   1379 C CD1 . TYR C 1 77 ? 5.564   15.153  13.191  1.00 16.93 ? 99  TYR B CD1 1 
ATOM   1380 C CD2 . TYR C 1 77 ? 7.335   15.830  14.661  1.00 17.99 ? 99  TYR B CD2 1 
ATOM   1381 C CE1 . TYR C 1 77 ? 4.658   15.221  14.203  1.00 17.12 ? 99  TYR B CE1 1 
ATOM   1382 C CE2 . TYR C 1 77 ? 6.411   15.916  15.719  1.00 20.46 ? 99  TYR B CE2 1 
ATOM   1383 C CZ  . TYR C 1 77 ? 5.083   15.614  15.471  1.00 21.70 ? 99  TYR B CZ  1 
ATOM   1384 O OH  . TYR C 1 77 ? 4.158   15.699  16.460  1.00 20.48 ? 99  TYR B OH  1 
ATOM   1385 N N   . ASP C 1 78 ? 9.642   13.650  10.031  1.00 17.68 ? 100 ASP B N   1 
ATOM   1386 C CA  . ASP C 1 78 ? 10.543  13.660  8.871   1.00 21.76 ? 100 ASP B CA  1 
ATOM   1387 C C   . ASP C 1 78 ? 9.775   13.029  7.703   1.00 20.35 ? 100 ASP B C   1 
ATOM   1388 O O   . ASP C 1 78 ? 9.955   13.432  6.539   1.00 18.15 ? 100 ASP B O   1 
ATOM   1389 C CB  . ASP C 1 78 ? 11.801  12.797  9.081   1.00 21.81 ? 100 ASP B CB  1 
ATOM   1390 C CG  . ASP C 1 78 ? 12.714  13.317  10.154  1.00 27.40 ? 100 ASP B CG  1 
ATOM   1391 O OD1 . ASP C 1 78 ? 12.747  14.540  10.408  1.00 28.84 ? 100 ASP B OD1 1 
ATOM   1392 O OD2 . ASP C 1 78 ? 13.453  12.479  10.742  1.00 30.30 ? 100 ASP B OD2 1 
ATOM   1393 N N   . MET C 1 79 ? 8.960   12.011  8.001   1.00 18.98 ? 101 MET B N   1 
ATOM   1394 C CA  . MET C 1 79 ? 8.195   11.327  6.949   1.00 20.03 ? 101 MET B CA  1 
ATOM   1395 C C   . MET C 1 79 ? 7.148   12.306  6.373   1.00 19.56 ? 101 MET B C   1 
ATOM   1396 O O   . MET C 1 79 ? 6.980   12.376  5.165   1.00 18.21 ? 101 MET B O   1 
ATOM   1397 C CB  . MET C 1 79 ? 7.548   10.043  7.512   1.00 21.48 ? 101 MET B CB  1 
ATOM   1398 C CG  . MET C 1 79 ? 6.661   9.228   6.573   1.00 17.85 ? 101 MET B CG  1 
ATOM   1399 S SD  . MET C 1 79 ? 5.000   9.923   6.385   1.00 20.75 ? 101 MET B SD  1 
ATOM   1400 C CE  . MET C 1 79 ? 4.379   9.422   8.067   1.00 20.72 ? 101 MET B CE  1 
ATOM   1401 N N   . LEU C 1 80 ? 6.480   13.081  7.227   1.00 19.25 ? 102 LEU B N   1 
ATOM   1402 C CA  . LEU C 1 80 ? 5.493   14.065  6.740   1.00 18.97 ? 102 LEU B CA  1 
ATOM   1403 C C   . LEU C 1 80 ? 6.152   15.097  5.836   1.00 20.49 ? 102 LEU B C   1 
ATOM   1404 O O   . LEU C 1 80 ? 5.564   15.528  4.860   1.00 21.22 ? 102 LEU B O   1 
ATOM   1405 C CB  . LEU C 1 80 ? 4.835   14.805  7.913   1.00 19.13 ? 102 LEU B CB  1 
ATOM   1406 C CG  . LEU C 1 80 ? 4.027   13.903  8.855   1.00 20.04 ? 102 LEU B CG  1 
ATOM   1407 C CD1 . LEU C 1 80 ? 3.283   14.740  9.897   1.00 23.11 ? 102 LEU B CD1 1 
ATOM   1408 C CD2 . LEU C 1 80 ? 3.041   13.067  7.986   1.00 19.36 ? 102 LEU B CD2 1 
ATOM   1409 N N   . ARG C 1 81 ? 7.365   15.526  6.199   1.00 19.52 ? 103 ARG B N   1 
ATOM   1410 C CA  . ARG C 1 81 ? 8.111   16.500  5.412   1.00 21.18 ? 103 ARG B CA  1 
ATOM   1411 C C   . ARG C 1 81 ? 8.308   15.960  4.001   1.00 22.39 ? 103 ARG B C   1 
ATOM   1412 O O   . ARG C 1 81 ? 8.238   16.733  3.022   1.00 22.05 ? 103 ARG B O   1 
ATOM   1413 C CB  . ARG C 1 81 ? 9.501   16.776  6.065   1.00 21.33 ? 103 ARG B CB  1 
ATOM   1414 C CG  . ARG C 1 81 ? 10.442  17.694  5.272   1.00 28.63 ? 103 ARG B CG  1 
ATOM   1415 C CD  . ARG C 1 81 ? 11.748  17.923  6.022   1.00 32.99 ? 103 ARG B CD  1 
ATOM   1416 N NE  . ARG C 1 81 ? 12.284  16.641  6.478   1.00 38.16 ? 103 ARG B NE  1 
ATOM   1417 C CZ  . ARG C 1 81 ? 12.971  15.777  5.725   1.00 41.30 ? 103 ARG B CZ  1 
ATOM   1418 N NH1 . ARG C 1 81 ? 13.241  16.057  4.443   1.00 42.69 ? 103 ARG B NH1 1 
ATOM   1419 N NH2 . ARG C 1 81 ? 13.355  14.605  6.249   1.00 40.77 ? 103 ARG B NH2 1 
ATOM   1420 N N   . LYS C 1 82 ? 8.576   14.653  3.877   1.00 20.52 ? 104 LYS B N   1 
ATOM   1421 C CA  . LYS C 1 82 ? 8.821   14.086  2.555   1.00 22.43 ? 104 LYS B CA  1 
ATOM   1422 C C   . LYS C 1 82 ? 7.600   13.594  1.843   1.00 22.15 ? 104 LYS B C   1 
ATOM   1423 O O   . LYS C 1 82 ? 7.656   13.310  0.660   1.00 22.39 ? 104 LYS B O   1 
ATOM   1424 C CB  . LYS C 1 82 ? 9.825   12.931  2.631   1.00 21.96 ? 104 LYS B CB  1 
ATOM   1425 C CG  . LYS C 1 82 ? 11.107  13.345  3.339   1.00 27.25 ? 104 LYS B CG  1 
ATOM   1426 C CD  . LYS C 1 82 ? 12.265  12.421  3.069   1.00 31.81 ? 104 LYS B CD  1 
ATOM   1427 C CE  . LYS C 1 82 ? 12.304  11.282  4.032   1.00 34.07 ? 104 LYS B CE  1 
ATOM   1428 N NZ  . LYS C 1 82 ? 13.674  11.211  4.697   1.00 36.84 ? 104 LYS B NZ  1 
ATOM   1429 N N   . ASN C 1 83 ? 6.480   13.501  2.549   1.00 20.82 ? 105 ASN B N   1 
ATOM   1430 C CA  . ASN C 1 83 ? 5.310   12.967  1.899   1.00 19.59 ? 105 ASN B CA  1 
ATOM   1431 C C   . ASN C 1 83 ? 4.094   13.886  1.837   1.00 19.93 ? 105 ASN B C   1 
ATOM   1432 O O   . ASN C 1 83 ? 3.063   13.441  1.426   1.00 21.75 ? 105 ASN B O   1 
ATOM   1433 C CB  . ASN C 1 83 ? 4.967   11.598  2.555   1.00 22.61 ? 105 ASN B CB  1 
ATOM   1434 C CG  . ASN C 1 83 ? 5.916   10.490  2.114   1.00 22.54 ? 105 ASN B CG  1 
ATOM   1435 O OD1 . ASN C 1 83 ? 5.777   9.949   1.010   1.00 24.46 ? 105 ASN B OD1 1 
ATOM   1436 N ND2 . ASN C 1 83 ? 6.921   10.175  2.954   1.00 21.25 ? 105 ASN B ND2 1 
ATOM   1437 N N   . LEU C 1 84 ? 4.199   15.156  2.252   1.00 19.04 ? 106 LEU B N   1 
ATOM   1438 C CA  . LEU C 1 84 ? 3.057   16.048  2.137   1.00 19.73 ? 106 LEU B CA  1 
ATOM   1439 C C   . LEU C 1 84 ? 3.552   17.147  1.210   1.00 19.79 ? 106 LEU B C   1 
ATOM   1440 O O   . LEU C 1 84 ? 4.653   17.679  1.395   1.00 20.84 ? 106 LEU B O   1 
ATOM   1441 C CB  . LEU C 1 84 ? 2.599   16.623  3.501   1.00 18.51 ? 106 LEU B CB  1 
ATOM   1442 C CG  . LEU C 1 84 ? 1.971   15.659  4.538   1.00 18.24 ? 106 LEU B CG  1 
ATOM   1443 C CD1 . LEU C 1 84 ? 1.817   16.417  5.840   1.00 17.32 ? 106 LEU B CD1 1 
ATOM   1444 C CD2 . LEU C 1 84 ? 0.629   15.099  3.979   1.00 17.54 ? 106 LEU B CD2 1 
ATOM   1445 N N   . VAL C 1 85 ? 2.742   17.485  0.218   1.00 21.20 ? 107 VAL B N   1 
ATOM   1446 C CA  . VAL C 1 85 ? 3.117   18.522  -0.758  1.00 20.74 ? 107 VAL B CA  1 
ATOM   1447 C C   . VAL C 1 85 ? 2.028   19.597  -0.896  1.00 20.24 ? 107 VAL B C   1 
ATOM   1448 O O   . VAL C 1 85 ? 0.840   19.265  -0.970  1.00 19.66 ? 107 VAL B O   1 
ATOM   1449 C CB  . VAL C 1 85 ? 3.312   17.890  -2.170  1.00 22.58 ? 107 VAL B CB  1 
ATOM   1450 C CG1 . VAL C 1 85 ? 3.925   18.925  -3.109  1.00 20.38 ? 107 VAL B CG1 1 
ATOM   1451 C CG2 . VAL C 1 85 ? 4.162   16.622  -2.086  1.00 22.26 ? 107 VAL B CG2 1 
ATOM   1452 N N   . THR C 1 86 ? 2.414   20.873  -0.894  1.00 19.68 ? 108 THR B N   1 
ATOM   1453 C CA  . THR C 1 86 ? 1.429   21.927  -1.108  1.00 21.70 ? 108 THR B CA  1 
ATOM   1454 C C   . THR C 1 86 ? 1.312   22.057  -2.644  1.00 21.59 ? 108 THR B C   1 
ATOM   1455 O O   . THR C 1 86 ? 2.261   22.464  -3.326  1.00 20.28 ? 108 THR B O   1 
ATOM   1456 C CB  . THR C 1 86 ? 1.874   23.286  -0.473  1.00 21.75 ? 108 THR B CB  1 
ATOM   1457 O OG1 . THR C 1 86 ? 3.108   23.725  -1.064  1.00 24.43 ? 108 THR B OG1 1 
ATOM   1458 C CG2 . THR C 1 86 ? 2.061   23.129  1.030   1.00 20.97 ? 108 THR B CG2 1 
ATOM   1459 N N   . LEU C 1 87 ? 0.144   21.692  -3.172  1.00 22.63 ? 109 LEU B N   1 
ATOM   1460 C CA  . LEU C 1 87 ? -0.122  21.704  -4.608  1.00 24.34 ? 109 LEU B CA  1 
ATOM   1461 C C   . LEU C 1 87 ? -1.241  22.626  -5.086  1.00 24.66 ? 109 LEU B C   1 
ATOM   1462 O O   . LEU C 1 87 ? -1.500  22.724  -6.289  1.00 22.39 ? 109 LEU B O   1 
ATOM   1463 C CB  . LEU C 1 87 ? -0.455  20.286  -5.079  1.00 26.12 ? 109 LEU B CB  1 
ATOM   1464 C CG  . LEU C 1 87 ? 0.719   19.339  -5.055  1.00 28.86 ? 109 LEU B CG  1 
ATOM   1465 C CD1 . LEU C 1 87 ? 0.230   17.926  -5.394  1.00 28.71 ? 109 LEU B CD1 1 
ATOM   1466 C CD2 . LEU C 1 87 ? 1.779   19.811  -6.047  1.00 30.22 ? 109 LEU B CD2 1 
ATOM   1467 N N   . ALA C 1 88 ? -1.898  23.289  -4.147  1.00 25.52 ? 110 ALA B N   1 
ATOM   1468 C CA  . ALA C 1 88 ? -2.982  24.200  -4.464  1.00 27.56 ? 110 ALA B CA  1 
ATOM   1469 C C   . ALA C 1 88 ? -3.227  24.997  -3.218  1.00 29.88 ? 110 ALA B C   1 
ATOM   1470 O O   . ALA C 1 88 ? -2.958  24.517  -2.114  1.00 32.84 ? 110 ALA B O   1 
ATOM   1471 C CB  . ALA C 1 88 ? -4.233  23.418  -4.831  1.00 23.62 ? 110 ALA B CB  1 
ATOM   1472 N N   . THR C 1 89 ? -3.743  26.205  -3.389  1.00 29.99 ? 111 THR B N   1 
ATOM   1473 C CA  . THR C 1 89 ? -4.048  27.063  -2.260  1.00 32.98 ? 111 THR B CA  1 
ATOM   1474 C C   . THR C 1 89 ? -5.540  27.374  -2.294  1.00 35.67 ? 111 THR B C   1 
ATOM   1475 O O   . THR C 1 89 ? -6.262  26.842  -3.187  1.00 36.46 ? 111 THR B O   1 
ATOM   1476 C CB  . THR C 1 89 ? -3.296  28.409  -2.345  1.00 32.42 ? 111 THR B CB  1 
ATOM   1477 O OG1 . THR C 1 89 ? -3.792  29.142  -3.466  1.00 36.36 ? 111 THR B OG1 1 
ATOM   1478 C CG2 . THR C 1 89 ? -1.806  28.201  -2.513  1.00 33.33 ? 111 THR B CG2 1 
ATOM   1479 O OXT . THR C 1 89 ? -5.962  28.161  -1.421  1.00 36.76 ? 111 THR B OXT 1 
ATOM   1480 N N   . GLU D 2 1  ? 0.401   3.658   30.330  1.00 18.48 ? 1   GLU Q N   1 
ATOM   1481 C CA  . GLU D 2 1  ? -0.520  4.570   29.620  1.00 23.39 ? 1   GLU Q CA  1 
ATOM   1482 C C   . GLU D 2 1  ? -0.960  3.942   28.281  1.00 23.43 ? 1   GLU Q C   1 
ATOM   1483 O O   . GLU D 2 1  ? -0.324  3.005   27.798  1.00 24.02 ? 1   GLU Q O   1 
ATOM   1484 C CB  . GLU D 2 1  ? 0.181   5.891   29.358  1.00 26.44 ? 1   GLU Q CB  1 
ATOM   1485 C CG  . GLU D 2 1  ? -0.795  6.890   28.881  1.00 35.49 ? 1   GLU Q CG  1 
ATOM   1486 C CD  . GLU D 2 1  ? -1.992  7.016   29.832  1.00 38.91 ? 1   GLU Q CD  1 
ATOM   1487 O OE1 . GLU D 2 1  ? -1.794  7.613   30.925  1.00 42.38 ? 1   GLU Q OE1 1 
ATOM   1488 O OE2 . GLU D 2 1  ? -3.117  6.521   29.495  1.00 37.04 ? 1   GLU Q OE2 1 
ATOM   1489 N N   . THR D 2 2  ? -2.027  4.455   27.665  1.00 20.64 ? 2   THR Q N   1 
ATOM   1490 C CA  . THR D 2 2  ? -2.481  3.911   26.399  1.00 20.50 ? 2   THR Q CA  1 
ATOM   1491 C C   . THR D 2 2  ? -1.859  4.586   25.157  1.00 19.56 ? 2   THR Q C   1 
ATOM   1492 O O   . THR D 2 2  ? -1.361  5.706   25.212  1.00 20.15 ? 2   THR Q O   1 
ATOM   1493 C CB  . THR D 2 2  ? -4.017  4.034   26.274  1.00 19.70 ? 2   THR Q CB  1 
ATOM   1494 O OG1 . THR D 2 2  ? -4.382  5.418   26.226  1.00 20.11 ? 2   THR Q OG1 1 
ATOM   1495 C CG2 . THR D 2 2  ? -4.678  3.416   27.488  1.00 20.51 ? 2   THR Q CG2 1 
ATOM   1496 N N   . PHE D 2 3  ? -1.910  3.863   24.048  1.00 19.42 ? 3   PHE Q N   1 
ATOM   1497 C CA  . PHE D 2 3  ? -1.445  4.367   22.777  1.00 18.48 ? 3   PHE Q CA  1 
ATOM   1498 C C   . PHE D 2 3  ? -2.213  5.674   22.467  1.00 19.78 ? 3   PHE Q C   1 
ATOM   1499 O O   . PHE D 2 3  ? -1.635  6.675   22.024  1.00 20.20 ? 3   PHE Q O   1 
ATOM   1500 C CB  . PHE D 2 3  ? -1.751  3.345   21.668  1.00 17.91 ? 3   PHE Q CB  1 
ATOM   1501 C CG  . PHE D 2 3  ? -1.523  3.915   20.278  1.00 16.92 ? 3   PHE Q CG  1 
ATOM   1502 C CD1 . PHE D 2 3  ? -0.243  4.221   19.865  1.00 17.96 ? 3   PHE Q CD1 1 
ATOM   1503 C CD2 . PHE D 2 3  ? -2.599  4.292   19.485  1.00 17.59 ? 3   PHE Q CD2 1 
ATOM   1504 C CE1 . PHE D 2 3  ? -0.015  4.933   18.664  1.00 16.74 ? 3   PHE Q CE1 1 
ATOM   1505 C CE2 . PHE D 2 3  ? -2.401  4.988   18.305  1.00 19.69 ? 3   PHE Q CE2 1 
ATOM   1506 C CZ  . PHE D 2 3  ? -1.108  5.313   17.899  1.00 17.83 ? 3   PHE Q CZ  1 
ATOM   1507 N N   . GLU D 2 4  ? -3.527  5.627   22.665  1.00 18.83 ? 4   GLU Q N   1 
ATOM   1508 C CA  . GLU D 2 4  ? -4.386  6.788   22.435  1.00 22.38 ? 4   GLU Q CA  1 
ATOM   1509 C C   . GLU D 2 4  ? -3.905  8.011   23.220  1.00 23.45 ? 4   GLU Q C   1 
ATOM   1510 O O   . GLU D 2 4  ? -3.836  9.145   22.668  1.00 21.38 ? 4   GLU Q O   1 
ATOM   1511 C CB  . GLU D 2 4  ? -5.804  6.470   22.874  1.00 26.71 ? 4   GLU Q CB  1 
ATOM   1512 C CG  . GLU D 2 4  ? -6.861  7.467   22.354  1.00 31.56 ? 4   GLU Q CG  1 
ATOM   1513 C CD  . GLU D 2 4  ? -8.240  7.215   22.979  1.00 33.43 ? 4   GLU Q CD  1 
ATOM   1514 O OE1 . GLU D 2 4  ? -8.442  6.143   23.593  1.00 33.50 ? 4   GLU Q OE1 1 
ATOM   1515 O OE2 . GLU D 2 4  ? -9.118  8.093   22.864  1.00 34.38 ? 4   GLU Q OE2 1 
ATOM   1516 N N   . HIS D 2 5  ? -3.585  7.792   24.503  1.00 22.94 ? 5   HIS Q N   1 
ATOM   1517 C CA  . HIS D 2 5  ? -3.091  8.870   25.359  1.00 25.83 ? 5   HIS Q CA  1 
ATOM   1518 C C   . HIS D 2 5  ? -1.794  9.417   24.809  1.00 25.03 ? 5   HIS Q C   1 
ATOM   1519 O O   . HIS D 2 5  ? -1.633  10.632  24.711  1.00 23.91 ? 5   HIS Q O   1 
ATOM   1520 C CB  . HIS D 2 5  ? -2.820  8.440   26.815  1.00 31.19 ? 5   HIS Q CB  1 
ATOM   1521 C CG  . HIS D 2 5  ? -2.240  9.548   27.666  1.00 36.45 ? 5   HIS Q CG  1 
ATOM   1522 N ND1 . HIS D 2 5  ? -3.021  10.369  28.457  1.00 40.56 ? 5   HIS Q ND1 1 
ATOM   1523 C CD2 . HIS D 2 5  ? -0.965  9.998   27.806  1.00 39.35 ? 5   HIS Q CD2 1 
ATOM   1524 C CE1 . HIS D 2 5  ? -2.257  11.274  29.048  1.00 41.31 ? 5   HIS Q CE1 1 
ATOM   1525 N NE2 . HIS D 2 5  ? -1.006  11.072  28.669  1.00 41.27 ? 5   HIS Q NE2 1 
ATOM   1526 N N   . TRP D 2 6  ? -0.865  8.535   24.441  1.00 23.19 ? 6   TRP Q N   1 
ATOM   1527 C CA  . TRP D 2 6  ? 0.410   9.018   23.909  1.00 23.05 ? 6   TRP Q CA  1 
ATOM   1528 C C   . TRP D 2 6  ? 0.221   9.812   22.608  1.00 22.08 ? 6   TRP Q C   1 
ATOM   1529 O O   . TRP D 2 6  ? 0.828   10.892  22.400  1.00 21.92 ? 6   TRP Q O   1 
ATOM   1530 C CB  . TRP D 2 6  ? 1.354   7.844   23.619  1.00 22.66 ? 6   TRP Q CB  1 
ATOM   1531 C CG  . TRP D 2 6  ? 1.782   7.125   24.837  1.00 24.99 ? 6   TRP Q CG  1 
ATOM   1532 C CD1 . TRP D 2 6  ? 1.627   5.779   25.101  1.00 22.82 ? 6   TRP Q CD1 1 
ATOM   1533 C CD2 . TRP D 2 6  ? 2.470   7.688   25.971  1.00 25.82 ? 6   TRP Q CD2 1 
ATOM   1534 N NE1 . TRP D 2 6  ? 2.181   5.481   26.339  1.00 23.88 ? 6   TRP Q NE1 1 
ATOM   1535 C CE2 . TRP D 2 6  ? 2.701   6.632   26.888  1.00 26.47 ? 6   TRP Q CE2 1 
ATOM   1536 C CE3 . TRP D 2 6  ? 2.913   8.982   26.302  1.00 27.52 ? 6   TRP Q CE3 1 
ATOM   1537 C CZ2 . TRP D 2 6  ? 3.353   6.831   28.122  1.00 27.67 ? 6   TRP Q CZ2 1 
ATOM   1538 C CZ3 . TRP D 2 6  ? 3.575   9.188   27.549  1.00 28.25 ? 6   TRP Q CZ3 1 
ATOM   1539 C CH2 . TRP D 2 6  ? 3.780   8.112   28.433  1.00 29.29 ? 6   TRP Q CH2 1 
ATOM   1540 N N   . TRP D 2 7  ? -0.618  9.275   21.732  1.00 19.19 ? 7   TRP Q N   1 
ATOM   1541 C CA  . TRP D 2 7  ? -0.817  9.877   20.434  1.00 19.59 ? 7   TRP Q CA  1 
ATOM   1542 C C   . TRP D 2 7  ? -1.491  11.228  20.564  1.00 22.09 ? 7   TRP Q C   1 
ATOM   1543 O O   . TRP D 2 7  ? -1.118  12.166  19.856  1.00 20.97 ? 7   TRP Q O   1 
ATOM   1544 C CB  . TRP D 2 7  ? -1.677  8.977   19.530  1.00 18.27 ? 7   TRP Q CB  1 
ATOM   1545 C CG  . TRP D 2 7  ? -1.629  9.420   18.099  1.00 17.87 ? 7   TRP Q CG  1 
ATOM   1546 C CD1 . TRP D 2 7  ? -2.557  10.208  17.444  1.00 18.18 ? 7   TRP Q CD1 1 
ATOM   1547 C CD2 . TRP D 2 7  ? -0.630  9.096   17.132  1.00 16.55 ? 7   TRP Q CD2 1 
ATOM   1548 N NE1 . TRP D 2 7  ? -2.194  10.381  16.144  1.00 18.17 ? 7   TRP Q NE1 1 
ATOM   1549 C CE2 . TRP D 2 7  ? -1.012  9.714   15.916  1.00 17.99 ? 7   TRP Q CE2 1 
ATOM   1550 C CE3 . TRP D 2 7  ? 0.559   8.343   17.173  1.00 18.18 ? 7   TRP Q CE3 1 
ATOM   1551 C CZ2 . TRP D 2 7  ? -0.253  9.604   14.749  1.00 17.57 ? 7   TRP Q CZ2 1 
ATOM   1552 C CZ3 . TRP D 2 7  ? 1.321   8.230   16.021  1.00 17.51 ? 7   TRP Q CZ3 1 
ATOM   1553 C CH2 . TRP D 2 7  ? 0.908   8.862   14.808  1.00 18.60 ? 7   TRP Q CH2 1 
ATOM   1554 N N   . SER D 2 8  ? -2.451  11.343  21.479  1.00 23.09 ? 8   SER Q N   1 
ATOM   1555 C CA  . SER D 2 8  ? -3.174  12.607  21.592  1.00 27.03 ? 8   SER Q CA  1 
ATOM   1556 C C   . SER D 2 8  ? -2.339  13.760  22.126  1.00 28.16 ? 8   SER Q C   1 
ATOM   1557 O O   . SER D 2 8  ? -2.731  14.928  22.008  1.00 29.23 ? 8   SER Q O   1 
ATOM   1558 C CB  . SER D 2 8  ? -4.454  12.434  22.434  1.00 28.53 ? 8   SER Q CB  1 
ATOM   1559 O OG  . SER D 2 8  ? -4.141  12.323  23.804  1.00 30.54 ? 8   SER Q OG  1 
ATOM   1560 N N   . GLN D 2 9  ? -1.191  13.449  22.714  1.00 27.78 ? 9   GLN Q N   1 
ATOM   1561 C CA  . GLN D 2 9  ? -0.323  14.490  23.245  1.00 31.56 ? 9   GLN Q CA  1 
ATOM   1562 C C   . GLN D 2 9  ? 0.656   15.010  22.189  1.00 29.81 ? 9   GLN Q C   1 
ATOM   1563 O O   . GLN D 2 9  ? 1.465   15.894  22.458  1.00 29.17 ? 9   GLN Q O   1 
ATOM   1564 C CB  . GLN D 2 9  ? 0.412   13.973  24.492  1.00 35.51 ? 9   GLN Q CB  1 
ATOM   1565 C CG  . GLN D 2 9  ? -0.567  13.506  25.609  1.00 41.53 ? 9   GLN Q CG  1 
ATOM   1566 C CD  . GLN D 2 9  ? -1.713  14.522  25.888  1.00 45.19 ? 9   GLN Q CD  1 
ATOM   1567 O OE1 . GLN D 2 9  ? -1.457  15.688  26.229  1.00 48.30 ? 9   GLN Q OE1 1 
ATOM   1568 N NE2 . GLN D 2 9  ? -2.979  14.073  25.746  1.00 45.38 ? 9   GLN Q NE2 1 
ATOM   1569 N N   . LEU D 2 10 ? 0.564   14.475  20.976  1.00 28.04 ? 10  LEU Q N   1 
ATOM   1570 C CA  . LEU D 2 10 ? 1.444   14.914  19.914  1.00 28.72 ? 10  LEU Q CA  1 
ATOM   1571 C C   . LEU D 2 10 ? 1.035   16.276  19.406  1.00 31.42 ? 10  LEU Q C   1 
ATOM   1572 O O   . LEU D 2 10 ? -0.111  16.699  19.568  1.00 30.05 ? 10  LEU Q O   1 
ATOM   1573 C CB  . LEU D 2 10 ? 1.444   13.929  18.740  1.00 27.92 ? 10  LEU Q CB  1 
ATOM   1574 C CG  . LEU D 2 10 ? 2.240   12.635  18.969  1.00 28.25 ? 10  LEU Q CG  1 
ATOM   1575 C CD1 . LEU D 2 10 ? 2.122   11.824  17.728  1.00 27.46 ? 10  LEU Q CD1 1 
ATOM   1576 C CD2 . LEU D 2 10 ? 3.741   12.916  19.296  1.00 28.50 ? 10  LEU Q CD2 1 
ATOM   1577 N N   . LEU D 2 11 ? 2.023   16.969  18.845  1.00 32.79 ? 11  LEU Q N   1 
ATOM   1578 C CA  . LEU D 2 11 ? 1.853   18.276  18.223  1.00 37.37 ? 11  LEU Q CA  1 
ATOM   1579 C C   . LEU D 2 11 ? 1.214   17.938  16.862  1.00 40.48 ? 11  LEU Q C   1 
ATOM   1580 O O   . LEU D 2 11 ? 1.875   17.386  15.977  1.00 43.41 ? 11  LEU Q O   1 
ATOM   1581 C CB  . LEU D 2 11 ? 3.228   18.909  17.979  1.00 34.94 ? 11  LEU Q CB  1 
ATOM   1582 C CG  . LEU D 2 11 ? 3.221   20.285  17.333  1.00 31.78 ? 11  LEU Q CG  1 
ATOM   1583 C CD1 . LEU D 2 11 ? 2.723   21.335  18.375  1.00 30.77 ? 11  LEU Q CD1 1 
ATOM   1584 C CD2 . LEU D 2 11 ? 4.649   20.602  16.865  1.00 29.90 ? 11  LEU Q CD2 1 
ATOM   1585 N N   . SER D 2 12 ? -0.067  18.208  16.695  1.00 42.41 ? 12  SER Q N   1 
ATOM   1586 C CA  . SER D 2 12 ? -0.695  17.870  15.423  1.00 45.65 ? 12  SER Q CA  1 
ATOM   1587 C C   . SER D 2 12 ? -1.174  19.103  14.683  1.00 47.45 ? 12  SER Q C   1 
ATOM   1588 O O   . SER D 2 12 ? -1.091  20.234  15.236  1.00 49.82 ? 12  SER Q O   1 
ATOM   1589 C CB  . SER D 2 12 ? -1.874  16.913  15.648  1.00 45.45 ? 12  SER Q CB  1 
ATOM   1590 O OG  . SER D 2 12 ? -2.982  17.585  16.231  1.00 44.90 ? 12  SER Q OG  1 
ATOM   1591 O OXT . SER D 2 12 ? -1.638  18.907  13.548  1.00 50.10 ? 12  SER Q OXT 1 
HETATM 1592 S S   . SO4 E 3 .  ? 3.597   2.408   28.227  1.00 30.44 ? 201 SO4 B S   1 
HETATM 1593 O O1  . SO4 E 3 .  ? 2.875   3.253   29.160  1.00 31.60 ? 201 SO4 B O1  1 
HETATM 1594 O O2  . SO4 E 3 .  ? 3.621   3.043   26.888  1.00 31.92 ? 201 SO4 B O2  1 
HETATM 1595 O O3  . SO4 E 3 .  ? 2.950   1.093   28.119  1.00 27.42 ? 201 SO4 B O3  1 
HETATM 1596 O O4  . SO4 E 3 .  ? 5.007   2.215   28.673  1.00 32.58 ? 201 SO4 B O4  1 
HETATM 1597 O O   . HOH F 4 .  ? 6.133   -5.520  -23.608 1.00 22.10 ? 2   HOH A O   1 
HETATM 1598 O O   . HOH F 4 .  ? -1.626  -25.043 -11.953 1.00 42.04 ? 7   HOH A O   1 
HETATM 1599 O O   . HOH F 4 .  ? 1.398   -28.072 -12.512 1.00 33.13 ? 10  HOH A O   1 
HETATM 1600 O O   . HOH F 4 .  ? -7.923  -1.092  -18.035 1.00 23.32 ? 17  HOH A O   1 
HETATM 1601 O O   . HOH F 4 .  ? 0.078   2.351   -14.840 1.00 26.22 ? 20  HOH A O   1 
HETATM 1602 O O   . HOH F 4 .  ? 2.774   -3.472  -22.495 1.00 20.94 ? 22  HOH A O   1 
HETATM 1603 O O   . HOH F 4 .  ? 12.371  -18.804 -13.545 1.00 33.37 ? 112 HOH A O   1 
HETATM 1604 O O   . HOH F 4 .  ? 0.847   -5.772  2.090   1.00 55.49 ? 113 HOH A O   1 
HETATM 1605 O O   . HOH F 4 .  ? -8.581  11.160  -10.294 1.00 46.30 ? 114 HOH A O   1 
HETATM 1606 O O   . HOH F 4 .  ? 5.429   -11.209 -2.148  1.00 32.06 ? 115 HOH A O   1 
HETATM 1607 O O   . HOH F 4 .  ? -6.180  0.340   1.562   1.00 40.56 ? 116 HOH A O   1 
HETATM 1608 O O   . HOH F 4 .  ? 8.727   -12.382 -6.080  1.00 26.65 ? 117 HOH A O   1 
HETATM 1609 O O   . HOH F 4 .  ? 4.737   -2.341  2.116   1.00 54.93 ? 118 HOH A O   1 
HETATM 1610 O O   . HOH F 4 .  ? -9.096  1.379   -19.550 1.00 56.95 ? 119 HOH A O   1 
HETATM 1611 O O   . HOH F 4 .  ? 7.736   -1.141  -17.791 1.00 50.52 ? 120 HOH A O   1 
HETATM 1612 O O   . HOH F 4 .  ? -5.528  -26.023 -28.334 1.00 35.87 ? 121 HOH A O   1 
HETATM 1613 O O   . HOH F 4 .  ? 12.839  -2.811  -20.844 1.00 40.69 ? 122 HOH A O   1 
HETATM 1614 O O   . HOH F 4 .  ? 9.426   -6.854  -15.228 1.00 34.72 ? 123 HOH A O   1 
HETATM 1615 O O   . HOH F 4 .  ? 6.192   -19.866 -3.445  1.00 33.23 ? 124 HOH A O   1 
HETATM 1616 O O   . HOH F 4 .  ? -4.321  -22.759 -8.984  1.00 42.36 ? 125 HOH A O   1 
HETATM 1617 O O   . HOH F 4 .  ? 12.076  -16.903 -1.836  1.00 41.40 ? 126 HOH A O   1 
HETATM 1618 O O   . HOH F 4 .  ? 0.837   -2.196  -23.792 1.00 29.90 ? 127 HOH A O   1 
HETATM 1619 O O   . HOH F 4 .  ? -6.945  -3.264  -21.608 1.00 32.19 ? 128 HOH A O   1 
HETATM 1620 O O   . HOH F 4 .  ? 11.406  -13.181 -5.542  1.00 29.89 ? 129 HOH A O   1 
HETATM 1621 O O   . HOH F 4 .  ? -13.190 4.920   1.304   1.00 37.57 ? 130 HOH A O   1 
HETATM 1622 O O   . HOH F 4 .  ? 1.325   5.335   -11.121 1.00 40.49 ? 131 HOH A O   1 
HETATM 1623 O O   . HOH F 4 .  ? 11.238  -8.658  -15.140 1.00 33.56 ? 132 HOH A O   1 
HETATM 1624 O O   . HOH F 4 .  ? -8.893  -13.918 -15.069 1.00 33.23 ? 133 HOH A O   1 
HETATM 1625 O O   . HOH F 4 .  ? 11.753  -13.956 -2.975  1.00 28.87 ? 134 HOH A O   1 
HETATM 1626 O O   . HOH F 4 .  ? -3.125  -24.658 -29.985 1.00 40.36 ? 135 HOH A O   1 
HETATM 1627 O O   . HOH F 4 .  ? 7.342   5.285   0.614   1.00 38.10 ? 136 HOH A O   1 
HETATM 1628 O O   . HOH F 4 .  ? 6.358   -8.542  -0.655  1.00 36.60 ? 137 HOH A O   1 
HETATM 1629 O O   . HOH F 4 .  ? 6.837   -3.176  -16.333 1.00 33.56 ? 138 HOH A O   1 
HETATM 1630 O O   . HOH F 4 .  ? 4.192   -23.146 -3.561  1.00 60.94 ? 139 HOH A O   1 
HETATM 1631 O O   . HOH F 4 .  ? 11.673  -14.690 -21.327 1.00 38.30 ? 140 HOH A O   1 
HETATM 1632 O O   . HOH F 4 .  ? -6.997  -1.450  -0.417  1.00 31.61 ? 141 HOH A O   1 
HETATM 1633 O O   . HOH F 4 .  ? -8.729  -11.329 -9.314  1.00 34.70 ? 142 HOH A O   1 
HETATM 1634 O O   . HOH F 4 .  ? 13.467  -8.909  -17.153 1.00 39.53 ? 143 HOH A O   1 
HETATM 1635 O O   . HOH F 4 .  ? 6.064   -24.608 -24.902 1.00 55.65 ? 144 HOH A O   1 
HETATM 1636 O O   . HOH F 4 .  ? -2.901  0.014   -22.208 1.00 51.88 ? 145 HOH A O   1 
HETATM 1637 O O   . HOH F 4 .  ? 8.924   -4.945  -16.488 1.00 35.64 ? 146 HOH A O   1 
HETATM 1638 O O   . HOH F 4 .  ? 1.398   -25.302 -5.633  1.00 42.38 ? 147 HOH A O   1 
HETATM 1639 O O   . HOH F 4 .  ? 11.083  -10.709 -22.449 1.00 35.39 ? 148 HOH A O   1 
HETATM 1640 O O   . HOH F 4 .  ? 13.282  -11.733 -15.950 1.00 48.78 ? 149 HOH A O   1 
HETATM 1641 O O   . HOH F 4 .  ? -10.351 -11.978 -12.264 1.00 40.12 ? 150 HOH A O   1 
HETATM 1642 O O   . HOH F 4 .  ? 9.248   -0.982  -6.035  1.00 38.37 ? 151 HOH A O   1 
HETATM 1643 O O   . HOH F 4 .  ? 9.426   -9.994  -7.129  1.00 34.26 ? 152 HOH A O   1 
HETATM 1644 O O   . HOH F 4 .  ? 12.612  -5.598  -12.257 1.00 51.36 ? 153 HOH A O   1 
HETATM 1645 O O   . HOH F 4 .  ? -1.434  1.661   -20.660 1.00 41.22 ? 154 HOH A O   1 
HETATM 1646 O O   . HOH F 4 .  ? 3.020   -5.018  0.918   1.00 37.40 ? 155 HOH A O   1 
HETATM 1647 O O   . HOH F 4 .  ? 10.545  1.351   -7.987  1.00 48.03 ? 156 HOH A O   1 
HETATM 1648 O O   . HOH F 4 .  ? -6.488  2.856   0.729   1.00 25.91 ? 157 HOH A O   1 
HETATM 1649 O O   . HOH F 4 .  ? -8.800  -17.953 -5.731  1.00 42.44 ? 158 HOH A O   1 
HETATM 1650 O O   . HOH F 4 .  ? 9.054   -14.033 -20.972 1.00 34.86 ? 159 HOH A O   1 
HETATM 1651 O O   . HOH F 4 .  ? -7.870  -0.680  3.875   1.00 35.82 ? 160 HOH A O   1 
HETATM 1652 O O   . HOH F 4 .  ? 4.907   -17.640 -2.435  1.00 44.81 ? 161 HOH A O   1 
HETATM 1653 O O   . HOH F 4 .  ? 12.211  -15.171 -6.751  1.00 38.96 ? 162 HOH A O   1 
HETATM 1654 O O   . HOH G 4 .  ? -10.238 -3.080  -20.424 1.00 41.99 ? 13  HOH P O   1 
HETATM 1655 O O   . HOH G 4 .  ? -16.347 -1.536  -17.805 1.00 36.83 ? 28  HOH P O   1 
HETATM 1656 O O   . HOH G 4 .  ? -10.567 -10.359 -20.092 1.00 46.77 ? 52  HOH P O   1 
HETATM 1657 O O   . HOH G 4 .  ? -12.323 4.620   -10.287 1.00 46.56 ? 59  HOH P O   1 
HETATM 1658 O O   . HOH G 4 .  ? -12.310 -0.935  -17.425 1.00 45.57 ? 60  HOH P O   1 
HETATM 1659 O O   . HOH G 4 .  ? -12.574 -4.313  -5.383  1.00 44.09 ? 69  HOH P O   1 
HETATM 1660 O O   . HOH G 4 .  ? -12.319 4.105   -7.208  1.00 36.90 ? 72  HOH P O   1 
HETATM 1661 O O   . HOH G 4 .  ? -16.727 -4.630  -7.893  1.00 33.43 ? 84  HOH P O   1 
HETATM 1662 O O   . HOH G 4 .  ? -7.862  -10.005 -15.116 1.00 36.67 ? 102 HOH P O   1 
HETATM 1663 O O   . HOH G 4 .  ? -10.228 -2.276  -16.828 1.00 35.88 ? 122 HOH P O   1 
HETATM 1664 O O   . HOH G 4 .  ? -13.070 5.653   -12.227 1.00 47.81 ? 129 HOH P O   1 
HETATM 1665 O O   . HOH G 4 .  ? -17.729 -1.038  -9.578  1.00 30.75 ? 133 HOH P O   1 
HETATM 1666 O O   . HOH H 4 .  ? -4.799  0.624   24.259  1.00 22.06 ? 1   HOH B O   1 
HETATM 1667 O O   . HOH H 4 .  ? 8.397   -2.664  22.750  1.00 27.95 ? 3   HOH B O   1 
HETATM 1668 O O   . HOH H 4 .  ? 5.187   22.912  -3.291  1.00 21.08 ? 5   HOH B O   1 
HETATM 1669 O O   . HOH H 4 .  ? 11.070  7.373   17.598  1.00 25.12 ? 6   HOH B O   1 
HETATM 1670 O O   . HOH H 4 .  ? -10.241 16.125  1.594   1.00 23.48 ? 11  HOH B O   1 
HETATM 1671 O O   . HOH H 4 .  ? -4.744  15.346  14.998  1.00 20.59 ? 12  HOH B O   1 
HETATM 1672 O O   . HOH H 4 .  ? -12.244 9.326   12.750  1.00 22.38 ? 14  HOH B O   1 
HETATM 1673 O O   . HOH H 4 .  ? 1.167   -6.114  21.337  1.00 26.24 ? 15  HOH B O   1 
HETATM 1674 O O   . HOH H 4 .  ? 5.313   21.600  -0.628  1.00 22.86 ? 18  HOH B O   1 
HETATM 1675 O O   . HOH H 4 .  ? 7.459   -5.196  13.118  1.00 34.69 ? 19  HOH B O   1 
HETATM 1676 O O   . HOH H 4 .  ? -6.556  -5.213  12.502  1.00 28.70 ? 21  HOH B O   1 
HETATM 1677 O O   . HOH H 4 .  ? 2.430   -11.396 28.659  1.00 48.24 ? 112 HOH B O   1 
HETATM 1678 O O   . HOH H 4 .  ? -6.335  -7.103  14.307  1.00 21.57 ? 113 HOH B O   1 
HETATM 1679 O O   . HOH H 4 .  ? -2.064  -1.107  4.595   1.00 39.51 ? 114 HOH B O   1 
HETATM 1680 O O   . HOH H 4 .  ? 13.923  10.786  12.620  1.00 45.50 ? 115 HOH B O   1 
HETATM 1681 O O   . HOH H 4 .  ? -13.249 11.614  11.951  1.00 35.26 ? 116 HOH B O   1 
HETATM 1682 O O   . HOH H 4 .  ? -9.203  18.525  11.978  1.00 32.72 ? 117 HOH B O   1 
HETATM 1683 O O   . HOH H 4 .  ? -12.054 13.029  6.016   1.00 30.05 ? 118 HOH B O   1 
HETATM 1684 O O   . HOH H 4 .  ? -6.417  0.376   20.586  1.00 26.59 ? 119 HOH B O   1 
HETATM 1685 O O   . HOH H 4 .  ? -2.405  -5.670  11.621  1.00 36.69 ? 120 HOH B O   1 
HETATM 1686 O O   . HOH H 4 .  ? 11.259  9.102   8.791   1.00 27.05 ? 121 HOH B O   1 
HETATM 1687 O O   . HOH H 4 .  ? 7.149   17.038  0.461   1.00 30.75 ? 122 HOH B O   1 
HETATM 1688 O O   . HOH H 4 .  ? 12.626  6.618   19.857  1.00 56.32 ? 123 HOH B O   1 
HETATM 1689 O O   . HOH H 4 .  ? 7.176   -5.372  25.007  1.00 41.73 ? 124 HOH B O   1 
HETATM 1690 O O   . HOH H 4 .  ? 10.087  9.124   4.754   1.00 47.35 ? 125 HOH B O   1 
HETATM 1691 O O   . HOH H 4 .  ? -6.988  -1.320  19.148  1.00 37.03 ? 126 HOH B O   1 
HETATM 1692 O O   . HOH H 4 .  ? 1.953   -1.990  0.799   1.00 33.94 ? 127 HOH B O   1 
HETATM 1693 O O   . HOH H 4 .  ? 0.135   -0.533  -0.753  1.00 30.26 ? 128 HOH B O   1 
HETATM 1694 O O   . HOH H 4 .  ? 0.533   -2.614  5.006   1.00 30.29 ? 129 HOH B O   1 
HETATM 1695 O O   . HOH H 4 .  ? -0.266  -5.897  14.772  1.00 55.15 ? 130 HOH B O   1 
HETATM 1696 O O   . HOH H 4 .  ? -1.675  -3.489  19.564  1.00 30.27 ? 131 HOH B O   1 
HETATM 1697 O O   . HOH H 4 .  ? 1.393   -4.764  9.153   1.00 37.67 ? 132 HOH B O   1 
HETATM 1698 O O   . HOH H 4 .  ? 2.983   -4.336  15.151  1.00 31.08 ? 133 HOH B O   1 
HETATM 1699 O O   . HOH H 4 .  ? -4.216  -3.462  20.640  1.00 26.99 ? 134 HOH B O   1 
HETATM 1700 O O   . HOH H 4 .  ? 11.529  10.075  6.549   1.00 42.21 ? 135 HOH B O   1 
HETATM 1701 O O   . HOH H 4 .  ? -7.685  20.361  10.603  1.00 32.15 ? 136 HOH B O   1 
HETATM 1702 O O   . HOH H 4 .  ? -8.716  15.794  12.536  1.00 33.24 ? 137 HOH B O   1 
HETATM 1703 O O   . HOH H 4 .  ? -6.015  9.304   16.115  1.00 32.28 ? 138 HOH B O   1 
HETATM 1704 O O   . HOH H 4 .  ? -10.758 14.715  11.938  1.00 53.96 ? 139 HOH B O   1 
HETATM 1705 O O   . HOH H 4 .  ? -7.377  15.523  15.896  1.00 35.95 ? 140 HOH B O   1 
HETATM 1706 O O   . HOH H 4 .  ? -0.655  -5.430  6.066   1.00 44.86 ? 141 HOH B O   1 
HETATM 1707 O O   . HOH H 4 .  ? -1.645  22.724  -0.715  1.00 40.32 ? 142 HOH B O   1 
HETATM 1708 O O   . HOH H 4 .  ? -3.414  0.636   2.619   1.00 43.77 ? 143 HOH B O   1 
HETATM 1709 O O   . HOH H 4 .  ? -9.762  17.999  4.352   1.00 39.50 ? 144 HOH B O   1 
HETATM 1710 O O   . HOH H 4 .  ? 5.991   5.278   29.819  1.00 42.90 ? 145 HOH B O   1 
HETATM 1711 O O   . HOH H 4 .  ? 14.040  9.839   9.291   1.00 40.11 ? 146 HOH B O   1 
HETATM 1712 O O   . HOH H 4 .  ? 7.589   19.407  3.085   1.00 44.03 ? 147 HOH B O   1 
HETATM 1713 O O   . HOH H 4 .  ? -3.776  9.102   -6.225  1.00 46.70 ? 148 HOH B O   1 
HETATM 1714 O O   . HOH H 4 .  ? -3.673  -9.417  24.407  1.00 40.81 ? 149 HOH B O   1 
HETATM 1715 O O   . HOH H 4 .  ? -10.910 14.639  7.426   1.00 43.56 ? 150 HOH B O   1 
HETATM 1716 O O   . HOH H 4 .  ? 11.167  18.178  8.957   1.00 46.92 ? 151 HOH B O   1 
HETATM 1717 O O   . HOH H 4 .  ? 7.164   8.576   -0.555  1.00 38.85 ? 152 HOH B O   1 
HETATM 1718 O O   . HOH H 4 .  ? -5.714  7.572   17.924  1.00 47.75 ? 153 HOH B O   1 
HETATM 1719 O O   . HOH H 4 .  ? -6.230  4.979   19.121  1.00 37.63 ? 154 HOH B O   1 
HETATM 1720 O O   . HOH H 4 .  ? 7.079   19.765  -0.395  1.00 33.03 ? 155 HOH B O   1 
HETATM 1721 O O   . HOH H 4 .  ? -1.195  9.643   -5.690  1.00 34.29 ? 156 HOH B O   1 
HETATM 1722 O O   . HOH H 4 .  ? 8.363   16.133  -2.117  1.00 41.82 ? 157 HOH B O   1 
HETATM 1723 O O   . HOH H 4 .  ? -12.640 19.564  2.739   1.00 55.62 ? 158 HOH B O   1 
HETATM 1724 O O   . HOH H 4 .  ? 14.423  9.179   20.727  1.00 35.84 ? 159 HOH B O   1 
HETATM 1725 O O   . HOH H 4 .  ? -9.874  19.825  0.063   1.00 53.07 ? 160 HOH B O   1 
HETATM 1726 O O   . HOH H 4 .  ? -10.119 20.596  6.254   1.00 43.81 ? 161 HOH B O   1 
HETATM 1727 O O   . HOH H 4 .  ? 11.334  6.991   23.318  1.00 38.97 ? 162 HOH B O   1 
HETATM 1728 O O   . HOH H 4 .  ? 14.634  9.693   16.235  1.00 40.19 ? 163 HOH B O   1 
HETATM 1729 O O   . HOH H 4 .  ? 15.516  12.777  18.170  1.00 42.07 ? 164 HOH B O   1 
HETATM 1730 O O   . HOH I 4 .  ? -2.369  13.885  18.084  1.00 24.59 ? 13  HOH Q O   1 
HETATM 1731 O O   . HOH I 4 .  ? -6.636  12.312  17.222  1.00 36.20 ? 14  HOH Q O   1 
HETATM 1732 O O   . HOH I 4 .  ? -5.368  3.257   23.097  1.00 19.47 ? 15  HOH Q O   1 
HETATM 1733 O O   . HOH I 4 .  ? -4.038  12.944  16.151  1.00 22.04 ? 16  HOH Q O   1 
HETATM 1734 O O   . HOH I 4 .  ? -0.858  20.147  18.073  1.00 34.86 ? 25  HOH Q O   1 
HETATM 1735 O O   . HOH I 4 .  ? 4.655   16.202  19.351  1.00 31.87 ? 66  HOH Q O   1 
# 
loop_
_pdbx_poly_seq_scheme.asym_id 
_pdbx_poly_seq_scheme.entity_id 
_pdbx_poly_seq_scheme.seq_id 
_pdbx_poly_seq_scheme.mon_id 
_pdbx_poly_seq_scheme.ndb_seq_num 
_pdbx_poly_seq_scheme.pdb_seq_num 
_pdbx_poly_seq_scheme.auth_seq_num 
_pdbx_poly_seq_scheme.pdb_mon_id 
_pdbx_poly_seq_scheme.auth_mon_id 
_pdbx_poly_seq_scheme.pdb_strand_id 
_pdbx_poly_seq_scheme.pdb_ins_code 
_pdbx_poly_seq_scheme.hetero 
A 1 1  GLN 1  23  ?   ?   ?   A . n 
A 1 2  ILE 2  24  ?   ?   ?   A . n 
A 1 3  ASN 3  25  25  ASN ASN A . n 
A 1 4  GLN 4  26  26  GLN GLN A . n 
A 1 5  VAL 5  27  27  VAL VAL A . n 
A 1 6  ARG 6  28  28  ARG ARG A . n 
A 1 7  PRO 7  29  29  PRO PRO A . n 
A 1 8  LYS 8  30  30  LYS LYS A . n 
A 1 9  LEU 9  31  31  LEU LEU A . n 
A 1 10 PRO 10 32  32  PRO PRO A . n 
A 1 11 LEU 11 33  33  LEU LEU A . n 
A 1 12 LEU 12 34  34  LEU LEU A . n 
A 1 13 LYS 13 35  35  LYS LYS A . n 
A 1 14 ILE 14 36  36  ILE ILE A . n 
A 1 15 LEU 15 37  37  LEU LEU A . n 
A 1 16 HIS 16 38  38  HIS HIS A . n 
A 1 17 ALA 17 39  39  ALA ALA A . n 
A 1 18 ALA 18 40  40  ALA ALA A . n 
A 1 19 GLY 19 41  41  GLY GLY A . n 
A 1 20 ALA 20 42  42  ALA ALA A . n 
A 1 21 GLN 21 43  43  GLN GLN A . n 
A 1 22 GLY 22 44  44  GLY GLY A . n 
A 1 23 GLU 23 45  45  GLU GLU A . n 
A 1 24 MET 24 46  46  MET MET A . n 
A 1 25 PHE 25 47  47  PHE PHE A . n 
A 1 26 THR 26 48  48  THR THR A . n 
A 1 27 VAL 27 49  49  VAL VAL A . n 
A 1 28 LYS 28 50  50  LYS LYS A . n 
A 1 29 GLU 29 51  51  GLU GLU A . n 
A 1 30 VAL 30 52  52  VAL VAL A . n 
A 1 31 MET 31 53  53  MET MET A . n 
A 1 32 HIS 32 54  54  HIS HIS A . n 
A 1 33 TYR 33 55  55  TYR TYR A . n 
A 1 34 LEU 34 56  56  LEU LEU A . n 
A 1 35 GLY 35 57  57  GLY GLY A . n 
A 1 36 GLN 36 58  58  GLN GLN A . n 
A 1 37 TYR 37 59  59  TYR TYR A . n 
A 1 38 ILE 38 60  60  ILE ILE A . n 
A 1 39 MET 39 61  61  MET MET A . n 
A 1 40 VAL 40 62  62  VAL VAL A . n 
A 1 41 LYS 41 63  63  LYS LYS A . n 
A 1 42 GLN 42 64  64  GLN GLN A . n 
A 1 43 LEU 43 65  65  LEU LEU A . n 
A 1 44 TYR 44 66  66  TYR TYR A . n 
A 1 45 ASP 45 67  67  ASP ASP A . n 
A 1 46 GLN 46 68  68  GLN GLN A . n 
A 1 47 GLN 47 69  69  GLN GLN A . n 
A 1 48 GLU 48 70  70  GLU GLU A . n 
A 1 49 GLN 49 71  71  GLN GLN A . n 
A 1 50 HIS 50 72  72  HIS HIS A . n 
A 1 51 MET 51 73  73  MET MET A . n 
A 1 52 VAL 52 74  74  VAL VAL A . n 
A 1 53 TYR 53 75  75  TYR TYR A . n 
A 1 54 CYS 54 76  76  CYS CYS A . n 
A 1 55 GLY 55 77  77  GLY GLY A . n 
A 1 56 GLY 56 78  78  GLY GLY A . n 
A 1 57 ASP 57 79  79  ASP ASP A . n 
A 1 58 LEU 58 80  80  LEU LEU A . n 
A 1 59 LEU 59 81  81  LEU LEU A . n 
A 1 60 GLY 60 82  82  GLY GLY A . n 
A 1 61 GLU 61 83  83  GLU GLU A . n 
A 1 62 LEU 62 84  84  LEU LEU A . n 
A 1 63 LEU 63 85  85  LEU LEU A . n 
A 1 64 GLY 64 86  86  GLY GLY A . n 
A 1 65 ARG 65 87  87  ARG ARG A . n 
A 1 66 GLN 66 88  88  GLN GLN A . n 
A 1 67 SER 67 89  89  SER SER A . n 
A 1 68 PHE 68 90  90  PHE PHE A . n 
A 1 69 SER 69 91  91  SER SER A . n 
A 1 70 VAL 70 92  92  VAL VAL A . n 
A 1 71 LYS 71 93  93  LYS LYS A . n 
A 1 72 ASP 72 94  94  ASP ASP A . n 
A 1 73 PRO 73 95  95  PRO PRO A . n 
A 1 74 SER 74 96  96  SER SER A . n 
A 1 75 PRO 75 97  97  PRO PRO A . n 
A 1 76 LEU 76 98  98  LEU LEU A . n 
A 1 77 TYR 77 99  99  TYR TYR A . n 
A 1 78 ASP 78 100 100 ASP ASP A . n 
A 1 79 MET 79 101 101 MET MET A . n 
A 1 80 LEU 80 102 102 LEU LEU A . n 
A 1 81 ARG 81 103 103 ARG ARG A . n 
A 1 82 LYS 82 104 104 LYS LYS A . n 
A 1 83 ASN 83 105 105 ASN ASN A . n 
A 1 84 LEU 84 106 106 LEU LEU A . n 
A 1 85 VAL 85 107 107 VAL VAL A . n 
A 1 86 THR 86 108 108 THR THR A . n 
A 1 87 LEU 87 109 ?   ?   ?   A . n 
A 1 88 ALA 88 110 ?   ?   ?   A . n 
A 1 89 THR 89 111 ?   ?   ?   A . n 
B 2 1  GLU 1  1   1   GLU GLU P . n 
B 2 2  THR 2  2   2   THR THR P . n 
B 2 3  PHE 3  3   3   PHE PHE P . n 
B 2 4  GLU 4  4   4   GLU GLU P . n 
B 2 5  HIS 5  5   5   HIS HIS P . n 
B 2 6  TRP 6  6   6   TRP TRP P . n 
B 2 7  TRP 7  7   7   TRP TRP P . n 
B 2 8  SER 8  8   8   SER SER P . n 
B 2 9  GLN 9  9   9   GLN GLN P . n 
B 2 10 LEU 10 10  10  LEU LEU P . n 
B 2 11 LEU 11 11  11  LEU LEU P . n 
B 2 12 SER 12 12  12  SER SER P . n 
C 1 1  GLN 1  23  ?   ?   ?   B . n 
C 1 2  ILE 2  24  ?   ?   ?   B . n 
C 1 3  ASN 3  25  25  ASN ASN B . n 
C 1 4  GLN 4  26  26  GLN GLN B . n 
C 1 5  VAL 5  27  27  VAL VAL B . n 
C 1 6  ARG 6  28  28  ARG ARG B . n 
C 1 7  PRO 7  29  29  PRO PRO B . n 
C 1 8  LYS 8  30  30  LYS LYS B . n 
C 1 9  LEU 9  31  31  LEU LEU B . n 
C 1 10 PRO 10 32  32  PRO PRO B . n 
C 1 11 LEU 11 33  33  LEU LEU B . n 
C 1 12 LEU 12 34  34  LEU LEU B . n 
C 1 13 LYS 13 35  35  LYS LYS B . n 
C 1 14 ILE 14 36  36  ILE ILE B . n 
C 1 15 LEU 15 37  37  LEU LEU B . n 
C 1 16 HIS 16 38  38  HIS HIS B . n 
C 1 17 ALA 17 39  39  ALA ALA B . n 
C 1 18 ALA 18 40  40  ALA ALA B . n 
C 1 19 GLY 19 41  41  GLY GLY B . n 
C 1 20 ALA 20 42  42  ALA ALA B . n 
C 1 21 GLN 21 43  43  GLN GLN B . n 
C 1 22 GLY 22 44  44  GLY GLY B . n 
C 1 23 GLU 23 45  45  GLU GLU B . n 
C 1 24 MET 24 46  46  MET MET B . n 
C 1 25 PHE 25 47  47  PHE PHE B . n 
C 1 26 THR 26 48  48  THR THR B . n 
C 1 27 VAL 27 49  49  VAL VAL B . n 
C 1 28 LYS 28 50  50  LYS LYS B . n 
C 1 29 GLU 29 51  51  GLU GLU B . n 
C 1 30 VAL 30 52  52  VAL VAL B . n 
C 1 31 MET 31 53  53  MET MET B . n 
C 1 32 HIS 32 54  54  HIS HIS B . n 
C 1 33 TYR 33 55  55  TYR TYR B . n 
C 1 34 LEU 34 56  56  LEU LEU B . n 
C 1 35 GLY 35 57  57  GLY GLY B . n 
C 1 36 GLN 36 58  58  GLN GLN B . n 
C 1 37 TYR 37 59  59  TYR TYR B . n 
C 1 38 ILE 38 60  60  ILE ILE B . n 
C 1 39 MET 39 61  61  MET MET B . n 
C 1 40 VAL 40 62  62  VAL VAL B . n 
C 1 41 LYS 41 63  63  LYS LYS B . n 
C 1 42 GLN 42 64  64  GLN GLN B . n 
C 1 43 LEU 43 65  65  LEU LEU B . n 
C 1 44 TYR 44 66  66  TYR TYR B . n 
C 1 45 ASP 45 67  67  ASP ASP B . n 
C 1 46 GLN 46 68  68  GLN GLN B . n 
C 1 47 GLN 47 69  69  GLN GLN B . n 
C 1 48 GLU 48 70  70  GLU GLU B . n 
C 1 49 GLN 49 71  71  GLN GLN B . n 
C 1 50 HIS 50 72  72  HIS HIS B . n 
C 1 51 MET 51 73  73  MET MET B . n 
C 1 52 VAL 52 74  74  VAL VAL B . n 
C 1 53 TYR 53 75  75  TYR TYR B . n 
C 1 54 CYS 54 76  76  CYS CYS B . n 
C 1 55 GLY 55 77  77  GLY GLY B . n 
C 1 56 GLY 56 78  78  GLY GLY B . n 
C 1 57 ASP 57 79  79  ASP ASP B . n 
C 1 58 LEU 58 80  80  LEU LEU B . n 
C 1 59 LEU 59 81  81  LEU LEU B . n 
C 1 60 GLY 60 82  82  GLY GLY B . n 
C 1 61 GLU 61 83  83  GLU GLU B . n 
C 1 62 LEU 62 84  84  LEU LEU B . n 
C 1 63 LEU 63 85  85  LEU LEU B . n 
C 1 64 GLY 64 86  86  GLY GLY B . n 
C 1 65 ARG 65 87  87  ARG ARG B . n 
C 1 66 GLN 66 88  88  GLN GLN B . n 
C 1 67 SER 67 89  89  SER SER B . n 
C 1 68 PHE 68 90  90  PHE PHE B . n 
C 1 69 SER 69 91  91  SER SER B . n 
C 1 70 VAL 70 92  92  VAL VAL B . n 
C 1 71 LYS 71 93  93  LYS LYS B . n 
C 1 72 ASP 72 94  94  ASP ASP B . n 
C 1 73 PRO 73 95  95  PRO PRO B . n 
C 1 74 SER 74 96  96  SER SER B . n 
C 1 75 PRO 75 97  97  PRO PRO B . n 
C 1 76 LEU 76 98  98  LEU LEU B . n 
C 1 77 TYR 77 99  99  TYR TYR B . n 
C 1 78 ASP 78 100 100 ASP ASP B . n 
C 1 79 MET 79 101 101 MET MET B . n 
C 1 80 LEU 80 102 102 LEU LEU B . n 
C 1 81 ARG 81 103 103 ARG ARG B . n 
C 1 82 LYS 82 104 104 LYS LYS B . n 
C 1 83 ASN 83 105 105 ASN ASN B . n 
C 1 84 LEU 84 106 106 LEU LEU B . n 
C 1 85 VAL 85 107 107 VAL VAL B . n 
C 1 86 THR 86 108 108 THR THR B . n 
C 1 87 LEU 87 109 109 LEU LEU B . n 
C 1 88 ALA 88 110 110 ALA ALA B . n 
C 1 89 THR 89 111 111 THR THR B . n 
D 2 1  GLU 1  1   1   GLU GLU Q . n 
D 2 2  THR 2  2   2   THR THR Q . n 
D 2 3  PHE 3  3   3   PHE PHE Q . n 
D 2 4  GLU 4  4   4   GLU GLU Q . n 
D 2 5  HIS 5  5   5   HIS HIS Q . n 
D 2 6  TRP 6  6   6   TRP TRP Q . n 
D 2 7  TRP 7  7   7   TRP TRP Q . n 
D 2 8  SER 8  8   8   SER SER Q . n 
D 2 9  GLN 9  9   9   GLN GLN Q . n 
D 2 10 LEU 10 10  10  LEU LEU Q . n 
D 2 11 LEU 11 11  11  LEU LEU Q . n 
D 2 12 SER 12 12  12  SER SER Q . n 
# 
loop_
_pdbx_nonpoly_scheme.asym_id 
_pdbx_nonpoly_scheme.entity_id 
_pdbx_nonpoly_scheme.mon_id 
_pdbx_nonpoly_scheme.ndb_seq_num 
_pdbx_nonpoly_scheme.pdb_seq_num 
_pdbx_nonpoly_scheme.auth_seq_num 
_pdbx_nonpoly_scheme.pdb_mon_id 
_pdbx_nonpoly_scheme.auth_mon_id 
_pdbx_nonpoly_scheme.pdb_strand_id 
_pdbx_nonpoly_scheme.pdb_ins_code 
E 3 SO4 1  201 201 SO4 SO4 B . 
F 4 HOH 1  2   2   HOH HOH A . 
F 4 HOH 2  7   7   HOH HOH A . 
F 4 HOH 3  10  10  HOH HOH A . 
F 4 HOH 4  17  17  HOH HOH A . 
F 4 HOH 5  20  20  HOH HOH A . 
F 4 HOH 6  22  22  HOH HOH A . 
F 4 HOH 7  112 23  HOH HOH A . 
F 4 HOH 8  113 113 HOH HOH A . 
F 4 HOH 9  114 114 HOH HOH A . 
F 4 HOH 10 115 29  HOH HOH A . 
F 4 HOH 11 116 116 HOH HOH A . 
F 4 HOH 12 117 30  HOH HOH A . 
F 4 HOH 13 118 118 HOH HOH A . 
F 4 HOH 14 119 119 HOH HOH A . 
F 4 HOH 15 120 32  HOH HOH A . 
F 4 HOH 16 121 121 HOH HOH A . 
F 4 HOH 17 122 37  HOH HOH A . 
F 4 HOH 18 123 38  HOH HOH A . 
F 4 HOH 19 124 40  HOH HOH A . 
F 4 HOH 20 125 125 HOH HOH A . 
F 4 HOH 21 126 41  HOH HOH A . 
F 4 HOH 22 127 43  HOH HOH A . 
F 4 HOH 23 128 128 HOH HOH A . 
F 4 HOH 24 129 44  HOH HOH A . 
F 4 HOH 25 130 46  HOH HOH A . 
F 4 HOH 26 131 131 HOH HOH A . 
F 4 HOH 27 132 132 HOH HOH A . 
F 4 HOH 28 133 49  HOH HOH A . 
F 4 HOH 29 134 134 HOH HOH A . 
F 4 HOH 30 135 135 HOH HOH A . 
F 4 HOH 31 136 136 HOH HOH A . 
F 4 HOH 32 137 50  HOH HOH A . 
F 4 HOH 33 138 51  HOH HOH A . 
F 4 HOH 34 139 54  HOH HOH A . 
F 4 HOH 35 140 55  HOH HOH A . 
F 4 HOH 36 141 61  HOH HOH A . 
F 4 HOH 37 142 62  HOH HOH A . 
F 4 HOH 38 143 63  HOH HOH A . 
F 4 HOH 39 144 67  HOH HOH A . 
F 4 HOH 40 145 73  HOH HOH A . 
F 4 HOH 41 146 75  HOH HOH A . 
F 4 HOH 42 147 76  HOH HOH A . 
F 4 HOH 43 148 78  HOH HOH A . 
F 4 HOH 44 149 79  HOH HOH A . 
F 4 HOH 45 150 80  HOH HOH A . 
F 4 HOH 46 151 81  HOH HOH A . 
F 4 HOH 47 152 86  HOH HOH A . 
F 4 HOH 48 153 88  HOH HOH A . 
F 4 HOH 49 154 90  HOH HOH A . 
F 4 HOH 50 155 91  HOH HOH A . 
F 4 HOH 51 156 95  HOH HOH A . 
F 4 HOH 52 157 97  HOH HOH A . 
F 4 HOH 53 158 103 HOH HOH A . 
F 4 HOH 54 159 104 HOH HOH A . 
F 4 HOH 55 160 107 HOH HOH A . 
F 4 HOH 56 161 110 HOH HOH A . 
F 4 HOH 57 162 111 HOH HOH A . 
G 4 HOH 1  13  4   HOH HOH P . 
G 4 HOH 2  28  28  HOH HOH P . 
G 4 HOH 3  52  52  HOH HOH P . 
G 4 HOH 4  59  59  HOH HOH P . 
G 4 HOH 5  60  60  HOH HOH P . 
G 4 HOH 6  69  69  HOH HOH P . 
G 4 HOH 7  72  72  HOH HOH P . 
G 4 HOH 8  84  84  HOH HOH P . 
G 4 HOH 9  102 102 HOH HOH P . 
G 4 HOH 10 122 122 HOH HOH P . 
G 4 HOH 11 129 129 HOH HOH P . 
G 4 HOH 12 133 133 HOH HOH P . 
H 4 HOH 1  1   1   HOH HOH B . 
H 4 HOH 2  3   3   HOH HOH B . 
H 4 HOH 3  5   5   HOH HOH B . 
H 4 HOH 4  6   6   HOH HOH B . 
H 4 HOH 5  11  11  HOH HOH B . 
H 4 HOH 6  12  12  HOH HOH B . 
H 4 HOH 7  14  14  HOH HOH B . 
H 4 HOH 8  15  15  HOH HOH B . 
H 4 HOH 9  18  18  HOH HOH B . 
H 4 HOH 10 19  19  HOH HOH B . 
H 4 HOH 11 21  21  HOH HOH B . 
H 4 HOH 12 112 112 HOH HOH B . 
H 4 HOH 13 113 24  HOH HOH B . 
H 4 HOH 14 114 26  HOH HOH B . 
H 4 HOH 15 115 115 HOH HOH B . 
H 4 HOH 16 116 27  HOH HOH B . 
H 4 HOH 17 117 117 HOH HOH B . 
H 4 HOH 18 118 31  HOH HOH B . 
H 4 HOH 19 119 33  HOH HOH B . 
H 4 HOH 20 120 120 HOH HOH B . 
H 4 HOH 21 121 34  HOH HOH B . 
H 4 HOH 22 122 35  HOH HOH B . 
H 4 HOH 23 123 123 HOH HOH B . 
H 4 HOH 24 124 124 HOH HOH B . 
H 4 HOH 25 125 36  HOH HOH B . 
H 4 HOH 26 126 126 HOH HOH B . 
H 4 HOH 27 127 127 HOH HOH B . 
H 4 HOH 28 128 39  HOH HOH B . 
H 4 HOH 29 129 42  HOH HOH B . 
H 4 HOH 30 130 130 HOH HOH B . 
H 4 HOH 31 131 45  HOH HOH B . 
H 4 HOH 32 132 47  HOH HOH B . 
H 4 HOH 33 133 48  HOH HOH B . 
H 4 HOH 34 134 53  HOH HOH B . 
H 4 HOH 35 135 56  HOH HOH B . 
H 4 HOH 36 136 57  HOH HOH B . 
H 4 HOH 37 137 137 HOH HOH B . 
H 4 HOH 38 138 138 HOH HOH B . 
H 4 HOH 39 139 139 HOH HOH B . 
H 4 HOH 40 140 58  HOH HOH B . 
H 4 HOH 41 141 64  HOH HOH B . 
H 4 HOH 42 142 65  HOH HOH B . 
H 4 HOH 43 143 68  HOH HOH B . 
H 4 HOH 44 144 70  HOH HOH B . 
H 4 HOH 45 145 71  HOH HOH B . 
H 4 HOH 46 146 74  HOH HOH B . 
H 4 HOH 47 147 77  HOH HOH B . 
H 4 HOH 48 148 82  HOH HOH B . 
H 4 HOH 49 149 83  HOH HOH B . 
H 4 HOH 50 150 85  HOH HOH B . 
H 4 HOH 51 151 87  HOH HOH B . 
H 4 HOH 52 152 89  HOH HOH B . 
H 4 HOH 53 153 92  HOH HOH B . 
H 4 HOH 54 154 93  HOH HOH B . 
H 4 HOH 55 155 94  HOH HOH B . 
H 4 HOH 56 156 96  HOH HOH B . 
H 4 HOH 57 157 98  HOH HOH B . 
H 4 HOH 58 158 99  HOH HOH B . 
H 4 HOH 59 159 100 HOH HOH B . 
H 4 HOH 60 160 101 HOH HOH B . 
H 4 HOH 61 161 105 HOH HOH B . 
H 4 HOH 62 162 106 HOH HOH B . 
H 4 HOH 63 163 108 HOH HOH B . 
H 4 HOH 64 164 109 HOH HOH B . 
I 4 HOH 1  13  13  HOH HOH Q . 
I 4 HOH 2  14  8   HOH HOH Q . 
I 4 HOH 3  15  9   HOH HOH Q . 
I 4 HOH 4  16  16  HOH HOH Q . 
I 4 HOH 5  25  25  HOH HOH Q . 
I 4 HOH 6  66  66  HOH HOH Q . 
# 
loop_
_pdbx_struct_assembly.id 
_pdbx_struct_assembly.details 
_pdbx_struct_assembly.method_details 
_pdbx_struct_assembly.oligomeric_details 
_pdbx_struct_assembly.oligomeric_count 
1 author_and_software_defined_assembly PISA dimeric 2 
2 author_and_software_defined_assembly PISA dimeric 2 
# 
loop_
_pdbx_struct_assembly_gen.assembly_id 
_pdbx_struct_assembly_gen.oper_expression 
_pdbx_struct_assembly_gen.asym_id_list 
1 1 A,B,F,G   
2 1 C,D,E,H,I 
# 
loop_
_pdbx_struct_assembly_prop.biol_id 
_pdbx_struct_assembly_prop.type 
_pdbx_struct_assembly_prop.value 
_pdbx_struct_assembly_prop.details 
1 'ABSA (A^2)' 1110 ? 
1 MORE         -12  ? 
1 'SSA (A^2)'  5830 ? 
2 'ABSA (A^2)' 1310 ? 
2 MORE         -26  ? 
2 'SSA (A^2)'  5900 ? 
# 
_pdbx_struct_oper_list.id                   1 
_pdbx_struct_oper_list.type                 'identity operation' 
_pdbx_struct_oper_list.name                 1_555 
_pdbx_struct_oper_list.symmetry_operation   x,y,z 
_pdbx_struct_oper_list.matrix[1][1]         1.0000000000 
_pdbx_struct_oper_list.matrix[1][2]         0.0000000000 
_pdbx_struct_oper_list.matrix[1][3]         0.0000000000 
_pdbx_struct_oper_list.vector[1]            0.0000000000 
_pdbx_struct_oper_list.matrix[2][1]         0.0000000000 
_pdbx_struct_oper_list.matrix[2][2]         1.0000000000 
_pdbx_struct_oper_list.matrix[2][3]         0.0000000000 
_pdbx_struct_oper_list.vector[2]            0.0000000000 
_pdbx_struct_oper_list.matrix[3][1]         0.0000000000 
_pdbx_struct_oper_list.matrix[3][2]         0.0000000000 
_pdbx_struct_oper_list.matrix[3][3]         1.0000000000 
_pdbx_struct_oper_list.vector[3]            0.0000000000 
# 
loop_
_pdbx_audit_revision_history.ordinal 
_pdbx_audit_revision_history.data_content_type 
_pdbx_audit_revision_history.major_revision 
_pdbx_audit_revision_history.minor_revision 
_pdbx_audit_revision_history.revision_date 
1 'Structure model' 1 0 2009-11-10 
2 'Structure model' 1 1 2011-07-13 
3 'Structure model' 1 2 2023-09-06 
# 
_pdbx_audit_revision_details.ordinal             1 
_pdbx_audit_revision_details.revision_ordinal    1 
_pdbx_audit_revision_details.data_content_type   'Structure model' 
_pdbx_audit_revision_details.provider            repository 
_pdbx_audit_revision_details.type                'Initial release' 
_pdbx_audit_revision_details.description         ? 
_pdbx_audit_revision_details.details             ? 
# 
loop_
_pdbx_audit_revision_group.ordinal 
_pdbx_audit_revision_group.revision_ordinal 
_pdbx_audit_revision_group.data_content_type 
_pdbx_audit_revision_group.group 
1 2 'Structure model' 'Version format compliance' 
2 3 'Structure model' 'Data collection'           
3 3 'Structure model' 'Database references'       
4 3 'Structure model' 'Derived calculations'      
5 3 'Structure model' 'Refinement description'    
# 
loop_
_pdbx_audit_revision_category.ordinal 
_pdbx_audit_revision_category.revision_ordinal 
_pdbx_audit_revision_category.data_content_type 
_pdbx_audit_revision_category.category 
1 3 'Structure model' chem_comp_atom                
2 3 'Structure model' chem_comp_bond                
3 3 'Structure model' database_2                    
4 3 'Structure model' pdbx_initial_refinement_model 
5 3 'Structure model' struct_site                   
# 
loop_
_pdbx_audit_revision_item.ordinal 
_pdbx_audit_revision_item.revision_ordinal 
_pdbx_audit_revision_item.data_content_type 
_pdbx_audit_revision_item.item 
1 3 'Structure model' '_database_2.pdbx_DOI'                
2 3 'Structure model' '_database_2.pdbx_database_accession' 
3 3 'Structure model' '_struct_site.pdbx_auth_asym_id'      
4 3 'Structure model' '_struct_site.pdbx_auth_comp_id'      
5 3 'Structure model' '_struct_site.pdbx_auth_seq_id'       
# 
loop_
_software.name 
_software.classification 
_software.version 
_software.citation_id 
_software.pdbx_ordinal 
StructureStudio 'data collection' . ? 1 
CNS             refinement        . ? 2 
HKL-2000        'data reduction'  . ? 3 
HKL-2000        'data scaling'    . ? 4 
CNS             phasing           . ? 5 
# 
loop_
_pdbx_validate_torsion.id 
_pdbx_validate_torsion.PDB_model_num 
_pdbx_validate_torsion.auth_comp_id 
_pdbx_validate_torsion.auth_asym_id 
_pdbx_validate_torsion.auth_seq_id 
_pdbx_validate_torsion.PDB_ins_code 
_pdbx_validate_torsion.label_alt_id 
_pdbx_validate_torsion.phi 
_pdbx_validate_torsion.psi 
1 1 GLU A 70 ? ? -110.32 78.74 
2 1 GLU B 70 ? ? -152.02 77.48 
# 
loop_
_pdbx_unobs_or_zero_occ_residues.id 
_pdbx_unobs_or_zero_occ_residues.PDB_model_num 
_pdbx_unobs_or_zero_occ_residues.polymer_flag 
_pdbx_unobs_or_zero_occ_residues.occupancy_flag 
_pdbx_unobs_or_zero_occ_residues.auth_asym_id 
_pdbx_unobs_or_zero_occ_residues.auth_comp_id 
_pdbx_unobs_or_zero_occ_residues.auth_seq_id 
_pdbx_unobs_or_zero_occ_residues.PDB_ins_code 
_pdbx_unobs_or_zero_occ_residues.label_asym_id 
_pdbx_unobs_or_zero_occ_residues.label_comp_id 
_pdbx_unobs_or_zero_occ_residues.label_seq_id 
1 1 Y 1 A GLN 23  ? A GLN 1  
2 1 Y 1 A ILE 24  ? A ILE 2  
3 1 Y 1 A LEU 109 ? A LEU 87 
4 1 Y 1 A ALA 110 ? A ALA 88 
5 1 Y 1 A THR 111 ? A THR 89 
6 1 Y 1 B GLN 23  ? C GLN 1  
7 1 Y 1 B ILE 24  ? C ILE 2  
# 
loop_
_chem_comp_atom.comp_id 
_chem_comp_atom.atom_id 
_chem_comp_atom.type_symbol 
_chem_comp_atom.pdbx_aromatic_flag 
_chem_comp_atom.pdbx_stereo_config 
_chem_comp_atom.pdbx_ordinal 
ALA N    N N N 1   
ALA CA   C N S 2   
ALA C    C N N 3   
ALA O    O N N 4   
ALA CB   C N N 5   
ALA OXT  O N N 6   
ALA H    H N N 7   
ALA H2   H N N 8   
ALA HA   H N N 9   
ALA HB1  H N N 10  
ALA HB2  H N N 11  
ALA HB3  H N N 12  
ALA HXT  H N N 13  
ARG N    N N N 14  
ARG CA   C N S 15  
ARG C    C N N 16  
ARG O    O N N 17  
ARG CB   C N N 18  
ARG CG   C N N 19  
ARG CD   C N N 20  
ARG NE   N N N 21  
ARG CZ   C N N 22  
ARG NH1  N N N 23  
ARG NH2  N N N 24  
ARG OXT  O N N 25  
ARG H    H N N 26  
ARG H2   H N N 27  
ARG HA   H N N 28  
ARG HB2  H N N 29  
ARG HB3  H N N 30  
ARG HG2  H N N 31  
ARG HG3  H N N 32  
ARG HD2  H N N 33  
ARG HD3  H N N 34  
ARG HE   H N N 35  
ARG HH11 H N N 36  
ARG HH12 H N N 37  
ARG HH21 H N N 38  
ARG HH22 H N N 39  
ARG HXT  H N N 40  
ASN N    N N N 41  
ASN CA   C N S 42  
ASN C    C N N 43  
ASN O    O N N 44  
ASN CB   C N N 45  
ASN CG   C N N 46  
ASN OD1  O N N 47  
ASN ND2  N N N 48  
ASN OXT  O N N 49  
ASN H    H N N 50  
ASN H2   H N N 51  
ASN HA   H N N 52  
ASN HB2  H N N 53  
ASN HB3  H N N 54  
ASN HD21 H N N 55  
ASN HD22 H N N 56  
ASN HXT  H N N 57  
ASP N    N N N 58  
ASP CA   C N S 59  
ASP C    C N N 60  
ASP O    O N N 61  
ASP CB   C N N 62  
ASP CG   C N N 63  
ASP OD1  O N N 64  
ASP OD2  O N N 65  
ASP OXT  O N N 66  
ASP H    H N N 67  
ASP H2   H N N 68  
ASP HA   H N N 69  
ASP HB2  H N N 70  
ASP HB3  H N N 71  
ASP HD2  H N N 72  
ASP HXT  H N N 73  
CYS N    N N N 74  
CYS CA   C N R 75  
CYS C    C N N 76  
CYS O    O N N 77  
CYS CB   C N N 78  
CYS SG   S N N 79  
CYS OXT  O N N 80  
CYS H    H N N 81  
CYS H2   H N N 82  
CYS HA   H N N 83  
CYS HB2  H N N 84  
CYS HB3  H N N 85  
CYS HG   H N N 86  
CYS HXT  H N N 87  
GLN N    N N N 88  
GLN CA   C N S 89  
GLN C    C N N 90  
GLN O    O N N 91  
GLN CB   C N N 92  
GLN CG   C N N 93  
GLN CD   C N N 94  
GLN OE1  O N N 95  
GLN NE2  N N N 96  
GLN OXT  O N N 97  
GLN H    H N N 98  
GLN H2   H N N 99  
GLN HA   H N N 100 
GLN HB2  H N N 101 
GLN HB3  H N N 102 
GLN HG2  H N N 103 
GLN HG3  H N N 104 
GLN HE21 H N N 105 
GLN HE22 H N N 106 
GLN HXT  H N N 107 
GLU N    N N N 108 
GLU CA   C N S 109 
GLU C    C N N 110 
GLU O    O N N 111 
GLU CB   C N N 112 
GLU CG   C N N 113 
GLU CD   C N N 114 
GLU OE1  O N N 115 
GLU OE2  O N N 116 
GLU OXT  O N N 117 
GLU H    H N N 118 
GLU H2   H N N 119 
GLU HA   H N N 120 
GLU HB2  H N N 121 
GLU HB3  H N N 122 
GLU HG2  H N N 123 
GLU HG3  H N N 124 
GLU HE2  H N N 125 
GLU HXT  H N N 126 
GLY N    N N N 127 
GLY CA   C N N 128 
GLY C    C N N 129 
GLY O    O N N 130 
GLY OXT  O N N 131 
GLY H    H N N 132 
GLY H2   H N N 133 
GLY HA2  H N N 134 
GLY HA3  H N N 135 
GLY HXT  H N N 136 
HIS N    N N N 137 
HIS CA   C N S 138 
HIS C    C N N 139 
HIS O    O N N 140 
HIS CB   C N N 141 
HIS CG   C Y N 142 
HIS ND1  N Y N 143 
HIS CD2  C Y N 144 
HIS CE1  C Y N 145 
HIS NE2  N Y N 146 
HIS OXT  O N N 147 
HIS H    H N N 148 
HIS H2   H N N 149 
HIS HA   H N N 150 
HIS HB2  H N N 151 
HIS HB3  H N N 152 
HIS HD1  H N N 153 
HIS HD2  H N N 154 
HIS HE1  H N N 155 
HIS HE2  H N N 156 
HIS HXT  H N N 157 
HOH O    O N N 158 
HOH H1   H N N 159 
HOH H2   H N N 160 
ILE N    N N N 161 
ILE CA   C N S 162 
ILE C    C N N 163 
ILE O    O N N 164 
ILE CB   C N S 165 
ILE CG1  C N N 166 
ILE CG2  C N N 167 
ILE CD1  C N N 168 
ILE OXT  O N N 169 
ILE H    H N N 170 
ILE H2   H N N 171 
ILE HA   H N N 172 
ILE HB   H N N 173 
ILE HG12 H N N 174 
ILE HG13 H N N 175 
ILE HG21 H N N 176 
ILE HG22 H N N 177 
ILE HG23 H N N 178 
ILE HD11 H N N 179 
ILE HD12 H N N 180 
ILE HD13 H N N 181 
ILE HXT  H N N 182 
LEU N    N N N 183 
LEU CA   C N S 184 
LEU C    C N N 185 
LEU O    O N N 186 
LEU CB   C N N 187 
LEU CG   C N N 188 
LEU CD1  C N N 189 
LEU CD2  C N N 190 
LEU OXT  O N N 191 
LEU H    H N N 192 
LEU H2   H N N 193 
LEU HA   H N N 194 
LEU HB2  H N N 195 
LEU HB3  H N N 196 
LEU HG   H N N 197 
LEU HD11 H N N 198 
LEU HD12 H N N 199 
LEU HD13 H N N 200 
LEU HD21 H N N 201 
LEU HD22 H N N 202 
LEU HD23 H N N 203 
LEU HXT  H N N 204 
LYS N    N N N 205 
LYS CA   C N S 206 
LYS C    C N N 207 
LYS O    O N N 208 
LYS CB   C N N 209 
LYS CG   C N N 210 
LYS CD   C N N 211 
LYS CE   C N N 212 
LYS NZ   N N N 213 
LYS OXT  O N N 214 
LYS H    H N N 215 
LYS H2   H N N 216 
LYS HA   H N N 217 
LYS HB2  H N N 218 
LYS HB3  H N N 219 
LYS HG2  H N N 220 
LYS HG3  H N N 221 
LYS HD2  H N N 222 
LYS HD3  H N N 223 
LYS HE2  H N N 224 
LYS HE3  H N N 225 
LYS HZ1  H N N 226 
LYS HZ2  H N N 227 
LYS HZ3  H N N 228 
LYS HXT  H N N 229 
MET N    N N N 230 
MET CA   C N S 231 
MET C    C N N 232 
MET O    O N N 233 
MET CB   C N N 234 
MET CG   C N N 235 
MET SD   S N N 236 
MET CE   C N N 237 
MET OXT  O N N 238 
MET H    H N N 239 
MET H2   H N N 240 
MET HA   H N N 241 
MET HB2  H N N 242 
MET HB3  H N N 243 
MET HG2  H N N 244 
MET HG3  H N N 245 
MET HE1  H N N 246 
MET HE2  H N N 247 
MET HE3  H N N 248 
MET HXT  H N N 249 
PHE N    N N N 250 
PHE CA   C N S 251 
PHE C    C N N 252 
PHE O    O N N 253 
PHE CB   C N N 254 
PHE CG   C Y N 255 
PHE CD1  C Y N 256 
PHE CD2  C Y N 257 
PHE CE1  C Y N 258 
PHE CE2  C Y N 259 
PHE CZ   C Y N 260 
PHE OXT  O N N 261 
PHE H    H N N 262 
PHE H2   H N N 263 
PHE HA   H N N 264 
PHE HB2  H N N 265 
PHE HB3  H N N 266 
PHE HD1  H N N 267 
PHE HD2  H N N 268 
PHE HE1  H N N 269 
PHE HE2  H N N 270 
PHE HZ   H N N 271 
PHE HXT  H N N 272 
PRO N    N N N 273 
PRO CA   C N S 274 
PRO C    C N N 275 
PRO O    O N N 276 
PRO CB   C N N 277 
PRO CG   C N N 278 
PRO CD   C N N 279 
PRO OXT  O N N 280 
PRO H    H N N 281 
PRO HA   H N N 282 
PRO HB2  H N N 283 
PRO HB3  H N N 284 
PRO HG2  H N N 285 
PRO HG3  H N N 286 
PRO HD2  H N N 287 
PRO HD3  H N N 288 
PRO HXT  H N N 289 
SER N    N N N 290 
SER CA   C N S 291 
SER C    C N N 292 
SER O    O N N 293 
SER CB   C N N 294 
SER OG   O N N 295 
SER OXT  O N N 296 
SER H    H N N 297 
SER H2   H N N 298 
SER HA   H N N 299 
SER HB2  H N N 300 
SER HB3  H N N 301 
SER HG   H N N 302 
SER HXT  H N N 303 
SO4 S    S N N 304 
SO4 O1   O N N 305 
SO4 O2   O N N 306 
SO4 O3   O N N 307 
SO4 O4   O N N 308 
THR N    N N N 309 
THR CA   C N S 310 
THR C    C N N 311 
THR O    O N N 312 
THR CB   C N R 313 
THR OG1  O N N 314 
THR CG2  C N N 315 
THR OXT  O N N 316 
THR H    H N N 317 
THR H2   H N N 318 
THR HA   H N N 319 
THR HB   H N N 320 
THR HG1  H N N 321 
THR HG21 H N N 322 
THR HG22 H N N 323 
THR HG23 H N N 324 
THR HXT  H N N 325 
TRP N    N N N 326 
TRP CA   C N S 327 
TRP C    C N N 328 
TRP O    O N N 329 
TRP CB   C N N 330 
TRP CG   C Y N 331 
TRP CD1  C Y N 332 
TRP CD2  C Y N 333 
TRP NE1  N Y N 334 
TRP CE2  C Y N 335 
TRP CE3  C Y N 336 
TRP CZ2  C Y N 337 
TRP CZ3  C Y N 338 
TRP CH2  C Y N 339 
TRP OXT  O N N 340 
TRP H    H N N 341 
TRP H2   H N N 342 
TRP HA   H N N 343 
TRP HB2  H N N 344 
TRP HB3  H N N 345 
TRP HD1  H N N 346 
TRP HE1  H N N 347 
TRP HE3  H N N 348 
TRP HZ2  H N N 349 
TRP HZ3  H N N 350 
TRP HH2  H N N 351 
TRP HXT  H N N 352 
TYR N    N N N 353 
TYR CA   C N S 354 
TYR C    C N N 355 
TYR O    O N N 356 
TYR CB   C N N 357 
TYR CG   C Y N 358 
TYR CD1  C Y N 359 
TYR CD2  C Y N 360 
TYR CE1  C Y N 361 
TYR CE2  C Y N 362 
TYR CZ   C Y N 363 
TYR OH   O N N 364 
TYR OXT  O N N 365 
TYR H    H N N 366 
TYR H2   H N N 367 
TYR HA   H N N 368 
TYR HB2  H N N 369 
TYR HB3  H N N 370 
TYR HD1  H N N 371 
TYR HD2  H N N 372 
TYR HE1  H N N 373 
TYR HE2  H N N 374 
TYR HH   H N N 375 
TYR HXT  H N N 376 
VAL N    N N N 377 
VAL CA   C N S 378 
VAL C    C N N 379 
VAL O    O N N 380 
VAL CB   C N N 381 
VAL CG1  C N N 382 
VAL CG2  C N N 383 
VAL OXT  O N N 384 
VAL H    H N N 385 
VAL H2   H N N 386 
VAL HA   H N N 387 
VAL HB   H N N 388 
VAL HG11 H N N 389 
VAL HG12 H N N 390 
VAL HG13 H N N 391 
VAL HG21 H N N 392 
VAL HG22 H N N 393 
VAL HG23 H N N 394 
VAL HXT  H N N 395 
# 
loop_
_chem_comp_bond.comp_id 
_chem_comp_bond.atom_id_1 
_chem_comp_bond.atom_id_2 
_chem_comp_bond.value_order 
_chem_comp_bond.pdbx_aromatic_flag 
_chem_comp_bond.pdbx_stereo_config 
_chem_comp_bond.pdbx_ordinal 
ALA N   CA   sing N N 1   
ALA N   H    sing N N 2   
ALA N   H2   sing N N 3   
ALA CA  C    sing N N 4   
ALA CA  CB   sing N N 5   
ALA CA  HA   sing N N 6   
ALA C   O    doub N N 7   
ALA C   OXT  sing N N 8   
ALA CB  HB1  sing N N 9   
ALA CB  HB2  sing N N 10  
ALA CB  HB3  sing N N 11  
ALA OXT HXT  sing N N 12  
ARG N   CA   sing N N 13  
ARG N   H    sing N N 14  
ARG N   H2   sing N N 15  
ARG CA  C    sing N N 16  
ARG CA  CB   sing N N 17  
ARG CA  HA   sing N N 18  
ARG C   O    doub N N 19  
ARG C   OXT  sing N N 20  
ARG CB  CG   sing N N 21  
ARG CB  HB2  sing N N 22  
ARG CB  HB3  sing N N 23  
ARG CG  CD   sing N N 24  
ARG CG  HG2  sing N N 25  
ARG CG  HG3  sing N N 26  
ARG CD  NE   sing N N 27  
ARG CD  HD2  sing N N 28  
ARG CD  HD3  sing N N 29  
ARG NE  CZ   sing N N 30  
ARG NE  HE   sing N N 31  
ARG CZ  NH1  sing N N 32  
ARG CZ  NH2  doub N N 33  
ARG NH1 HH11 sing N N 34  
ARG NH1 HH12 sing N N 35  
ARG NH2 HH21 sing N N 36  
ARG NH2 HH22 sing N N 37  
ARG OXT HXT  sing N N 38  
ASN N   CA   sing N N 39  
ASN N   H    sing N N 40  
ASN N   H2   sing N N 41  
ASN CA  C    sing N N 42  
ASN CA  CB   sing N N 43  
ASN CA  HA   sing N N 44  
ASN C   O    doub N N 45  
ASN C   OXT  sing N N 46  
ASN CB  CG   sing N N 47  
ASN CB  HB2  sing N N 48  
ASN CB  HB3  sing N N 49  
ASN CG  OD1  doub N N 50  
ASN CG  ND2  sing N N 51  
ASN ND2 HD21 sing N N 52  
ASN ND2 HD22 sing N N 53  
ASN OXT HXT  sing N N 54  
ASP N   CA   sing N N 55  
ASP N   H    sing N N 56  
ASP N   H2   sing N N 57  
ASP CA  C    sing N N 58  
ASP CA  CB   sing N N 59  
ASP CA  HA   sing N N 60  
ASP C   O    doub N N 61  
ASP C   OXT  sing N N 62  
ASP CB  CG   sing N N 63  
ASP CB  HB2  sing N N 64  
ASP CB  HB3  sing N N 65  
ASP CG  OD1  doub N N 66  
ASP CG  OD2  sing N N 67  
ASP OD2 HD2  sing N N 68  
ASP OXT HXT  sing N N 69  
CYS N   CA   sing N N 70  
CYS N   H    sing N N 71  
CYS N   H2   sing N N 72  
CYS CA  C    sing N N 73  
CYS CA  CB   sing N N 74  
CYS CA  HA   sing N N 75  
CYS C   O    doub N N 76  
CYS C   OXT  sing N N 77  
CYS CB  SG   sing N N 78  
CYS CB  HB2  sing N N 79  
CYS CB  HB3  sing N N 80  
CYS SG  HG   sing N N 81  
CYS OXT HXT  sing N N 82  
GLN N   CA   sing N N 83  
GLN N   H    sing N N 84  
GLN N   H2   sing N N 85  
GLN CA  C    sing N N 86  
GLN CA  CB   sing N N 87  
GLN CA  HA   sing N N 88  
GLN C   O    doub N N 89  
GLN C   OXT  sing N N 90  
GLN CB  CG   sing N N 91  
GLN CB  HB2  sing N N 92  
GLN CB  HB3  sing N N 93  
GLN CG  CD   sing N N 94  
GLN CG  HG2  sing N N 95  
GLN CG  HG3  sing N N 96  
GLN CD  OE1  doub N N 97  
GLN CD  NE2  sing N N 98  
GLN NE2 HE21 sing N N 99  
GLN NE2 HE22 sing N N 100 
GLN OXT HXT  sing N N 101 
GLU N   CA   sing N N 102 
GLU N   H    sing N N 103 
GLU N   H2   sing N N 104 
GLU CA  C    sing N N 105 
GLU CA  CB   sing N N 106 
GLU CA  HA   sing N N 107 
GLU C   O    doub N N 108 
GLU C   OXT  sing N N 109 
GLU CB  CG   sing N N 110 
GLU CB  HB2  sing N N 111 
GLU CB  HB3  sing N N 112 
GLU CG  CD   sing N N 113 
GLU CG  HG2  sing N N 114 
GLU CG  HG3  sing N N 115 
GLU CD  OE1  doub N N 116 
GLU CD  OE2  sing N N 117 
GLU OE2 HE2  sing N N 118 
GLU OXT HXT  sing N N 119 
GLY N   CA   sing N N 120 
GLY N   H    sing N N 121 
GLY N   H2   sing N N 122 
GLY CA  C    sing N N 123 
GLY CA  HA2  sing N N 124 
GLY CA  HA3  sing N N 125 
GLY C   O    doub N N 126 
GLY C   OXT  sing N N 127 
GLY OXT HXT  sing N N 128 
HIS N   CA   sing N N 129 
HIS N   H    sing N N 130 
HIS N   H2   sing N N 131 
HIS CA  C    sing N N 132 
HIS CA  CB   sing N N 133 
HIS CA  HA   sing N N 134 
HIS C   O    doub N N 135 
HIS C   OXT  sing N N 136 
HIS CB  CG   sing N N 137 
HIS CB  HB2  sing N N 138 
HIS CB  HB3  sing N N 139 
HIS CG  ND1  sing Y N 140 
HIS CG  CD2  doub Y N 141 
HIS ND1 CE1  doub Y N 142 
HIS ND1 HD1  sing N N 143 
HIS CD2 NE2  sing Y N 144 
HIS CD2 HD2  sing N N 145 
HIS CE1 NE2  sing Y N 146 
HIS CE1 HE1  sing N N 147 
HIS NE2 HE2  sing N N 148 
HIS OXT HXT  sing N N 149 
HOH O   H1   sing N N 150 
HOH O   H2   sing N N 151 
ILE N   CA   sing N N 152 
ILE N   H    sing N N 153 
ILE N   H2   sing N N 154 
ILE CA  C    sing N N 155 
ILE CA  CB   sing N N 156 
ILE CA  HA   sing N N 157 
ILE C   O    doub N N 158 
ILE C   OXT  sing N N 159 
ILE CB  CG1  sing N N 160 
ILE CB  CG2  sing N N 161 
ILE CB  HB   sing N N 162 
ILE CG1 CD1  sing N N 163 
ILE CG1 HG12 sing N N 164 
ILE CG1 HG13 sing N N 165 
ILE CG2 HG21 sing N N 166 
ILE CG2 HG22 sing N N 167 
ILE CG2 HG23 sing N N 168 
ILE CD1 HD11 sing N N 169 
ILE CD1 HD12 sing N N 170 
ILE CD1 HD13 sing N N 171 
ILE OXT HXT  sing N N 172 
LEU N   CA   sing N N 173 
LEU N   H    sing N N 174 
LEU N   H2   sing N N 175 
LEU CA  C    sing N N 176 
LEU CA  CB   sing N N 177 
LEU CA  HA   sing N N 178 
LEU C   O    doub N N 179 
LEU C   OXT  sing N N 180 
LEU CB  CG   sing N N 181 
LEU CB  HB2  sing N N 182 
LEU CB  HB3  sing N N 183 
LEU CG  CD1  sing N N 184 
LEU CG  CD2  sing N N 185 
LEU CG  HG   sing N N 186 
LEU CD1 HD11 sing N N 187 
LEU CD1 HD12 sing N N 188 
LEU CD1 HD13 sing N N 189 
LEU CD2 HD21 sing N N 190 
LEU CD2 HD22 sing N N 191 
LEU CD2 HD23 sing N N 192 
LEU OXT HXT  sing N N 193 
LYS N   CA   sing N N 194 
LYS N   H    sing N N 195 
LYS N   H2   sing N N 196 
LYS CA  C    sing N N 197 
LYS CA  CB   sing N N 198 
LYS CA  HA   sing N N 199 
LYS C   O    doub N N 200 
LYS C   OXT  sing N N 201 
LYS CB  CG   sing N N 202 
LYS CB  HB2  sing N N 203 
LYS CB  HB3  sing N N 204 
LYS CG  CD   sing N N 205 
LYS CG  HG2  sing N N 206 
LYS CG  HG3  sing N N 207 
LYS CD  CE   sing N N 208 
LYS CD  HD2  sing N N 209 
LYS CD  HD3  sing N N 210 
LYS CE  NZ   sing N N 211 
LYS CE  HE2  sing N N 212 
LYS CE  HE3  sing N N 213 
LYS NZ  HZ1  sing N N 214 
LYS NZ  HZ2  sing N N 215 
LYS NZ  HZ3  sing N N 216 
LYS OXT HXT  sing N N 217 
MET N   CA   sing N N 218 
MET N   H    sing N N 219 
MET N   H2   sing N N 220 
MET CA  C    sing N N 221 
MET CA  CB   sing N N 222 
MET CA  HA   sing N N 223 
MET C   O    doub N N 224 
MET C   OXT  sing N N 225 
MET CB  CG   sing N N 226 
MET CB  HB2  sing N N 227 
MET CB  HB3  sing N N 228 
MET CG  SD   sing N N 229 
MET CG  HG2  sing N N 230 
MET CG  HG3  sing N N 231 
MET SD  CE   sing N N 232 
MET CE  HE1  sing N N 233 
MET CE  HE2  sing N N 234 
MET CE  HE3  sing N N 235 
MET OXT HXT  sing N N 236 
PHE N   CA   sing N N 237 
PHE N   H    sing N N 238 
PHE N   H2   sing N N 239 
PHE CA  C    sing N N 240 
PHE CA  CB   sing N N 241 
PHE CA  HA   sing N N 242 
PHE C   O    doub N N 243 
PHE C   OXT  sing N N 244 
PHE CB  CG   sing N N 245 
PHE CB  HB2  sing N N 246 
PHE CB  HB3  sing N N 247 
PHE CG  CD1  doub Y N 248 
PHE CG  CD2  sing Y N 249 
PHE CD1 CE1  sing Y N 250 
PHE CD1 HD1  sing N N 251 
PHE CD2 CE2  doub Y N 252 
PHE CD2 HD2  sing N N 253 
PHE CE1 CZ   doub Y N 254 
PHE CE1 HE1  sing N N 255 
PHE CE2 CZ   sing Y N 256 
PHE CE2 HE2  sing N N 257 
PHE CZ  HZ   sing N N 258 
PHE OXT HXT  sing N N 259 
PRO N   CA   sing N N 260 
PRO N   CD   sing N N 261 
PRO N   H    sing N N 262 
PRO CA  C    sing N N 263 
PRO CA  CB   sing N N 264 
PRO CA  HA   sing N N 265 
PRO C   O    doub N N 266 
PRO C   OXT  sing N N 267 
PRO CB  CG   sing N N 268 
PRO CB  HB2  sing N N 269 
PRO CB  HB3  sing N N 270 
PRO CG  CD   sing N N 271 
PRO CG  HG2  sing N N 272 
PRO CG  HG3  sing N N 273 
PRO CD  HD2  sing N N 274 
PRO CD  HD3  sing N N 275 
PRO OXT HXT  sing N N 276 
SER N   CA   sing N N 277 
SER N   H    sing N N 278 
SER N   H2   sing N N 279 
SER CA  C    sing N N 280 
SER CA  CB   sing N N 281 
SER CA  HA   sing N N 282 
SER C   O    doub N N 283 
SER C   OXT  sing N N 284 
SER CB  OG   sing N N 285 
SER CB  HB2  sing N N 286 
SER CB  HB3  sing N N 287 
SER OG  HG   sing N N 288 
SER OXT HXT  sing N N 289 
SO4 S   O1   doub N N 290 
SO4 S   O2   doub N N 291 
SO4 S   O3   sing N N 292 
SO4 S   O4   sing N N 293 
THR N   CA   sing N N 294 
THR N   H    sing N N 295 
THR N   H2   sing N N 296 
THR CA  C    sing N N 297 
THR CA  CB   sing N N 298 
THR CA  HA   sing N N 299 
THR C   O    doub N N 300 
THR C   OXT  sing N N 301 
THR CB  OG1  sing N N 302 
THR CB  CG2  sing N N 303 
THR CB  HB   sing N N 304 
THR OG1 HG1  sing N N 305 
THR CG2 HG21 sing N N 306 
THR CG2 HG22 sing N N 307 
THR CG2 HG23 sing N N 308 
THR OXT HXT  sing N N 309 
TRP N   CA   sing N N 310 
TRP N   H    sing N N 311 
TRP N   H2   sing N N 312 
TRP CA  C    sing N N 313 
TRP CA  CB   sing N N 314 
TRP CA  HA   sing N N 315 
TRP C   O    doub N N 316 
TRP C   OXT  sing N N 317 
TRP CB  CG   sing N N 318 
TRP CB  HB2  sing N N 319 
TRP CB  HB3  sing N N 320 
TRP CG  CD1  doub Y N 321 
TRP CG  CD2  sing Y N 322 
TRP CD1 NE1  sing Y N 323 
TRP CD1 HD1  sing N N 324 
TRP CD2 CE2  doub Y N 325 
TRP CD2 CE3  sing Y N 326 
TRP NE1 CE2  sing Y N 327 
TRP NE1 HE1  sing N N 328 
TRP CE2 CZ2  sing Y N 329 
TRP CE3 CZ3  doub Y N 330 
TRP CE3 HE3  sing N N 331 
TRP CZ2 CH2  doub Y N 332 
TRP CZ2 HZ2  sing N N 333 
TRP CZ3 CH2  sing Y N 334 
TRP CZ3 HZ3  sing N N 335 
TRP CH2 HH2  sing N N 336 
TRP OXT HXT  sing N N 337 
TYR N   CA   sing N N 338 
TYR N   H    sing N N 339 
TYR N   H2   sing N N 340 
TYR CA  C    sing N N 341 
TYR CA  CB   sing N N 342 
TYR CA  HA   sing N N 343 
TYR C   O    doub N N 344 
TYR C   OXT  sing N N 345 
TYR CB  CG   sing N N 346 
TYR CB  HB2  sing N N 347 
TYR CB  HB3  sing N N 348 
TYR CG  CD1  doub Y N 349 
TYR CG  CD2  sing Y N 350 
TYR CD1 CE1  sing Y N 351 
TYR CD1 HD1  sing N N 352 
TYR CD2 CE2  doub Y N 353 
TYR CD2 HD2  sing N N 354 
TYR CE1 CZ   doub Y N 355 
TYR CE1 HE1  sing N N 356 
TYR CE2 CZ   sing Y N 357 
TYR CE2 HE2  sing N N 358 
TYR CZ  OH   sing N N 359 
TYR OH  HH   sing N N 360 
TYR OXT HXT  sing N N 361 
VAL N   CA   sing N N 362 
VAL N   H    sing N N 363 
VAL N   H2   sing N N 364 
VAL CA  C    sing N N 365 
VAL CA  CB   sing N N 366 
VAL CA  HA   sing N N 367 
VAL C   O    doub N N 368 
VAL C   OXT  sing N N 369 
VAL CB  CG1  sing N N 370 
VAL CB  CG2  sing N N 371 
VAL CB  HB   sing N N 372 
VAL CG1 HG11 sing N N 373 
VAL CG1 HG12 sing N N 374 
VAL CG1 HG13 sing N N 375 
VAL CG2 HG21 sing N N 376 
VAL CG2 HG22 sing N N 377 
VAL CG2 HG23 sing N N 378 
VAL OXT HXT  sing N N 379 
# 
loop_
_pdbx_entity_nonpoly.entity_id 
_pdbx_entity_nonpoly.name 
_pdbx_entity_nonpoly.comp_id 
3 'SULFATE ION' SO4 
4 water         HOH 
# 
_pdbx_initial_refinement_model.id               1 
_pdbx_initial_refinement_model.entity_id_list   ? 
_pdbx_initial_refinement_model.type             'experimental model' 
_pdbx_initial_refinement_model.source_name      PDB 
_pdbx_initial_refinement_model.accession_code   3DAB 
_pdbx_initial_refinement_model.details          'pdb entry 3DAB' 
# 
